data_5XAH
#
_entry.id   5XAH
#
_cell.length_a   64.920
_cell.length_b   110.769
_cell.length_c   126.820
_cell.angle_alpha   90.00
_cell.angle_beta   106.50
_cell.angle_gamma   90.00
#
_symmetry.space_group_name_H-M   'P 1 21 1'
#
_entity_poly.entity_id   1
_entity_poly.type   'polypeptide(L)'
_entity_poly.pdbx_seq_one_letter_code
;GSAFFDEKEDTCAAVGEISVNTSVAFLPY(MSE)ESVFEEVFKLLECPHLNVRKAAHEALGQFCCALHKACQSCPSEPNT
AALQAALARVVPSY(MSE)QAVNRERERQVV(MSE)AVLEALTGVLRSCGTLTLKPPGRLAELCGVLKAVLQRKTACQDT
DEEEEEEDDDQAEYDA(MSE)LLEHAGEAIPALAAAAGGDSFAPFFAGFLPLLVCKTKQGCTVAEKSFAVGTLAETIQGL
GAASAQFVSRLLPVLLSTAQEADPEVRSNAIFG(MSE)GVLAEHGGHPAQEHFPKLLGLLFPLLARERHDRVRDNICGAL
ARLL(MSE)ASPTRKPEPQVLAALLHALPLKEDLEEWVTIGRLFSFLYQSSPDQVIDVAPELLRICSLILADNKIPPDTK
AALLLLLTFLAKQHTDSFQAALGSLPVDKAQELQAVLGLS
;
_entity_poly.pdbx_strand_id   A,B,C,D
#
# COMPACT_ATOMS: atom_id res chain seq x y z
N LEU A 27 -6.07 -54.30 28.84
CA LEU A 27 -6.17 -53.89 27.44
C LEU A 27 -7.42 -54.42 26.72
N PRO A 28 -7.79 -55.70 26.90
CA PRO A 28 -9.04 -56.17 26.30
C PRO A 28 -10.28 -55.46 26.86
N TYR A 29 -10.15 -54.83 28.03
CA TYR A 29 -11.25 -54.04 28.57
C TYR A 29 -11.27 -52.64 27.97
N MSE A 30 -10.09 -52.10 27.66
CA MSE A 30 -9.95 -50.71 27.20
C MSE A 30 -10.49 -50.52 25.78
O MSE A 30 -11.09 -49.48 25.48
CB MSE A 30 -8.47 -50.31 27.25
CG MSE A 30 -8.19 -48.89 26.79
SE MSE A 30 -7.60 -47.77 28.26
CE MSE A 30 -5.97 -48.73 28.72
N GLU A 31 -10.27 -51.50 24.91
CA GLU A 31 -10.73 -51.40 23.53
C GLU A 31 -12.25 -51.31 23.47
N SER A 32 -12.95 -52.02 24.35
CA SER A 32 -14.39 -51.88 24.44
C SER A 32 -14.78 -50.47 24.89
N VAL A 33 -13.93 -49.82 25.69
CA VAL A 33 -14.21 -48.47 26.15
C VAL A 33 -14.03 -47.45 25.03
N PHE A 34 -12.93 -47.56 24.27
CA PHE A 34 -12.80 -46.75 23.06
C PHE A 34 -13.98 -46.96 22.13
N GLU A 35 -14.32 -48.23 21.88
CA GLU A 35 -15.35 -48.55 20.90
C GLU A 35 -16.72 -48.02 21.33
N GLU A 36 -17.03 -48.09 22.63
CA GLU A 36 -18.34 -47.64 23.09
C GLU A 36 -18.39 -46.12 23.24
N VAL A 37 -17.33 -45.50 23.76
CA VAL A 37 -17.34 -44.05 23.93
C VAL A 37 -17.36 -43.36 22.57
N PHE A 38 -16.70 -43.94 21.56
CA PHE A 38 -16.68 -43.32 20.24
C PHE A 38 -18.08 -43.17 19.66
N LYS A 39 -19.00 -44.09 19.99
CA LYS A 39 -20.36 -44.04 19.47
C LYS A 39 -21.13 -42.81 19.93
N LEU A 40 -20.61 -42.07 20.92
CA LEU A 40 -21.32 -40.93 21.48
C LEU A 40 -21.15 -39.65 20.67
N LEU A 41 -20.44 -39.71 19.54
CA LEU A 41 -20.23 -38.53 18.70
C LEU A 41 -21.29 -38.38 17.62
N GLU A 42 -21.91 -39.48 17.20
CA GLU A 42 -23.07 -39.39 16.31
C GLU A 42 -24.32 -38.92 17.03
N CYS A 43 -24.22 -38.60 18.32
CA CYS A 43 -25.31 -38.14 19.17
C CYS A 43 -25.60 -36.66 18.93
N PRO A 44 -26.88 -36.26 19.03
CA PRO A 44 -27.22 -34.85 18.81
C PRO A 44 -27.01 -33.94 20.01
N HIS A 45 -26.74 -34.49 21.20
CA HIS A 45 -26.63 -33.68 22.39
C HIS A 45 -25.21 -33.15 22.56
N LEU A 46 -25.10 -31.86 22.86
CA LEU A 46 -23.85 -31.11 22.99
C LEU A 46 -22.89 -31.77 23.98
N ASN A 47 -23.24 -31.71 25.26
CA ASN A 47 -22.35 -32.14 26.32
C ASN A 47 -22.00 -33.61 26.24
N VAL A 48 -22.78 -34.40 25.50
CA VAL A 48 -22.45 -35.81 25.31
C VAL A 48 -21.27 -35.95 24.36
N ARG A 49 -21.31 -35.25 23.22
CA ARG A 49 -20.14 -35.15 22.37
C ARG A 49 -18.95 -34.58 23.14
N LYS A 50 -19.21 -33.59 24.00
CA LYS A 50 -18.19 -32.99 24.84
C LYS A 50 -17.46 -34.03 25.69
N ALA A 51 -18.16 -34.58 26.69
CA ALA A 51 -17.59 -35.62 27.54
C ALA A 51 -17.06 -36.80 26.75
N ALA A 52 -17.56 -37.01 25.52
CA ALA A 52 -16.99 -38.04 24.66
C ALA A 52 -15.57 -37.68 24.25
N HIS A 53 -15.36 -36.51 23.67
CA HIS A 53 -14.01 -36.09 23.28
C HIS A 53 -13.08 -36.05 24.49
N GLU A 54 -13.55 -35.46 25.59
CA GLU A 54 -12.79 -35.47 26.84
C GLU A 54 -12.35 -36.89 27.19
N ALA A 55 -13.32 -37.80 27.29
CA ALA A 55 -13.03 -39.18 27.71
C ALA A 55 -12.02 -39.84 26.77
N LEU A 56 -12.19 -39.68 25.46
CA LEU A 56 -11.25 -40.29 24.52
C LEU A 56 -9.83 -39.76 24.73
N GLY A 57 -9.68 -38.45 24.92
CA GLY A 57 -8.36 -37.91 25.21
C GLY A 57 -7.75 -38.50 26.46
N GLN A 58 -8.51 -38.49 27.55
CA GLN A 58 -8.01 -39.02 28.82
C GLN A 58 -7.65 -40.49 28.71
N PHE A 59 -8.39 -41.25 27.89
CA PHE A 59 -8.11 -42.67 27.75
C PHE A 59 -6.90 -42.93 26.88
N CYS A 60 -6.62 -42.05 25.90
CA CYS A 60 -5.38 -42.17 25.16
C CYS A 60 -4.18 -41.83 26.04
N CYS A 61 -4.29 -40.78 26.85
CA CYS A 61 -3.21 -40.45 27.78
C CYS A 61 -2.96 -41.58 28.77
N ALA A 62 -4.02 -42.11 29.37
CA ALA A 62 -3.89 -43.24 30.28
C ALA A 62 -3.25 -44.44 29.58
N LEU A 63 -3.74 -44.78 28.38
CA LEU A 63 -3.19 -45.90 27.63
C LEU A 63 -1.71 -45.71 27.37
N HIS A 64 -1.28 -44.49 27.07
CA HIS A 64 0.15 -44.21 26.89
C HIS A 64 0.91 -44.48 28.19
N LYS A 65 0.51 -43.81 29.28
CA LYS A 65 1.16 -44.03 30.57
C LYS A 65 1.23 -45.51 30.91
N ALA A 66 0.25 -46.31 30.48
CA ALA A 66 0.32 -47.75 30.67
C ALA A 66 1.40 -48.37 29.80
N CYS A 67 1.46 -47.96 28.52
CA CYS A 67 2.48 -48.49 27.62
C CYS A 67 3.89 -48.14 28.08
N GLN A 68 4.02 -47.18 28.99
CA GLN A 68 5.33 -46.84 29.53
C GLN A 68 5.76 -47.67 30.72
N SER A 69 4.85 -48.41 31.37
CA SER A 69 5.24 -49.25 32.50
C SER A 69 5.83 -50.57 32.02
N CYS A 70 5.27 -51.13 30.95
CA CYS A 70 5.80 -52.34 30.32
C CYS A 70 5.72 -52.16 28.82
N PRO A 71 6.79 -51.67 28.19
CA PRO A 71 6.74 -51.36 26.75
C PRO A 71 6.53 -52.58 25.88
N SER A 72 5.40 -53.26 26.07
CA SER A 72 5.03 -54.38 25.20
C SER A 72 4.71 -53.84 23.81
N GLU A 73 5.42 -54.33 22.80
CA GLU A 73 5.21 -53.83 21.44
C GLU A 73 3.75 -53.90 20.99
N PRO A 74 2.94 -54.92 21.34
CA PRO A 74 1.50 -54.81 21.06
C PRO A 74 0.81 -53.69 21.82
N ASN A 75 1.35 -53.22 22.94
CA ASN A 75 0.72 -52.14 23.67
C ASN A 75 0.95 -50.80 22.96
N THR A 76 2.20 -50.53 22.56
CA THR A 76 2.47 -49.33 21.77
C THR A 76 1.72 -49.40 20.44
N ALA A 77 1.62 -50.60 19.86
CA ALA A 77 0.85 -50.77 18.64
C ALA A 77 -0.62 -50.40 18.85
N ALA A 78 -1.22 -50.92 19.94
CA ALA A 78 -2.62 -50.61 20.21
C ALA A 78 -2.81 -49.12 20.49
N LEU A 79 -1.86 -48.51 21.20
CA LEU A 79 -1.94 -47.08 21.48
C LEU A 79 -1.95 -46.28 20.19
N GLN A 80 -1.03 -46.58 19.28
CA GLN A 80 -1.02 -45.85 18.01
C GLN A 80 -2.30 -46.11 17.23
N ALA A 81 -2.84 -47.33 17.29
CA ALA A 81 -4.14 -47.60 16.69
C ALA A 81 -5.22 -46.70 17.27
N ALA A 82 -5.11 -46.36 18.57
CA ALA A 82 -6.11 -45.47 19.18
C ALA A 82 -5.89 -44.02 18.74
N LEU A 83 -4.64 -43.55 18.78
CA LEU A 83 -4.36 -42.17 18.39
C LEU A 83 -4.79 -41.90 16.97
N ALA A 84 -4.52 -42.85 16.05
CA ALA A 84 -4.83 -42.67 14.64
C ALA A 84 -6.32 -42.47 14.38
N ARG A 85 -7.18 -42.78 15.34
CA ARG A 85 -8.62 -42.50 15.20
C ARG A 85 -9.10 -41.38 16.09
N VAL A 86 -8.48 -41.16 17.25
CA VAL A 86 -8.95 -40.12 18.16
C VAL A 86 -8.50 -38.74 17.70
N VAL A 87 -7.28 -38.62 17.19
CA VAL A 87 -6.76 -37.32 16.79
C VAL A 87 -7.48 -36.80 15.55
N PRO A 88 -7.58 -37.58 14.45
CA PRO A 88 -8.36 -37.10 13.30
C PRO A 88 -9.82 -36.84 13.61
N SER A 89 -10.36 -37.47 14.66
CA SER A 89 -11.70 -37.12 15.11
C SER A 89 -11.73 -35.72 15.71
N TYR A 90 -10.70 -35.37 16.48
CA TYR A 90 -10.57 -34.01 16.98
C TYR A 90 -10.47 -33.00 15.84
N MSE A 91 -9.55 -33.25 14.91
CA MSE A 91 -9.34 -32.39 13.76
C MSE A 91 -10.63 -32.18 12.99
O MSE A 91 -11.02 -31.05 12.69
CB MSE A 91 -8.27 -32.97 12.83
CG MSE A 91 -7.00 -33.38 13.54
SE MSE A 91 -5.44 -33.39 12.37
CE MSE A 91 -5.77 -35.10 11.49
N GLN A 92 -11.29 -33.30 12.69
CA GLN A 92 -12.61 -33.25 12.06
C GLN A 92 -13.59 -32.42 12.89
N ALA A 93 -13.48 -32.49 14.21
CA ALA A 93 -14.44 -31.82 15.08
C ALA A 93 -14.26 -30.31 15.12
N VAL A 94 -13.03 -29.82 15.01
CA VAL A 94 -12.81 -28.39 15.22
C VAL A 94 -13.41 -27.57 14.09
N ASN A 95 -13.11 -27.93 12.83
CA ASN A 95 -13.58 -27.15 11.69
C ASN A 95 -14.86 -27.70 11.08
N ARG A 96 -15.66 -28.44 11.85
CA ARG A 96 -16.97 -28.89 11.37
C ARG A 96 -18.04 -28.72 12.45
N GLU A 97 -17.73 -29.12 13.69
CA GLU A 97 -18.70 -28.99 14.78
C GLU A 97 -19.10 -27.54 14.96
N ARG A 98 -20.41 -27.31 15.10
CA ARG A 98 -20.97 -25.96 15.16
C ARG A 98 -21.16 -25.46 16.58
N GLU A 99 -20.95 -26.30 17.60
CA GLU A 99 -21.14 -25.91 18.98
C GLU A 99 -19.77 -25.57 19.58
N ARG A 100 -19.54 -24.28 19.84
CA ARG A 100 -18.23 -23.82 20.26
C ARG A 100 -17.73 -24.54 21.49
N GLN A 101 -18.63 -24.84 22.44
CA GLN A 101 -18.24 -25.53 23.66
C GLN A 101 -17.56 -26.87 23.34
N VAL A 102 -18.13 -27.62 22.40
CA VAL A 102 -17.56 -28.91 22.02
C VAL A 102 -16.17 -28.71 21.43
N VAL A 103 -16.00 -27.69 20.60
CA VAL A 103 -14.68 -27.41 20.02
C VAL A 103 -13.68 -27.06 21.12
N MSE A 104 -14.10 -26.29 22.12
CA MSE A 104 -13.26 -25.98 23.27
C MSE A 104 -12.79 -27.24 23.98
O MSE A 104 -11.57 -27.42 24.21
CB MSE A 104 -14.03 -25.10 24.26
CG MSE A 104 -14.41 -23.73 23.71
SE MSE A 104 -15.45 -22.71 25.01
CE MSE A 104 -14.36 -23.06 26.58
N ALA A 105 -13.73 -28.11 24.33
CA ALA A 105 -13.39 -29.40 24.91
C ALA A 105 -12.40 -30.15 24.05
N VAL A 106 -12.58 -30.10 22.73
CA VAL A 106 -11.65 -30.76 21.82
C VAL A 106 -10.26 -30.15 21.92
N LEU A 107 -10.18 -28.83 22.01
CA LEU A 107 -8.86 -28.19 22.09
C LEU A 107 -8.14 -28.58 23.38
N GLU A 108 -8.88 -28.63 24.50
CA GLU A 108 -8.29 -29.11 25.74
C GLU A 108 -7.79 -30.55 25.59
N ALA A 109 -8.62 -31.43 25.02
CA ALA A 109 -8.24 -32.83 24.90
C ALA A 109 -7.02 -33.00 24.00
N LEU A 110 -7.04 -32.37 22.83
CA LEU A 110 -5.91 -32.44 21.90
C LEU A 110 -4.64 -31.90 22.54
N THR A 111 -4.75 -30.85 23.36
CA THR A 111 -3.59 -30.38 24.11
C THR A 111 -3.09 -31.45 25.07
N GLY A 112 -4.01 -32.11 25.78
CA GLY A 112 -3.61 -33.16 26.70
C GLY A 112 -2.89 -34.30 26.02
N VAL A 113 -3.36 -34.69 24.83
CA VAL A 113 -2.68 -35.72 24.06
C VAL A 113 -1.31 -35.25 23.61
N LEU A 114 -1.26 -34.06 23.00
CA LEU A 114 0.01 -33.49 22.57
C LEU A 114 1.01 -33.34 23.71
N ARG A 115 0.52 -33.23 24.95
CA ARG A 115 1.40 -33.17 26.12
C ARG A 115 1.86 -34.57 26.54
N SER A 116 0.94 -35.54 26.58
CA SER A 116 1.29 -36.89 27.01
C SER A 116 2.03 -37.65 25.92
N CYS A 117 1.42 -37.82 24.75
CA CYS A 117 1.99 -38.68 23.74
C CYS A 117 3.09 -37.99 22.94
N GLY A 118 2.92 -36.71 22.65
CA GLY A 118 3.94 -35.96 21.93
C GLY A 118 4.22 -36.53 20.55
N THR A 119 5.48 -36.97 20.36
CA THR A 119 5.99 -37.48 19.09
C THR A 119 5.04 -38.48 18.45
N LEU A 120 4.45 -39.37 19.26
CA LEU A 120 3.64 -40.46 18.72
C LEU A 120 2.43 -39.94 17.94
N THR A 121 1.95 -38.74 18.29
CA THR A 121 0.81 -38.17 17.58
C THR A 121 1.21 -37.54 16.24
N LEU A 122 2.48 -37.20 16.06
CA LEU A 122 2.93 -36.45 14.90
C LEU A 122 3.64 -37.32 13.86
N LYS A 123 3.78 -38.61 14.10
CA LYS A 123 4.47 -39.49 13.16
C LYS A 123 3.86 -39.47 11.75
N PRO A 124 2.55 -39.67 11.57
CA PRO A 124 2.01 -39.77 10.20
C PRO A 124 2.27 -38.48 9.42
N PRO A 125 2.96 -38.57 8.30
CA PRO A 125 3.43 -37.36 7.60
C PRO A 125 2.29 -36.40 7.28
N GLY A 126 2.47 -35.14 7.68
CA GLY A 126 1.47 -34.12 7.49
C GLY A 126 0.58 -33.86 8.69
N ARG A 127 0.62 -34.74 9.70
CA ARG A 127 -0.21 -34.53 10.89
C ARG A 127 0.14 -33.22 11.58
N LEU A 128 1.43 -32.87 11.62
CA LEU A 128 1.83 -31.59 12.20
C LEU A 128 1.27 -30.43 11.39
N ALA A 129 1.47 -30.44 10.07
CA ALA A 129 0.96 -29.36 9.23
C ALA A 129 -0.55 -29.22 9.37
N GLU A 130 -1.26 -30.35 9.44
CA GLU A 130 -2.71 -30.27 9.59
C GLU A 130 -3.10 -29.68 10.95
N LEU A 131 -2.56 -30.24 12.04
CA LEU A 131 -2.86 -29.71 13.37
C LEU A 131 -2.60 -28.21 13.44
N CYS A 132 -1.48 -27.77 12.87
CA CYS A 132 -1.19 -26.34 12.81
C CYS A 132 -2.24 -25.60 11.99
N GLY A 133 -2.72 -26.20 10.91
CA GLY A 133 -3.79 -25.58 10.13
C GLY A 133 -5.06 -25.40 10.93
N VAL A 134 -5.44 -26.39 11.72
CA VAL A 134 -6.66 -26.30 12.52
C VAL A 134 -6.49 -25.27 13.62
N LEU A 135 -5.34 -25.25 14.29
CA LEU A 135 -5.07 -24.25 15.31
C LEU A 135 -5.14 -22.85 14.72
N LYS A 136 -4.47 -22.64 13.59
CA LYS A 136 -4.59 -21.39 12.84
C LYS A 136 -6.05 -21.04 12.59
N ALA A 137 -6.84 -22.03 12.15
CA ALA A 137 -8.24 -21.78 11.85
C ALA A 137 -8.97 -21.21 13.06
N VAL A 138 -8.78 -21.81 14.24
CA VAL A 138 -9.43 -21.26 15.43
C VAL A 138 -8.91 -19.87 15.73
N LEU A 139 -7.61 -19.64 15.58
CA LEU A 139 -7.02 -18.39 16.03
C LEU A 139 -7.59 -17.18 15.29
N GLN A 140 -7.63 -17.24 13.96
CA GLN A 140 -8.19 -16.14 13.18
C GLN A 140 -9.66 -16.36 12.82
N ARG A 141 -10.37 -17.18 13.59
CA ARG A 141 -11.83 -17.30 13.52
C ARG A 141 -12.32 -17.77 12.16
N LYS A 142 -11.53 -18.59 11.46
CA LYS A 142 -11.92 -19.13 10.16
C LYS A 142 -12.38 -20.58 10.26
N THR A 143 -13.06 -20.93 11.35
CA THR A 143 -13.52 -22.30 11.57
C THR A 143 -15.04 -22.36 11.43
N ALA A 144 -15.56 -23.59 11.41
CA ALA A 144 -16.99 -23.80 11.20
C ALA A 144 -17.82 -23.25 12.36
N CYS A 145 -17.39 -23.53 13.61
CA CYS A 145 -18.16 -23.05 14.77
C CYS A 145 -18.05 -21.54 14.97
N GLN A 146 -17.51 -20.80 14.01
CA GLN A 146 -17.42 -19.35 14.08
C GLN A 146 -17.86 -18.73 12.76
N ALA A 160 -19.95 -14.49 23.79
CA ALA A 160 -18.66 -14.25 23.19
C ALA A 160 -17.52 -14.52 24.18
N GLU A 161 -17.88 -15.03 25.36
CA GLU A 161 -16.89 -15.55 26.28
C GLU A 161 -16.22 -16.79 25.70
N TYR A 162 -17.00 -17.60 24.98
CA TYR A 162 -16.50 -18.76 24.28
C TYR A 162 -15.51 -18.39 23.18
N ASP A 163 -15.45 -17.12 22.78
CA ASP A 163 -14.47 -16.69 21.80
C ASP A 163 -13.10 -16.49 22.46
N ALA A 164 -13.08 -15.70 23.54
CA ALA A 164 -11.84 -15.56 24.32
C ALA A 164 -11.33 -16.92 24.77
N MSE A 165 -12.24 -17.83 25.12
CA MSE A 165 -11.79 -19.15 25.55
C MSE A 165 -11.37 -20.07 24.40
O MSE A 165 -10.44 -20.86 24.57
CB MSE A 165 -12.88 -19.83 26.38
CG MSE A 165 -12.88 -19.36 27.83
SE MSE A 165 -11.07 -19.13 28.51
CE MSE A 165 -10.55 -21.01 28.63
N LEU A 166 -12.05 -19.99 23.26
CA LEU A 166 -11.60 -20.74 22.08
C LEU A 166 -10.19 -20.32 21.69
N LEU A 167 -9.95 -19.01 21.62
CA LEU A 167 -8.63 -18.51 21.26
C LEU A 167 -7.61 -18.84 22.34
N GLU A 168 -8.01 -18.79 23.61
CA GLU A 168 -7.09 -19.15 24.68
C GLU A 168 -6.76 -20.63 24.66
N HIS A 169 -7.65 -21.47 24.14
CA HIS A 169 -7.38 -22.90 24.11
C HIS A 169 -6.48 -23.26 22.93
N ALA A 170 -6.86 -22.82 21.73
CA ALA A 170 -5.96 -22.96 20.59
C ALA A 170 -4.58 -22.40 20.91
N GLY A 171 -4.55 -21.30 21.67
CA GLY A 171 -3.32 -20.77 22.20
C GLY A 171 -2.58 -21.75 23.08
N GLU A 172 -3.27 -22.31 24.09
CA GLU A 172 -2.65 -23.33 24.93
C GLU A 172 -2.07 -24.48 24.13
N ALA A 173 -2.57 -24.72 22.92
CA ALA A 173 -2.08 -25.86 22.13
C ALA A 173 -0.75 -25.60 21.42
N ILE A 174 -0.29 -24.36 21.33
CA ILE A 174 0.97 -24.07 20.62
C ILE A 174 2.17 -24.72 21.33
N PRO A 175 2.43 -24.46 22.62
CA PRO A 175 3.69 -24.93 23.19
C PRO A 175 3.77 -26.45 23.31
N ALA A 176 2.65 -27.13 23.55
CA ALA A 176 2.68 -28.59 23.58
C ALA A 176 2.97 -29.17 22.20
N LEU A 177 2.50 -28.50 21.14
CA LEU A 177 2.77 -28.96 19.78
C LEU A 177 4.20 -28.67 19.37
N ALA A 178 4.73 -27.51 19.76
CA ALA A 178 6.14 -27.20 19.55
C ALA A 178 7.02 -28.22 20.26
N ALA A 179 6.68 -28.54 21.50
CA ALA A 179 7.44 -29.55 22.24
C ALA A 179 7.33 -30.91 21.56
N ALA A 180 6.13 -31.27 21.08
CA ALA A 180 5.94 -32.58 20.48
C ALA A 180 6.73 -32.72 19.19
N ALA A 181 6.76 -31.66 18.38
CA ALA A 181 7.40 -31.71 17.06
C ALA A 181 8.90 -31.43 17.09
N GLY A 182 9.40 -30.72 18.09
CA GLY A 182 10.84 -30.55 18.24
C GLY A 182 11.40 -29.31 17.59
N GLY A 183 10.64 -28.21 17.62
CA GLY A 183 11.14 -26.91 17.23
C GLY A 183 11.53 -26.74 15.78
N ASP A 184 12.54 -27.50 15.31
CA ASP A 184 12.96 -27.40 13.92
C ASP A 184 11.81 -27.69 12.96
N SER A 185 10.98 -28.67 13.29
CA SER A 185 9.82 -28.98 12.47
C SER A 185 8.71 -27.96 12.64
N PHE A 186 8.63 -27.31 13.80
CA PHE A 186 7.52 -26.45 14.15
C PHE A 186 7.77 -24.96 13.89
N ALA A 187 9.04 -24.54 13.80
CA ALA A 187 9.36 -23.12 13.64
C ALA A 187 8.65 -22.43 12.49
N PRO A 188 8.59 -22.96 11.27
CA PRO A 188 7.92 -22.23 10.18
C PRO A 188 6.45 -21.96 10.43
N PHE A 189 5.81 -22.72 11.33
CA PHE A 189 4.45 -22.37 11.73
C PHE A 189 4.44 -21.34 12.85
N PHE A 190 5.35 -21.45 13.81
CA PHE A 190 5.43 -20.44 14.86
C PHE A 190 5.76 -19.07 14.31
N ALA A 191 6.35 -19.00 13.12
CA ALA A 191 6.49 -17.72 12.45
C ALA A 191 5.13 -17.06 12.25
N GLY A 192 4.14 -17.83 11.77
CA GLY A 192 2.81 -17.30 11.59
C GLY A 192 2.01 -17.19 12.87
N PHE A 193 2.29 -18.06 13.85
CA PHE A 193 1.59 -17.98 15.13
C PHE A 193 2.04 -16.77 15.93
N LEU A 194 3.30 -16.36 15.79
CA LEU A 194 3.87 -15.32 16.65
C LEU A 194 3.09 -14.01 16.61
N PRO A 195 2.74 -13.43 15.45
CA PRO A 195 2.02 -12.14 15.49
C PRO A 195 0.68 -12.23 16.21
N LEU A 196 -0.17 -13.20 15.82
CA LEU A 196 -1.46 -13.40 16.45
C LEU A 196 -1.36 -13.49 17.96
N LEU A 197 -0.26 -14.06 18.46
CA LEU A 197 -0.04 -14.25 19.89
C LEU A 197 0.60 -13.03 20.54
N VAL A 198 1.29 -12.19 19.78
CA VAL A 198 1.83 -10.95 20.30
C VAL A 198 0.77 -9.85 20.36
N CYS A 199 -0.30 -9.97 19.56
CA CYS A 199 -1.41 -9.03 19.67
C CYS A 199 -1.98 -8.99 21.07
N LYS A 200 -2.08 -10.14 21.72
CA LYS A 200 -2.59 -10.22 23.09
C LYS A 200 -1.59 -9.70 24.12
N THR A 201 -0.51 -9.08 23.66
CA THR A 201 0.53 -8.50 24.51
C THR A 201 0.53 -6.97 24.48
N LYS A 202 0.12 -6.38 23.36
CA LYS A 202 0.04 -4.92 23.22
C LYS A 202 -0.59 -4.27 24.44
N GLN A 203 -0.09 -3.09 24.79
CA GLN A 203 -0.64 -2.34 25.91
C GLN A 203 -2.14 -2.13 25.73
N GLY A 204 -2.89 -2.32 26.81
CA GLY A 204 -4.33 -2.20 26.75
C GLY A 204 -5.08 -3.49 26.56
N CYS A 205 -4.49 -4.62 26.93
CA CYS A 205 -5.20 -5.88 27.02
C CYS A 205 -5.36 -6.32 28.46
N THR A 206 -6.33 -7.20 28.69
CA THR A 206 -6.55 -7.79 30.00
C THR A 206 -5.24 -8.31 30.58
N VAL A 207 -5.04 -8.07 31.88
CA VAL A 207 -3.92 -8.70 32.59
C VAL A 207 -3.96 -10.20 32.36
N ALA A 208 -5.17 -10.76 32.29
CA ALA A 208 -5.32 -12.17 31.96
C ALA A 208 -4.91 -12.45 30.51
N GLU A 209 -5.39 -11.61 29.57
CA GLU A 209 -5.00 -11.74 28.18
C GLU A 209 -3.49 -11.66 28.01
N LYS A 210 -2.93 -10.51 28.38
CA LYS A 210 -1.48 -10.29 28.34
C LYS A 210 -0.72 -11.46 28.94
N SER A 211 -1.02 -11.78 30.20
CA SER A 211 -0.22 -12.73 30.96
C SER A 211 -0.33 -14.14 30.40
N PHE A 212 -1.54 -14.57 30.03
CA PHE A 212 -1.67 -15.88 29.39
C PHE A 212 -0.84 -15.95 28.12
N ALA A 213 -0.96 -14.93 27.25
CA ALA A 213 -0.22 -14.96 25.99
C ALA A 213 1.28 -14.99 26.24
N VAL A 214 1.75 -14.24 27.24
CA VAL A 214 3.19 -14.15 27.50
C VAL A 214 3.71 -15.49 28.02
N GLY A 215 3.05 -16.06 29.03
CA GLY A 215 3.43 -17.38 29.51
C GLY A 215 3.38 -18.42 28.40
N THR A 216 2.37 -18.32 27.52
CA THR A 216 2.31 -19.16 26.33
C THR A 216 3.59 -19.02 25.51
N LEU A 217 4.07 -17.79 25.33
CA LEU A 217 5.29 -17.58 24.56
C LEU A 217 6.51 -18.20 25.24
N ALA A 218 6.61 -18.07 26.56
CA ALA A 218 7.75 -18.68 27.27
C ALA A 218 7.74 -20.20 27.12
N GLU A 219 6.60 -20.82 27.42
CA GLU A 219 6.44 -22.26 27.23
C GLU A 219 6.80 -22.66 25.80
N THR A 220 6.40 -21.84 24.83
CA THR A 220 6.67 -22.15 23.44
C THR A 220 8.15 -22.01 23.09
N ILE A 221 8.87 -21.10 23.75
CA ILE A 221 10.32 -21.05 23.59
C ILE A 221 10.94 -22.35 24.09
N GLN A 222 10.51 -22.79 25.28
CA GLN A 222 10.99 -24.07 25.81
C GLN A 222 10.74 -25.20 24.82
N GLY A 223 9.52 -25.29 24.29
CA GLY A 223 9.22 -26.33 23.33
C GLY A 223 9.91 -26.15 21.99
N LEU A 224 10.36 -24.94 21.69
CA LEU A 224 11.06 -24.68 20.44
C LEU A 224 12.53 -25.09 20.54
N GLY A 225 13.10 -25.03 21.74
CA GLY A 225 14.47 -25.51 21.91
C GLY A 225 15.46 -24.59 21.21
N ALA A 226 16.38 -25.20 20.46
CA ALA A 226 17.42 -24.44 19.77
C ALA A 226 16.89 -23.64 18.60
N ALA A 227 15.77 -24.07 17.98
CA ALA A 227 15.19 -23.32 16.88
C ALA A 227 14.57 -22.00 17.31
N SER A 228 14.40 -21.76 18.62
CA SER A 228 13.98 -20.46 19.11
C SER A 228 14.99 -19.37 18.81
N ALA A 229 16.22 -19.75 18.45
CA ALA A 229 17.23 -18.77 18.03
C ALA A 229 16.74 -17.92 16.88
N GLN A 230 15.84 -18.45 16.05
CA GLN A 230 15.32 -17.71 14.92
C GLN A 230 14.50 -16.50 15.35
N PHE A 231 13.94 -16.52 16.57
CA PHE A 231 12.93 -15.55 16.96
C PHE A 231 13.40 -14.55 18.02
N VAL A 232 14.63 -14.68 18.52
CA VAL A 232 15.09 -13.89 19.67
C VAL A 232 14.86 -12.40 19.42
N SER A 233 15.18 -11.95 18.21
CA SER A 233 15.05 -10.53 17.89
C SER A 233 13.61 -10.06 18.02
N ARG A 234 12.65 -10.88 17.57
CA ARG A 234 11.25 -10.49 17.63
C ARG A 234 10.67 -10.64 19.03
N LEU A 235 11.22 -11.54 19.84
CA LEU A 235 10.66 -11.84 21.15
C LEU A 235 11.18 -10.92 22.25
N LEU A 236 12.45 -10.51 22.15
CA LEU A 236 13.06 -9.78 23.27
C LEU A 236 12.37 -8.46 23.58
N PRO A 237 11.89 -7.67 22.61
CA PRO A 237 11.07 -6.50 22.97
C PRO A 237 9.80 -6.86 23.73
N VAL A 238 9.20 -8.01 23.44
CA VAL A 238 7.96 -8.39 24.09
C VAL A 238 8.19 -8.70 25.57
N LEU A 239 9.24 -9.46 25.88
CA LEU A 239 9.56 -9.75 27.27
C LEU A 239 10.12 -8.52 27.98
N LEU A 240 10.86 -7.68 27.26
CA LEU A 240 11.40 -6.46 27.87
C LEU A 240 10.29 -5.47 28.22
N SER A 241 9.22 -5.43 27.42
CA SER A 241 8.11 -4.52 27.72
C SER A 241 7.19 -5.09 28.79
N THR A 242 6.81 -6.36 28.66
CA THR A 242 5.84 -6.98 29.55
C THR A 242 6.42 -7.33 30.92
N ALA A 243 7.70 -7.07 31.15
CA ALA A 243 8.24 -7.03 32.50
C ALA A 243 8.21 -5.61 33.07
N GLN A 244 7.99 -4.61 32.23
CA GLN A 244 7.56 -3.28 32.68
C GLN A 244 6.05 -3.23 32.82
N GLU A 245 5.50 -4.19 33.55
CA GLU A 245 4.07 -4.32 33.76
C GLU A 245 3.78 -4.40 35.26
N ALA A 246 2.59 -3.93 35.64
CA ALA A 246 2.30 -3.78 37.07
C ALA A 246 2.03 -5.12 37.73
N ASP A 247 1.21 -5.97 37.11
CA ASP A 247 0.72 -7.16 37.79
C ASP A 247 1.83 -8.20 37.92
N PRO A 248 1.98 -8.82 39.10
CA PRO A 248 3.08 -9.78 39.30
C PRO A 248 3.01 -11.01 38.42
N GLU A 249 1.82 -11.41 37.97
CA GLU A 249 1.73 -12.57 37.10
C GLU A 249 2.36 -12.27 35.73
N VAL A 250 2.07 -11.11 35.17
CA VAL A 250 2.66 -10.71 33.90
C VAL A 250 4.17 -10.59 34.03
N ARG A 251 4.65 -10.02 35.13
CA ARG A 251 6.08 -9.84 35.31
C ARG A 251 6.79 -11.17 35.50
N SER A 252 6.18 -12.09 36.26
CA SER A 252 6.78 -13.41 36.45
C SER A 252 6.82 -14.17 35.13
N ASN A 253 5.73 -14.12 34.35
CA ASN A 253 5.72 -14.81 33.07
C ASN A 253 6.75 -14.22 32.11
N ALA A 254 6.92 -12.89 32.13
CA ALA A 254 7.83 -12.24 31.20
C ALA A 254 9.29 -12.46 31.60
N ILE A 255 9.60 -12.45 32.89
CA ILE A 255 10.98 -12.64 33.33
C ILE A 255 11.37 -14.11 33.17
N PHE A 256 10.47 -15.03 33.50
CA PHE A 256 10.67 -16.43 33.14
C PHE A 256 10.91 -16.57 31.64
N GLY A 257 10.12 -15.85 30.84
CA GLY A 257 10.36 -15.83 29.41
C GLY A 257 11.76 -15.36 29.05
N MSE A 258 12.28 -14.38 29.79
CA MSE A 258 13.64 -13.91 29.57
C MSE A 258 14.68 -14.99 29.83
O MSE A 258 15.53 -15.25 29.00
CB MSE A 258 13.95 -12.68 30.44
CG MSE A 258 13.44 -11.37 29.88
SE MSE A 258 13.53 -10.01 31.26
CE MSE A 258 13.05 -8.50 30.15
N GLY A 259 14.59 -15.61 31.01
CA GLY A 259 15.51 -16.69 31.34
C GLY A 259 15.47 -17.83 30.33
N VAL A 260 14.25 -18.25 29.94
CA VAL A 260 14.12 -19.37 29.01
C VAL A 260 14.63 -18.98 27.63
N LEU A 261 14.38 -17.75 27.20
CA LEU A 261 14.93 -17.27 25.94
C LEU A 261 16.45 -17.27 25.98
N ALA A 262 17.03 -16.83 27.10
CA ALA A 262 18.48 -16.85 27.24
C ALA A 262 19.04 -18.26 27.13
N GLU A 263 18.39 -19.21 27.80
CA GLU A 263 18.87 -20.59 27.78
C GLU A 263 18.75 -21.20 26.38
N HIS A 264 17.60 -21.05 25.74
CA HIS A 264 17.32 -21.72 24.48
C HIS A 264 17.69 -20.90 23.25
N GLY A 265 17.86 -19.58 23.40
CA GLY A 265 18.06 -18.73 22.24
C GLY A 265 19.42 -18.83 21.59
N GLY A 266 20.41 -19.39 22.28
CA GLY A 266 21.73 -19.59 21.71
C GLY A 266 22.46 -18.30 21.37
N HIS A 267 23.20 -18.35 20.25
CA HIS A 267 24.06 -17.23 19.87
C HIS A 267 23.30 -15.94 19.62
N PRO A 268 22.19 -15.90 18.88
CA PRO A 268 21.47 -14.63 18.75
C PRO A 268 20.95 -14.08 20.07
N ALA A 269 20.64 -14.95 21.04
CA ALA A 269 20.24 -14.48 22.35
C ALA A 269 21.44 -13.91 23.12
N GLN A 270 22.62 -14.48 22.92
CA GLN A 270 23.78 -14.10 23.71
C GLN A 270 24.14 -12.63 23.54
N GLU A 271 23.85 -12.05 22.38
CA GLU A 271 24.22 -10.65 22.13
C GLU A 271 23.63 -9.72 23.18
N HIS A 272 22.45 -10.03 23.68
CA HIS A 272 21.71 -9.15 24.57
C HIS A 272 21.91 -9.47 26.05
N PHE A 273 22.71 -10.47 26.39
CA PHE A 273 22.93 -10.80 27.80
C PHE A 273 23.31 -9.60 28.65
N PRO A 274 24.22 -8.70 28.22
CA PRO A 274 24.42 -7.46 29.00
C PRO A 274 23.16 -6.63 29.16
N LYS A 275 22.32 -6.54 28.12
CA LYS A 275 21.06 -5.82 28.23
C LYS A 275 20.13 -6.47 29.24
N LEU A 276 19.90 -7.79 29.09
CA LEU A 276 19.04 -8.53 30.00
C LEU A 276 19.48 -8.38 31.45
N LEU A 277 20.73 -8.75 31.74
CA LEU A 277 21.28 -8.53 33.08
C LEU A 277 21.12 -7.07 33.50
N GLY A 278 21.20 -6.15 32.54
CA GLY A 278 21.03 -4.74 32.85
C GLY A 278 19.66 -4.42 33.42
N LEU A 279 18.59 -4.97 32.82
CA LEU A 279 17.28 -4.74 33.40
C LEU A 279 17.03 -5.59 34.64
N LEU A 280 17.60 -6.79 34.69
CA LEU A 280 17.28 -7.76 35.73
C LEU A 280 18.09 -7.60 37.01
N PHE A 281 19.10 -6.74 37.02
CA PHE A 281 19.88 -6.55 38.25
C PHE A 281 19.26 -5.51 39.19
N PRO A 282 18.62 -4.44 38.69
CA PRO A 282 17.93 -3.52 39.62
C PRO A 282 16.77 -4.14 40.39
N LEU A 283 15.95 -4.96 39.73
CA LEU A 283 14.68 -5.37 40.32
C LEU A 283 14.85 -6.32 41.49
N LEU A 284 16.01 -6.95 41.66
CA LEU A 284 16.21 -7.83 42.80
C LEU A 284 16.27 -7.08 44.13
N ALA A 285 16.42 -5.75 44.09
CA ALA A 285 16.20 -4.92 45.25
C ALA A 285 15.05 -3.94 45.06
N ARG A 286 14.66 -3.66 43.81
CA ARG A 286 13.59 -2.71 43.54
C ARG A 286 12.20 -3.30 43.72
N GLU A 287 12.06 -4.61 43.90
CA GLU A 287 10.75 -5.24 43.71
C GLU A 287 10.45 -6.24 44.81
N ARG A 288 9.18 -6.32 45.19
CA ARG A 288 8.75 -6.97 46.42
C ARG A 288 7.95 -8.26 46.24
N HIS A 289 7.14 -8.37 45.18
CA HIS A 289 6.30 -9.55 45.00
C HIS A 289 7.18 -10.79 44.85
N ASP A 290 7.09 -11.70 45.83
CA ASP A 290 8.09 -12.76 45.95
C ASP A 290 8.09 -13.72 44.77
N ARG A 291 6.95 -13.89 44.10
CA ARG A 291 6.91 -14.74 42.92
C ARG A 291 7.86 -14.21 41.84
N VAL A 292 7.85 -12.91 41.62
CA VAL A 292 8.75 -12.32 40.64
C VAL A 292 10.20 -12.41 41.13
N ARG A 293 10.43 -12.31 42.43
CA ARG A 293 11.76 -12.58 42.98
C ARG A 293 12.24 -13.97 42.56
N ASP A 294 11.38 -14.97 42.73
CA ASP A 294 11.73 -16.34 42.37
C ASP A 294 12.06 -16.45 40.89
N ASN A 295 11.15 -16.01 40.01
CA ASN A 295 11.41 -16.14 38.59
C ASN A 295 12.58 -15.28 38.11
N ILE A 296 12.93 -14.22 38.86
CA ILE A 296 14.13 -13.44 38.55
C ILE A 296 15.37 -14.25 38.89
N CYS A 297 15.38 -14.91 40.04
CA CYS A 297 16.50 -15.78 40.39
C CYS A 297 16.66 -16.88 39.34
N GLY A 298 15.54 -17.46 38.89
CA GLY A 298 15.60 -18.44 37.84
C GLY A 298 16.20 -17.89 36.56
N ALA A 299 15.71 -16.72 36.12
CA ALA A 299 16.21 -16.11 34.89
C ALA A 299 17.70 -15.81 34.98
N LEU A 300 18.17 -15.34 36.14
CA LEU A 300 19.59 -15.10 36.32
C LEU A 300 20.39 -16.40 36.31
N ALA A 301 19.82 -17.49 36.81
CA ALA A 301 20.50 -18.77 36.73
C ALA A 301 20.63 -19.24 35.29
N ARG A 302 19.53 -19.15 34.52
CA ARG A 302 19.60 -19.46 33.09
C ARG A 302 20.68 -18.63 32.42
N LEU A 303 20.70 -17.32 32.71
CA LEU A 303 21.67 -16.42 32.10
C LEU A 303 23.09 -16.87 32.41
N LEU A 304 23.44 -16.95 33.70
CA LEU A 304 24.81 -17.29 34.09
C LEU A 304 25.22 -18.64 33.51
N MSE A 305 24.31 -19.61 33.51
CA MSE A 305 24.64 -20.96 33.05
C MSE A 305 24.79 -21.04 31.53
O MSE A 305 25.55 -21.84 31.02
CB MSE A 305 23.58 -21.94 33.53
CG MSE A 305 23.66 -22.27 35.00
SE MSE A 305 22.33 -23.61 35.46
CE MSE A 305 22.43 -24.61 33.80
N ALA A 306 24.05 -20.19 30.82
CA ALA A 306 24.08 -20.18 29.36
C ALA A 306 25.04 -19.14 28.80
N SER A 307 25.63 -18.30 29.64
CA SER A 307 26.65 -17.35 29.19
C SER A 307 28.01 -18.01 29.23
N PRO A 308 28.70 -18.15 28.10
CA PRO A 308 29.92 -18.98 28.05
C PRO A 308 31.11 -18.38 28.79
N THR A 309 31.62 -17.26 28.27
CA THR A 309 32.94 -16.77 28.64
C THR A 309 32.97 -16.27 30.08
N ARG A 310 34.14 -16.43 30.72
CA ARG A 310 34.46 -15.80 31.99
C ARG A 310 33.58 -16.35 33.09
N LYS A 311 33.51 -15.65 34.22
CA LYS A 311 32.74 -16.16 35.33
C LYS A 311 31.58 -15.24 35.68
N PRO A 312 30.49 -15.78 36.23
CA PRO A 312 29.40 -14.93 36.73
C PRO A 312 29.92 -13.74 37.52
N GLU A 313 29.47 -12.54 37.17
CA GLU A 313 29.96 -11.35 37.84
C GLU A 313 29.67 -11.43 39.33
N PRO A 314 30.55 -10.89 40.18
CA PRO A 314 30.43 -11.17 41.62
C PRO A 314 29.14 -10.63 42.24
N GLN A 315 28.80 -9.37 41.94
CA GLN A 315 27.61 -8.77 42.52
C GLN A 315 26.33 -9.45 42.02
N VAL A 316 26.38 -10.01 40.81
CA VAL A 316 25.24 -10.74 40.25
C VAL A 316 24.93 -11.96 41.10
N LEU A 317 25.85 -12.93 41.11
CA LEU A 317 25.65 -14.13 41.91
C LEU A 317 25.39 -13.80 43.37
N ALA A 318 26.04 -12.76 43.88
CA ALA A 318 25.79 -12.32 45.25
C ALA A 318 24.33 -11.95 45.46
N ALA A 319 23.78 -11.11 44.59
CA ALA A 319 22.39 -10.69 44.72
C ALA A 319 21.44 -11.89 44.55
N LEU A 320 21.69 -12.73 43.55
CA LEU A 320 20.88 -13.92 43.36
C LEU A 320 20.86 -14.77 44.63
N LEU A 321 22.02 -14.95 45.26
CA LEU A 321 22.07 -15.76 46.47
C LEU A 321 21.40 -15.07 47.64
N HIS A 322 21.39 -13.73 47.64
CA HIS A 322 20.63 -12.99 48.66
C HIS A 322 19.14 -13.26 48.53
N ALA A 323 18.61 -13.17 47.31
CA ALA A 323 17.19 -13.38 47.11
C ALA A 323 16.77 -14.81 47.40
N LEU A 324 17.67 -15.77 47.21
CA LEU A 324 17.41 -17.13 47.66
C LEU A 324 17.27 -17.18 49.18
N PRO A 325 16.48 -18.13 49.71
CA PRO A 325 15.73 -19.19 49.03
C PRO A 325 14.37 -18.75 48.48
N LEU A 326 13.88 -19.48 47.49
CA LEU A 326 12.59 -19.18 46.88
C LEU A 326 11.46 -19.39 47.88
N LYS A 327 10.28 -18.84 47.55
CA LYS A 327 9.08 -19.02 48.36
C LYS A 327 7.81 -19.24 47.55
N GLU A 328 7.71 -18.72 46.32
CA GLU A 328 6.53 -18.92 45.51
C GLU A 328 6.75 -20.02 44.47
N ASP A 329 7.13 -19.64 43.26
CA ASP A 329 7.34 -20.60 42.18
C ASP A 329 8.49 -21.56 42.54
N LEU A 330 8.17 -22.61 43.30
CA LEU A 330 9.20 -23.52 43.78
C LEU A 330 9.79 -24.37 42.66
N GLU A 331 9.11 -24.48 41.51
CA GLU A 331 9.63 -25.28 40.41
C GLU A 331 11.01 -24.81 39.95
N GLU A 332 11.38 -23.58 40.26
CA GLU A 332 12.67 -23.05 39.87
C GLU A 332 13.82 -23.66 40.66
N TRP A 333 13.55 -24.36 41.76
CA TRP A 333 14.63 -24.88 42.59
C TRP A 333 15.55 -25.80 41.80
N VAL A 334 14.97 -26.69 40.99
CA VAL A 334 15.76 -27.52 40.09
C VAL A 334 16.78 -26.66 39.34
N THR A 335 16.29 -25.59 38.71
CA THR A 335 17.18 -24.66 38.02
C THR A 335 18.30 -24.20 38.96
N ILE A 336 17.93 -23.67 40.13
CA ILE A 336 18.92 -23.24 41.12
C ILE A 336 19.88 -24.38 41.42
N GLY A 337 19.34 -25.59 41.59
CA GLY A 337 20.17 -26.76 41.80
C GLY A 337 21.25 -26.85 40.74
N ARG A 338 20.82 -26.89 39.47
CA ARG A 338 21.77 -26.91 38.36
C ARG A 338 22.82 -25.81 38.53
N LEU A 339 22.35 -24.60 38.83
CA LEU A 339 23.26 -23.47 38.96
C LEU A 339 24.34 -23.76 39.99
N PHE A 340 23.95 -24.28 41.15
CA PHE A 340 24.94 -24.68 42.16
C PHE A 340 25.97 -25.60 41.52
N SER A 341 25.50 -26.69 40.93
CA SER A 341 26.38 -27.58 40.18
C SER A 341 27.23 -26.80 39.20
N PHE A 342 26.59 -25.95 38.39
CA PHE A 342 27.29 -25.12 37.43
C PHE A 342 28.50 -24.46 38.07
N LEU A 343 28.29 -23.81 39.22
CA LEU A 343 29.39 -23.17 39.93
C LEU A 343 30.57 -24.12 40.09
N TYR A 344 30.34 -25.23 40.81
CA TYR A 344 31.42 -26.17 41.13
C TYR A 344 32.17 -26.62 39.89
N GLN A 345 31.54 -26.58 38.71
CA GLN A 345 32.23 -27.04 37.53
C GLN A 345 33.01 -25.93 36.84
N SER A 346 32.42 -24.72 36.75
CA SER A 346 33.07 -23.67 35.97
C SER A 346 34.02 -22.84 36.80
N SER A 347 33.63 -22.51 38.02
CA SER A 347 34.38 -21.59 38.87
C SER A 347 34.23 -21.99 40.34
N PRO A 348 35.33 -22.28 41.03
CA PRO A 348 35.25 -22.45 42.48
C PRO A 348 35.83 -21.28 43.27
N ASP A 349 36.77 -20.56 42.66
CA ASP A 349 37.46 -19.44 43.30
C ASP A 349 36.58 -18.20 43.33
N GLN A 350 35.26 -18.43 43.26
CA GLN A 350 34.19 -17.43 43.45
C GLN A 350 33.08 -17.83 44.40
N VAL A 351 32.74 -19.11 44.54
CA VAL A 351 31.81 -19.60 45.57
C VAL A 351 32.30 -19.29 46.98
N ILE A 352 33.63 -19.30 47.18
CA ILE A 352 34.20 -19.10 48.51
C ILE A 352 33.90 -17.73 49.09
N ASP A 353 33.39 -16.80 48.28
CA ASP A 353 33.07 -15.47 48.76
C ASP A 353 31.57 -15.24 48.95
N VAL A 354 30.73 -16.19 48.57
CA VAL A 354 29.31 -16.19 48.92
C VAL A 354 28.98 -17.37 49.84
N ALA A 355 30.00 -17.93 50.47
CA ALA A 355 29.79 -19.03 51.42
C ALA A 355 28.83 -18.68 52.56
N PRO A 356 28.87 -17.48 53.16
CA PRO A 356 27.80 -17.12 54.12
C PRO A 356 26.42 -17.34 53.54
N GLU A 357 26.16 -16.76 52.37
CA GLU A 357 24.90 -17.01 51.68
C GLU A 357 24.72 -18.49 51.36
N LEU A 358 25.82 -19.19 51.08
CA LEU A 358 25.71 -20.54 50.52
C LEU A 358 25.46 -21.61 51.57
N LEU A 359 25.75 -21.35 52.85
CA LEU A 359 25.29 -22.24 53.90
C LEU A 359 24.14 -21.68 54.71
N ARG A 360 23.85 -20.38 54.59
CA ARG A 360 22.58 -19.87 55.11
C ARG A 360 21.41 -20.53 54.39
N ILE A 361 21.47 -20.60 53.06
CA ILE A 361 20.43 -21.24 52.28
C ILE A 361 20.28 -22.71 52.67
N CYS A 362 21.40 -23.37 52.94
CA CYS A 362 21.37 -24.80 53.24
C CYS A 362 20.71 -25.08 54.59
N SER A 363 21.11 -24.36 55.64
CA SER A 363 20.63 -24.64 56.98
C SER A 363 19.13 -24.42 57.17
N LEU A 364 18.38 -23.92 56.16
CA LEU A 364 16.93 -23.76 56.26
C LEU A 364 16.21 -24.40 55.07
N ILE A 365 16.86 -25.34 54.37
CA ILE A 365 16.26 -25.89 53.16
C ILE A 365 16.33 -27.41 53.13
N LEU A 366 16.79 -28.04 54.22
CA LEU A 366 16.66 -29.48 54.36
C LEU A 366 15.58 -29.89 55.37
N ALA A 367 15.16 -29.00 56.25
CA ALA A 367 13.90 -29.21 56.96
C ALA A 367 12.72 -29.14 55.98
N ASP A 368 12.87 -28.35 54.92
CA ASP A 368 11.87 -28.24 53.87
C ASP A 368 11.96 -29.49 53.00
N ASN A 369 11.09 -30.47 53.27
CA ASN A 369 11.02 -31.69 52.49
C ASN A 369 10.23 -31.53 51.20
N LYS A 370 10.02 -30.29 50.75
CA LYS A 370 9.40 -30.02 49.47
C LYS A 370 10.40 -29.43 48.47
N ILE A 371 11.68 -29.66 48.69
CA ILE A 371 12.75 -29.20 47.81
C ILE A 371 13.37 -30.42 47.15
N PRO A 372 13.56 -30.42 45.84
CA PRO A 372 14.12 -31.61 45.16
C PRO A 372 15.43 -32.04 45.79
N PRO A 373 15.60 -33.33 46.03
CA PRO A 373 16.78 -33.79 46.79
C PRO A 373 18.09 -33.69 46.03
N ASP A 374 18.07 -33.57 44.70
CA ASP A 374 19.30 -33.33 43.98
C ASP A 374 19.68 -31.85 43.96
N THR A 375 18.71 -30.96 44.19
CA THR A 375 19.04 -29.56 44.50
C THR A 375 19.78 -29.49 45.83
N LYS A 376 19.26 -30.19 46.84
CA LYS A 376 19.96 -30.37 48.11
C LYS A 376 21.36 -30.93 47.87
N ALA A 377 21.46 -31.97 47.05
CA ALA A 377 22.74 -32.59 46.77
C ALA A 377 23.73 -31.60 46.15
N ALA A 378 23.26 -30.79 45.20
CA ALA A 378 24.14 -29.80 44.57
C ALA A 378 24.64 -28.78 45.60
N LEU A 379 23.71 -28.19 46.35
CA LEU A 379 24.10 -27.17 47.33
C LEU A 379 25.09 -27.73 48.34
N LEU A 380 24.86 -28.95 48.83
CA LEU A 380 25.82 -29.53 49.77
C LEU A 380 27.09 -30.04 49.08
N LEU A 381 27.10 -30.15 47.76
CA LEU A 381 28.35 -30.38 47.06
C LEU A 381 29.21 -29.11 47.07
N LEU A 382 28.58 -27.96 46.81
CA LEU A 382 29.27 -26.70 47.04
C LEU A 382 29.76 -26.60 48.48
N LEU A 383 28.94 -27.05 49.43
CA LEU A 383 29.32 -26.94 50.84
C LEU A 383 30.51 -27.83 51.18
N THR A 384 30.45 -29.11 50.79
CA THR A 384 31.57 -30.00 51.09
C THR A 384 32.85 -29.54 50.39
N PHE A 385 32.72 -28.91 49.22
CA PHE A 385 33.86 -28.22 48.63
C PHE A 385 34.42 -27.18 49.59
N LEU A 386 33.57 -26.23 50.00
CA LEU A 386 34.03 -25.14 50.86
C LEU A 386 34.67 -25.67 52.14
N ALA A 387 34.11 -26.73 52.71
CA ALA A 387 34.64 -27.26 53.96
C ALA A 387 35.99 -27.92 53.74
N LYS A 388 36.04 -28.91 52.83
CA LYS A 388 37.23 -29.73 52.71
C LYS A 388 38.36 -29.05 51.96
N GLN A 389 38.13 -27.90 51.32
CA GLN A 389 39.22 -27.26 50.58
C GLN A 389 39.44 -25.78 50.89
N HIS A 390 38.58 -25.12 51.68
CA HIS A 390 38.74 -23.71 52.07
C HIS A 390 38.09 -23.53 53.45
N THR A 391 38.75 -24.06 54.49
CA THR A 391 38.08 -24.25 55.77
C THR A 391 37.91 -22.95 56.56
N ASP A 392 38.83 -22.00 56.42
CA ASP A 392 38.71 -20.77 57.22
C ASP A 392 37.51 -19.94 56.77
N SER A 393 37.24 -19.91 55.46
CA SER A 393 36.03 -19.26 54.98
C SER A 393 34.78 -20.02 55.42
N PHE A 394 34.86 -21.36 55.41
CA PHE A 394 33.74 -22.19 55.84
C PHE A 394 33.37 -21.91 57.29
N GLN A 395 34.38 -21.82 58.16
CA GLN A 395 34.11 -21.56 59.58
C GLN A 395 33.69 -20.11 59.80
N ALA A 396 34.28 -19.18 59.05
CA ALA A 396 33.80 -17.80 59.10
C ALA A 396 32.35 -17.69 58.63
N ALA A 397 31.89 -18.62 57.79
CA ALA A 397 30.52 -18.66 57.29
C ALA A 397 29.55 -19.29 58.29
N LEU A 398 29.95 -20.37 58.96
CA LEU A 398 29.13 -20.87 60.08
C LEU A 398 28.97 -19.85 61.19
N GLY A 399 29.70 -18.73 61.13
CA GLY A 399 29.68 -17.68 62.12
C GLY A 399 28.31 -17.29 62.65
N SER A 400 27.56 -16.52 61.87
CA SER A 400 26.28 -15.97 62.35
C SER A 400 25.08 -16.76 61.85
N LEU A 401 25.19 -18.07 61.77
CA LEU A 401 24.01 -18.91 61.86
C LEU A 401 23.68 -19.11 63.33
N PRO A 402 22.44 -19.48 63.66
CA PRO A 402 22.16 -19.88 65.05
C PRO A 402 23.02 -21.06 65.44
N VAL A 403 23.32 -21.15 66.74
CA VAL A 403 24.24 -22.19 67.22
C VAL A 403 23.66 -23.58 66.95
N ASP A 404 22.35 -23.74 67.10
CA ASP A 404 21.72 -25.02 66.80
C ASP A 404 21.69 -25.29 65.30
N LYS A 405 21.53 -24.25 64.49
CA LYS A 405 21.64 -24.42 63.04
C LYS A 405 23.09 -24.71 62.64
N ALA A 406 24.06 -24.15 63.36
CA ALA A 406 25.46 -24.43 63.07
C ALA A 406 25.78 -25.90 63.34
N GLN A 407 25.52 -26.36 64.57
CA GLN A 407 25.70 -27.78 64.88
C GLN A 407 24.91 -28.65 63.92
N GLU A 408 23.72 -28.20 63.53
CA GLU A 408 22.88 -28.95 62.61
C GLU A 408 23.58 -29.16 61.27
N LEU A 409 24.11 -28.08 60.68
CA LEU A 409 24.87 -28.22 59.46
C LEU A 409 26.14 -29.04 59.67
N GLN A 410 26.69 -29.05 60.88
CA GLN A 410 27.85 -29.90 61.15
C GLN A 410 27.48 -31.37 61.34
N ALA A 411 26.19 -31.70 61.48
CA ALA A 411 25.81 -33.09 61.71
C ALA A 411 26.23 -34.00 60.55
N VAL A 412 25.78 -33.71 59.33
CA VAL A 412 25.98 -34.62 58.20
C VAL A 412 27.43 -34.56 57.70
N LEU A 413 27.82 -33.44 57.07
CA LEU A 413 29.21 -33.27 56.68
C LEU A 413 30.09 -33.19 57.92
N GLY A 414 31.24 -33.85 57.85
CA GLY A 414 32.17 -33.86 58.96
C GLY A 414 32.59 -32.46 59.34
N PRO B 28 11.52 -42.47 -24.40
CA PRO B 28 12.78 -42.84 -23.75
C PRO B 28 13.49 -44.02 -24.42
N TYR B 29 14.60 -43.72 -25.10
CA TYR B 29 15.56 -44.73 -25.50
C TYR B 29 16.52 -45.09 -24.36
N MSE B 30 16.31 -44.51 -23.19
CA MSE B 30 17.37 -44.38 -22.19
C MSE B 30 17.48 -45.54 -21.22
O MSE B 30 18.57 -45.86 -20.81
CB MSE B 30 17.20 -43.08 -21.43
CG MSE B 30 18.07 -41.95 -21.94
SE MSE B 30 17.32 -40.20 -21.54
CE MSE B 30 15.85 -40.25 -22.82
N GLU B 31 16.35 -46.15 -20.84
CA GLU B 31 16.34 -47.33 -19.98
C GLU B 31 17.51 -48.25 -20.29
N SER B 32 17.75 -48.50 -21.58
CA SER B 32 18.93 -49.26 -22.00
C SER B 32 20.20 -48.52 -21.61
N VAL B 33 20.26 -47.21 -21.84
CA VAL B 33 21.46 -46.43 -21.54
C VAL B 33 21.79 -46.51 -20.05
N PHE B 34 20.83 -46.12 -19.20
CA PHE B 34 20.94 -46.28 -17.75
C PHE B 34 21.42 -47.67 -17.35
N GLU B 35 20.83 -48.72 -17.95
CA GLU B 35 21.19 -50.08 -17.55
C GLU B 35 22.64 -50.39 -17.89
N GLU B 36 23.00 -50.30 -19.17
CA GLU B 36 24.34 -50.65 -19.61
C GLU B 36 25.39 -49.79 -18.92
N VAL B 37 25.13 -48.48 -18.81
CA VAL B 37 26.03 -47.58 -18.09
C VAL B 37 26.19 -48.02 -16.65
N PHE B 38 25.08 -48.43 -16.02
CA PHE B 38 25.15 -48.87 -14.63
C PHE B 38 25.97 -50.14 -14.48
N LYS B 39 26.07 -50.96 -15.53
CA LYS B 39 26.97 -52.10 -15.45
C LYS B 39 28.42 -51.68 -15.23
N LEU B 40 28.82 -50.51 -15.75
CA LEU B 40 30.20 -50.10 -15.67
C LEU B 40 30.69 -49.85 -14.25
N LEU B 41 29.78 -49.83 -13.26
CA LEU B 41 30.17 -49.44 -11.92
C LEU B 41 30.95 -50.51 -11.16
N GLU B 42 31.06 -51.73 -11.71
CA GLU B 42 31.93 -52.74 -11.11
C GLU B 42 33.17 -53.00 -11.95
N CYS B 43 33.45 -52.16 -12.95
CA CYS B 43 34.74 -52.19 -13.61
C CYS B 43 35.80 -51.70 -12.62
N PRO B 44 36.82 -52.49 -12.31
CA PRO B 44 37.78 -52.09 -11.27
C PRO B 44 38.60 -50.87 -11.61
N HIS B 45 38.51 -50.35 -12.84
CA HIS B 45 39.27 -49.17 -13.20
C HIS B 45 38.50 -47.92 -12.77
N LEU B 46 39.16 -47.05 -12.00
CA LEU B 46 38.45 -45.95 -11.35
C LEU B 46 37.91 -44.93 -12.35
N ASN B 47 38.61 -44.71 -13.46
CA ASN B 47 38.15 -43.70 -14.41
C ASN B 47 36.87 -44.11 -15.13
N VAL B 48 36.67 -45.41 -15.32
CA VAL B 48 35.45 -45.89 -15.96
C VAL B 48 34.26 -45.71 -15.03
N ARG B 49 34.42 -46.07 -13.75
CA ARG B 49 33.37 -45.83 -12.77
C ARG B 49 33.07 -44.34 -12.63
N LYS B 50 34.12 -43.52 -12.58
CA LYS B 50 33.97 -42.07 -12.56
C LYS B 50 33.11 -41.59 -13.73
N ALA B 51 33.48 -41.99 -14.95
CA ALA B 51 32.69 -41.65 -16.11
C ALA B 51 31.26 -42.19 -16.01
N ALA B 52 31.06 -43.28 -15.28
CA ALA B 52 29.73 -43.87 -15.15
C ALA B 52 28.84 -43.08 -14.21
N HIS B 53 29.35 -42.76 -13.01
CA HIS B 53 28.59 -41.93 -12.08
C HIS B 53 28.28 -40.57 -12.70
N GLU B 54 29.29 -39.95 -13.32
CA GLU B 54 29.07 -38.70 -14.04
C GLU B 54 27.95 -38.84 -15.07
N ALA B 55 28.10 -39.83 -15.97
CA ALA B 55 27.13 -40.01 -17.05
C ALA B 55 25.72 -40.22 -16.50
N LEU B 56 25.59 -41.04 -15.46
CA LEU B 56 24.27 -41.29 -14.87
C LEU B 56 23.67 -40.00 -14.33
N GLY B 57 24.47 -39.19 -13.65
CA GLY B 57 23.96 -37.92 -13.15
C GLY B 57 23.48 -37.00 -14.27
N GLN B 58 24.34 -36.77 -15.26
CA GLN B 58 23.96 -35.90 -16.38
C GLN B 58 22.71 -36.42 -17.08
N PHE B 59 22.60 -37.74 -17.26
CA PHE B 59 21.42 -38.29 -17.91
C PHE B 59 20.17 -38.11 -17.05
N CYS B 60 20.32 -38.16 -15.72
CA CYS B 60 19.20 -37.82 -14.85
C CYS B 60 18.75 -36.38 -15.08
N CYS B 61 19.72 -35.45 -15.19
CA CYS B 61 19.37 -34.06 -15.44
C CYS B 61 18.67 -33.89 -16.79
N ALA B 62 19.20 -34.53 -17.83
CA ALA B 62 18.59 -34.43 -19.16
C ALA B 62 17.20 -35.04 -19.19
N LEU B 63 16.97 -36.11 -18.43
CA LEU B 63 15.64 -36.68 -18.33
C LEU B 63 14.68 -35.72 -17.64
N HIS B 64 15.11 -35.16 -16.50
CA HIS B 64 14.29 -34.16 -15.82
C HIS B 64 13.93 -32.99 -16.73
N LYS B 65 14.90 -32.49 -17.52
CA LYS B 65 14.63 -31.36 -18.39
C LYS B 65 13.75 -31.75 -19.58
N ALA B 66 13.93 -32.96 -20.11
CA ALA B 66 13.13 -33.42 -21.25
C ALA B 66 11.67 -33.61 -20.88
N CYS B 67 11.39 -34.18 -19.70
CA CYS B 67 10.02 -34.17 -19.19
C CYS B 67 9.56 -32.74 -18.91
N GLN B 68 10.46 -31.91 -18.37
CA GLN B 68 10.12 -30.52 -18.09
C GLN B 68 9.69 -29.78 -19.35
N SER B 69 10.13 -30.24 -20.52
CA SER B 69 9.70 -29.62 -21.77
C SER B 69 8.20 -29.82 -21.98
N CYS B 70 7.76 -31.07 -22.00
CA CYS B 70 6.35 -31.42 -22.00
C CYS B 70 6.18 -32.69 -21.17
N PRO B 71 5.53 -32.59 -20.01
CA PRO B 71 5.58 -33.71 -19.05
C PRO B 71 4.79 -34.93 -19.48
N SER B 72 5.33 -35.69 -20.42
CA SER B 72 4.79 -37.01 -20.72
C SER B 72 4.87 -37.85 -19.43
N GLU B 73 3.75 -38.00 -18.74
CA GLU B 73 3.72 -38.52 -17.38
C GLU B 73 4.45 -39.86 -17.19
N PRO B 74 4.54 -40.74 -18.20
CA PRO B 74 5.46 -41.88 -18.04
C PRO B 74 6.93 -41.48 -17.98
N ASN B 75 7.29 -40.33 -18.57
CA ASN B 75 8.67 -39.84 -18.43
C ASN B 75 8.91 -39.26 -17.04
N THR B 76 7.90 -38.60 -16.46
CA THR B 76 7.96 -38.23 -15.05
C THR B 76 8.19 -39.46 -14.18
N ALA B 77 7.39 -40.51 -14.42
CA ALA B 77 7.57 -41.75 -13.68
C ALA B 77 8.98 -42.31 -13.89
N ALA B 78 9.49 -42.25 -15.11
CA ALA B 78 10.84 -42.76 -15.38
C ALA B 78 11.88 -41.96 -14.61
N LEU B 79 11.71 -40.64 -14.53
CA LEU B 79 12.60 -39.81 -13.73
C LEU B 79 12.60 -40.25 -12.27
N GLN B 80 11.41 -40.47 -11.71
CA GLN B 80 11.34 -40.95 -10.33
C GLN B 80 12.04 -42.30 -10.18
N ALA B 81 11.86 -43.20 -11.16
CA ALA B 81 12.47 -44.52 -11.06
C ALA B 81 13.97 -44.52 -11.31
N ALA B 82 14.50 -43.46 -11.93
CA ALA B 82 15.94 -43.35 -12.17
C ALA B 82 16.66 -42.68 -11.02
N LEU B 83 16.11 -41.59 -10.47
CA LEU B 83 16.59 -41.08 -9.20
C LEU B 83 16.55 -42.17 -8.14
N ALA B 84 15.45 -42.94 -8.10
CA ALA B 84 15.26 -43.98 -7.10
C ALA B 84 16.42 -44.96 -7.05
N ARG B 85 17.18 -45.09 -8.13
CA ARG B 85 18.29 -46.03 -8.17
C ARG B 85 19.65 -45.37 -8.22
N VAL B 86 19.75 -44.16 -8.80
CA VAL B 86 21.05 -43.53 -8.96
C VAL B 86 21.47 -42.80 -7.70
N VAL B 87 20.53 -42.15 -6.99
CA VAL B 87 20.93 -41.34 -5.84
C VAL B 87 21.44 -42.25 -4.71
N PRO B 88 20.71 -43.32 -4.33
CA PRO B 88 21.29 -44.26 -3.36
C PRO B 88 22.62 -44.85 -3.82
N SER B 89 22.75 -45.14 -5.11
CA SER B 89 24.05 -45.53 -5.65
C SER B 89 25.11 -44.48 -5.36
N TYR B 90 24.76 -43.21 -5.51
CA TYR B 90 25.71 -42.13 -5.23
C TYR B 90 26.18 -42.17 -3.79
N MSE B 91 25.24 -42.17 -2.84
CA MSE B 91 25.62 -42.14 -1.42
C MSE B 91 26.43 -43.39 -1.00
O MSE B 91 27.44 -43.30 -0.28
CB MSE B 91 24.38 -41.99 -0.54
CG MSE B 91 23.25 -41.23 -1.21
SE MSE B 91 21.67 -41.12 -0.10
CE MSE B 91 20.32 -41.38 -1.47
N GLN B 92 25.96 -44.55 -1.47
CA GLN B 92 26.70 -45.80 -1.27
C GLN B 92 28.14 -45.66 -1.73
N ALA B 93 28.33 -45.16 -2.95
CA ALA B 93 29.68 -44.88 -3.42
C ALA B 93 30.41 -43.94 -2.47
N VAL B 94 29.73 -42.90 -1.98
CA VAL B 94 30.38 -41.92 -1.11
C VAL B 94 31.03 -42.62 0.08
N ASN B 95 30.23 -43.29 0.91
CA ASN B 95 30.81 -43.85 2.13
C ASN B 95 31.41 -45.24 1.94
N ARG B 96 31.46 -45.77 0.71
CA ARG B 96 32.06 -47.06 0.48
C ARG B 96 33.19 -47.06 -0.54
N GLU B 97 33.24 -46.10 -1.45
CA GLU B 97 34.29 -46.07 -2.46
C GLU B 97 35.61 -45.64 -1.82
N ARG B 98 36.71 -46.26 -2.27
CA ARG B 98 38.00 -46.11 -1.60
C ARG B 98 38.98 -45.17 -2.31
N GLU B 99 38.71 -44.78 -3.55
CA GLU B 99 39.59 -43.89 -4.31
C GLU B 99 38.93 -42.53 -4.44
N ARG B 100 39.66 -41.49 -4.02
CA ARG B 100 39.06 -40.17 -3.84
C ARG B 100 38.55 -39.57 -5.14
N GLN B 101 39.19 -39.87 -6.26
CA GLN B 101 38.77 -39.31 -7.54
C GLN B 101 37.31 -39.63 -7.83
N VAL B 102 36.95 -40.91 -7.75
CA VAL B 102 35.57 -41.33 -8.00
C VAL B 102 34.63 -40.68 -6.98
N VAL B 103 35.06 -40.61 -5.72
CA VAL B 103 34.23 -39.96 -4.69
C VAL B 103 33.95 -38.52 -5.07
N MSE B 104 34.95 -37.82 -5.60
CA MSE B 104 34.80 -36.46 -6.10
C MSE B 104 33.75 -36.37 -7.17
O MSE B 104 32.79 -35.61 -7.05
CB MSE B 104 36.12 -35.97 -6.66
CG MSE B 104 36.98 -35.38 -5.62
SE MSE B 104 38.80 -35.24 -6.24
CE MSE B 104 39.50 -35.79 -4.55
N ALA B 105 33.97 -37.13 -8.25
CA ALA B 105 33.00 -37.12 -9.35
C ALA B 105 31.60 -37.47 -8.86
N VAL B 106 31.49 -38.27 -7.82
CA VAL B 106 30.18 -38.61 -7.26
C VAL B 106 29.59 -37.42 -6.52
N LEU B 107 30.42 -36.67 -5.78
CA LEU B 107 29.93 -35.47 -5.12
C LEU B 107 29.46 -34.45 -6.15
N GLU B 108 30.23 -34.27 -7.22
CA GLU B 108 29.90 -33.25 -8.23
C GLU B 108 28.66 -33.62 -9.03
N ALA B 109 28.60 -34.87 -9.51
CA ALA B 109 27.40 -35.32 -10.19
C ALA B 109 26.20 -35.30 -9.27
N LEU B 110 26.40 -35.64 -8.00
CA LEU B 110 25.30 -35.66 -7.03
C LEU B 110 24.74 -34.26 -6.82
N THR B 111 25.61 -33.26 -6.64
CA THR B 111 25.10 -31.91 -6.46
C THR B 111 24.52 -31.36 -7.75
N GLY B 112 25.00 -31.81 -8.91
CA GLY B 112 24.35 -31.44 -10.16
C GLY B 112 22.93 -31.96 -10.23
N VAL B 113 22.73 -33.22 -9.86
CA VAL B 113 21.38 -33.78 -9.84
C VAL B 113 20.51 -33.04 -8.82
N LEU B 114 21.07 -32.75 -7.64
CA LEU B 114 20.36 -31.95 -6.66
C LEU B 114 20.04 -30.56 -7.19
N ARG B 115 20.84 -30.07 -8.15
CA ARG B 115 20.68 -28.73 -8.67
C ARG B 115 19.56 -28.67 -9.72
N SER B 116 19.48 -29.68 -10.59
CA SER B 116 18.43 -29.68 -11.60
C SER B 116 17.15 -30.31 -11.05
N CYS B 117 17.25 -31.53 -10.53
CA CYS B 117 16.06 -32.22 -10.04
C CYS B 117 15.51 -31.54 -8.78
N GLY B 118 16.39 -31.25 -7.82
CA GLY B 118 15.97 -30.55 -6.62
C GLY B 118 15.01 -31.31 -5.75
N THR B 119 13.74 -30.92 -5.77
CA THR B 119 12.76 -31.48 -4.85
C THR B 119 12.55 -32.97 -5.10
N LEU B 120 12.76 -33.43 -6.32
CA LEU B 120 12.53 -34.84 -6.62
C LEU B 120 13.63 -35.73 -6.05
N THR B 121 14.81 -35.17 -5.78
CA THR B 121 15.86 -35.97 -5.16
C THR B 121 15.53 -36.31 -3.71
N LEU B 122 14.83 -35.42 -3.01
CA LEU B 122 14.29 -35.70 -1.68
C LEU B 122 12.77 -35.81 -1.84
N LYS B 123 12.31 -37.01 -2.14
CA LYS B 123 10.90 -37.36 -2.02
C LYS B 123 10.78 -38.62 -1.16
N PRO B 124 11.60 -39.64 -1.38
CA PRO B 124 11.72 -40.70 -0.37
C PRO B 124 12.20 -40.11 0.94
N PRO B 125 11.47 -40.34 2.04
CA PRO B 125 11.85 -39.74 3.33
C PRO B 125 13.18 -40.29 3.82
N GLY B 126 13.69 -39.67 4.88
CA GLY B 126 15.04 -39.88 5.35
C GLY B 126 16.16 -39.65 4.35
N ARG B 127 15.86 -39.30 3.10
CA ARG B 127 16.92 -39.03 2.12
C ARG B 127 17.67 -37.74 2.46
N LEU B 128 16.96 -36.73 2.95
CA LEU B 128 17.61 -35.49 3.36
C LEU B 128 18.64 -35.76 4.45
N ALA B 129 18.25 -36.53 5.48
CA ALA B 129 19.17 -36.85 6.56
C ALA B 129 20.36 -37.67 6.09
N GLU B 130 20.17 -38.57 5.11
CA GLU B 130 21.28 -39.39 4.65
C GLU B 130 22.23 -38.60 3.76
N LEU B 131 21.69 -37.83 2.81
CA LEU B 131 22.53 -36.96 1.99
C LEU B 131 23.34 -36.01 2.87
N CYS B 132 22.67 -35.36 3.83
CA CYS B 132 23.39 -34.57 4.81
C CYS B 132 24.43 -35.40 5.55
N GLY B 133 24.12 -36.68 5.78
CA GLY B 133 25.03 -37.54 6.51
C GLY B 133 26.33 -37.80 5.76
N VAL B 134 26.23 -38.11 4.46
CA VAL B 134 27.42 -38.38 3.68
C VAL B 134 28.20 -37.10 3.44
N LEU B 135 27.49 -35.98 3.21
CA LEU B 135 28.18 -34.69 3.12
C LEU B 135 29.01 -34.42 4.37
N LYS B 136 28.36 -34.48 5.54
CA LYS B 136 29.06 -34.25 6.80
C LYS B 136 30.19 -35.25 6.99
N ALA B 137 30.00 -36.48 6.52
CA ALA B 137 31.06 -37.49 6.63
C ALA B 137 32.29 -37.07 5.86
N VAL B 138 32.12 -36.64 4.60
CA VAL B 138 33.26 -36.17 3.82
C VAL B 138 33.90 -34.96 4.49
N LEU B 139 33.07 -34.07 5.05
CA LEU B 139 33.62 -32.93 5.77
C LEU B 139 34.39 -33.34 7.02
N GLN B 140 34.09 -34.50 7.60
CA GLN B 140 34.74 -34.99 8.81
C GLN B 140 35.69 -36.15 8.54
N ARG B 141 35.80 -36.59 7.29
CA ARG B 141 36.81 -37.56 6.86
C ARG B 141 36.62 -38.92 7.53
N LYS B 142 35.36 -39.36 7.65
CA LYS B 142 35.04 -40.77 7.58
C LYS B 142 34.71 -41.19 6.15
N THR B 143 35.39 -40.57 5.19
CA THR B 143 35.12 -40.71 3.76
C THR B 143 35.29 -42.12 3.24
N ALA B 144 35.83 -43.03 4.05
CA ALA B 144 36.29 -44.34 3.60
C ALA B 144 37.36 -44.22 2.52
N CYS B 145 38.04 -43.08 2.48
CA CYS B 145 39.11 -42.84 1.52
C CYS B 145 39.92 -41.60 1.90
N ALA B 160 48.14 -34.76 1.56
CA ALA B 160 46.74 -34.42 1.36
C ALA B 160 46.55 -33.71 0.03
N GLU B 161 46.91 -34.40 -1.04
CA GLU B 161 46.74 -33.92 -2.41
C GLU B 161 45.30 -33.55 -2.71
N TYR B 162 44.48 -34.58 -2.92
CA TYR B 162 43.09 -34.47 -3.33
C TYR B 162 42.16 -33.99 -2.20
N ASP B 163 42.70 -33.73 -1.02
CA ASP B 163 41.88 -33.37 0.14
C ASP B 163 40.97 -32.18 -0.16
N ALA B 164 41.53 -31.13 -0.77
CA ALA B 164 40.81 -29.89 -0.97
C ALA B 164 39.57 -30.08 -1.85
N MSE B 165 39.57 -31.09 -2.71
CA MSE B 165 38.47 -31.25 -3.65
C MSE B 165 37.42 -32.24 -3.12
O MSE B 165 36.26 -32.18 -3.52
CB MSE B 165 39.00 -31.70 -5.01
CG MSE B 165 40.15 -30.85 -5.51
SE MSE B 165 39.63 -29.01 -5.88
CE MSE B 165 38.78 -29.26 -7.61
N LEU B 166 37.83 -33.16 -2.24
CA LEU B 166 36.86 -33.90 -1.46
C LEU B 166 36.07 -32.94 -0.58
N LEU B 167 36.78 -32.21 0.30
CA LEU B 167 36.13 -31.24 1.17
C LEU B 167 35.32 -30.23 0.36
N GLU B 168 35.97 -29.60 -0.62
CA GLU B 168 35.35 -28.52 -1.38
C GLU B 168 34.13 -29.03 -2.16
N HIS B 169 34.29 -30.16 -2.85
CA HIS B 169 33.18 -30.71 -3.63
C HIS B 169 32.00 -31.06 -2.73
N ALA B 170 32.28 -31.55 -1.52
CA ALA B 170 31.19 -31.77 -0.56
C ALA B 170 30.50 -30.46 -0.21
N GLY B 171 31.28 -29.45 0.18
CA GLY B 171 30.73 -28.14 0.49
C GLY B 171 29.95 -27.50 -0.65
N GLU B 172 30.26 -27.87 -1.90
CA GLU B 172 29.54 -27.34 -3.05
C GLU B 172 28.08 -27.79 -3.09
N ALA B 173 27.75 -28.90 -2.44
CA ALA B 173 26.41 -29.47 -2.49
C ALA B 173 25.45 -28.91 -1.44
N ILE B 174 25.96 -28.17 -0.46
CA ILE B 174 25.15 -27.61 0.61
C ILE B 174 24.19 -26.53 0.08
N PRO B 175 24.59 -25.63 -0.81
CA PRO B 175 23.59 -24.70 -1.37
C PRO B 175 22.52 -25.38 -2.21
N ALA B 176 22.92 -26.35 -3.05
CA ALA B 176 21.94 -27.08 -3.84
C ALA B 176 21.02 -27.92 -2.95
N LEU B 177 21.56 -28.51 -1.89
CA LEU B 177 20.74 -29.31 -0.98
C LEU B 177 19.76 -28.43 -0.21
N ALA B 178 20.24 -27.30 0.31
CA ALA B 178 19.35 -26.34 0.96
C ALA B 178 18.30 -25.81 0.00
N ALA B 179 18.64 -25.73 -1.28
CA ALA B 179 17.66 -25.32 -2.28
C ALA B 179 16.59 -26.39 -2.47
N ALA B 180 17.00 -27.65 -2.54
CA ALA B 180 16.05 -28.74 -2.75
C ALA B 180 15.17 -28.98 -1.53
N ALA B 181 15.70 -28.74 -0.33
CA ALA B 181 14.98 -29.05 0.90
C ALA B 181 14.09 -27.91 1.40
N GLY B 182 14.44 -26.66 1.10
CA GLY B 182 13.65 -25.50 1.47
C GLY B 182 14.29 -24.63 2.54
N GLY B 183 15.13 -25.21 3.39
CA GLY B 183 15.70 -24.47 4.50
C GLY B 183 14.98 -24.75 5.80
N ASP B 184 13.64 -24.70 5.74
CA ASP B 184 12.83 -25.24 6.83
C ASP B 184 13.35 -26.59 7.28
N SER B 185 13.31 -27.57 6.37
CA SER B 185 13.86 -28.89 6.62
C SER B 185 15.38 -28.84 6.83
N PHE B 186 16.07 -27.92 6.16
CA PHE B 186 17.52 -27.97 6.07
C PHE B 186 18.24 -27.24 7.20
N ALA B 187 17.65 -26.18 7.75
CA ALA B 187 18.31 -25.39 8.79
C ALA B 187 18.87 -26.22 9.95
N PRO B 188 18.15 -27.19 10.52
CA PRO B 188 18.79 -28.01 11.57
C PRO B 188 20.06 -28.70 11.12
N PHE B 189 20.22 -28.95 9.82
CA PHE B 189 21.47 -29.50 9.33
C PHE B 189 22.52 -28.41 9.09
N PHE B 190 22.09 -27.25 8.59
CA PHE B 190 23.03 -26.16 8.37
C PHE B 190 23.66 -25.69 9.67
N ALA B 191 22.95 -25.85 10.79
CA ALA B 191 23.57 -25.60 12.09
C ALA B 191 24.86 -26.40 12.24
N GLY B 192 24.84 -27.66 11.83
CA GLY B 192 26.03 -28.50 11.88
C GLY B 192 27.04 -28.22 10.80
N PHE B 193 26.57 -27.96 9.58
CA PHE B 193 27.47 -27.64 8.47
C PHE B 193 28.21 -26.33 8.68
N LEU B 194 27.67 -25.42 9.50
CA LEU B 194 28.15 -24.04 9.51
C LEU B 194 29.60 -23.89 9.96
N PRO B 195 30.05 -24.48 11.07
CA PRO B 195 31.47 -24.29 11.45
C PRO B 195 32.44 -24.81 10.41
N LEU B 196 32.14 -25.96 9.80
CA LEU B 196 32.99 -26.50 8.74
C LEU B 196 33.09 -25.56 7.55
N LEU B 197 32.10 -24.70 7.34
CA LEU B 197 32.19 -23.68 6.29
C LEU B 197 32.94 -22.45 6.77
N VAL B 198 32.68 -22.02 8.02
CA VAL B 198 33.34 -20.83 8.56
C VAL B 198 34.84 -21.04 8.67
N CYS B 199 35.28 -22.30 8.85
CA CYS B 199 36.70 -22.57 9.10
C CYS B 199 37.58 -22.07 7.96
N LYS B 200 37.18 -22.29 6.71
CA LYS B 200 37.97 -21.86 5.56
C LYS B 200 37.90 -20.35 5.30
N THR B 201 37.43 -19.55 6.26
CA THR B 201 37.35 -18.10 6.12
C THR B 201 38.25 -17.33 7.10
N LYS B 202 38.85 -18.00 8.07
CA LYS B 202 39.60 -17.31 9.11
C LYS B 202 40.96 -16.86 8.59
N GLN B 203 41.71 -16.20 9.46
CA GLN B 203 42.96 -15.55 9.08
C GLN B 203 43.99 -16.57 8.59
N GLY B 204 44.56 -16.31 7.41
CA GLY B 204 45.64 -17.12 6.88
C GLY B 204 45.20 -18.21 5.91
N CYS B 205 43.93 -18.58 5.91
CA CYS B 205 43.44 -19.50 4.89
C CYS B 205 43.63 -18.88 3.51
N THR B 206 43.84 -19.74 2.52
CA THR B 206 44.18 -19.25 1.19
C THR B 206 42.98 -18.54 0.56
N VAL B 207 43.28 -17.69 -0.42
CA VAL B 207 42.26 -16.90 -1.09
C VAL B 207 41.28 -17.78 -1.85
N ALA B 208 41.75 -18.92 -2.36
CA ALA B 208 40.83 -19.90 -2.96
C ALA B 208 39.88 -20.44 -1.90
N GLU B 209 40.42 -20.84 -0.74
CA GLU B 209 39.59 -21.31 0.36
C GLU B 209 38.57 -20.26 0.77
N LYS B 210 39.04 -19.02 1.01
CA LYS B 210 38.14 -17.96 1.44
C LYS B 210 37.05 -17.71 0.40
N SER B 211 37.44 -17.55 -0.86
CA SER B 211 36.48 -17.25 -1.91
C SER B 211 35.42 -18.33 -2.01
N PHE B 212 35.85 -19.60 -2.12
CA PHE B 212 34.89 -20.68 -2.22
C PHE B 212 33.99 -20.75 -0.99
N ALA B 213 34.57 -20.59 0.20
CA ALA B 213 33.81 -20.78 1.42
C ALA B 213 32.76 -19.69 1.59
N VAL B 214 33.16 -18.42 1.45
CA VAL B 214 32.23 -17.31 1.60
C VAL B 214 31.14 -17.40 0.54
N GLY B 215 31.54 -17.64 -0.72
CA GLY B 215 30.54 -17.85 -1.76
C GLY B 215 29.56 -18.95 -1.42
N THR B 216 30.07 -20.06 -0.88
CA THR B 216 29.20 -21.16 -0.47
C THR B 216 28.22 -20.71 0.61
N LEU B 217 28.69 -19.91 1.57
CA LEU B 217 27.80 -19.41 2.61
C LEU B 217 26.69 -18.56 2.02
N ALA B 218 27.04 -17.65 1.10
CA ALA B 218 26.03 -16.79 0.50
C ALA B 218 25.00 -17.59 -0.28
N GLU B 219 25.46 -18.48 -1.16
CA GLU B 219 24.55 -19.36 -1.89
C GLU B 219 23.64 -20.12 -0.94
N THR B 220 24.22 -20.67 0.13
CA THR B 220 23.42 -21.42 1.09
C THR B 220 22.42 -20.53 1.81
N ILE B 221 22.72 -19.23 1.95
CA ILE B 221 21.72 -18.30 2.46
C ILE B 221 20.55 -18.19 1.49
N GLN B 222 20.87 -18.01 0.20
CA GLN B 222 19.82 -18.00 -0.83
C GLN B 222 19.00 -19.29 -0.82
N GLY B 223 19.60 -20.41 -0.42
CA GLY B 223 18.86 -21.66 -0.33
C GLY B 223 18.03 -21.80 0.92
N LEU B 224 18.56 -21.33 2.05
CA LEU B 224 17.83 -21.38 3.31
C LEU B 224 16.59 -20.48 3.25
N GLY B 225 16.71 -19.33 2.60
CA GLY B 225 15.59 -18.43 2.55
C GLY B 225 15.27 -17.89 3.93
N ALA B 226 13.99 -17.84 4.26
CA ALA B 226 13.53 -17.31 5.54
C ALA B 226 14.14 -18.02 6.75
N ALA B 227 14.78 -19.19 6.57
CA ALA B 227 15.44 -19.89 7.67
C ALA B 227 16.80 -19.29 8.03
N SER B 228 17.30 -18.33 7.25
CA SER B 228 18.60 -17.70 7.53
C SER B 228 18.57 -16.80 8.76
N ALA B 229 17.40 -16.30 9.15
CA ALA B 229 17.29 -15.44 10.31
C ALA B 229 17.90 -16.09 11.56
N GLN B 230 17.71 -17.40 11.71
CA GLN B 230 18.31 -18.12 12.81
C GLN B 230 19.84 -18.05 12.78
N PHE B 231 20.43 -17.85 11.61
CA PHE B 231 21.88 -17.85 11.44
C PHE B 231 22.45 -16.46 11.21
N VAL B 232 21.62 -15.41 11.25
CA VAL B 232 22.11 -14.04 11.03
C VAL B 232 23.26 -13.72 11.99
N SER B 233 23.08 -14.00 13.27
CA SER B 233 24.04 -13.53 14.27
C SER B 233 25.41 -14.17 14.10
N ARG B 234 25.46 -15.42 13.64
CA ARG B 234 26.73 -16.09 13.40
C ARG B 234 27.33 -15.78 12.04
N LEU B 235 26.49 -15.63 11.01
CA LEU B 235 26.99 -15.35 9.67
C LEU B 235 27.49 -13.91 9.52
N LEU B 236 26.88 -12.97 10.23
CA LEU B 236 27.20 -11.56 10.02
C LEU B 236 28.66 -11.20 10.30
N PRO B 237 29.30 -11.65 11.38
CA PRO B 237 30.72 -11.32 11.56
C PRO B 237 31.62 -11.98 10.52
N VAL B 238 31.25 -13.15 10.02
CA VAL B 238 32.03 -13.79 8.95
C VAL B 238 32.02 -12.92 7.70
N LEU B 239 30.83 -12.54 7.25
CA LEU B 239 30.71 -11.70 6.05
C LEU B 239 31.39 -10.35 6.25
N LEU B 240 31.04 -9.67 7.36
CA LEU B 240 31.65 -8.39 7.68
C LEU B 240 33.17 -8.46 7.67
N SER B 241 33.74 -9.51 8.25
CA SER B 241 35.19 -9.66 8.26
C SER B 241 35.74 -9.90 6.86
N THR B 242 35.13 -10.83 6.12
CA THR B 242 35.66 -11.20 4.81
C THR B 242 35.50 -10.11 3.76
N ALA B 243 34.67 -9.09 4.00
CA ALA B 243 34.67 -7.94 3.11
C ALA B 243 35.76 -6.94 3.44
N GLN B 244 36.56 -7.19 4.49
CA GLN B 244 37.78 -6.44 4.74
C GLN B 244 38.96 -7.01 3.97
N GLU B 245 38.73 -7.95 3.07
CA GLU B 245 39.79 -8.70 2.41
C GLU B 245 40.32 -7.95 1.19
N ALA B 246 41.60 -8.16 0.90
CA ALA B 246 42.26 -7.43 -0.18
C ALA B 246 41.95 -8.01 -1.55
N ASP B 247 41.78 -9.32 -1.66
CA ASP B 247 41.49 -9.92 -2.97
C ASP B 247 40.09 -9.50 -3.41
N PRO B 248 39.94 -9.00 -4.64
CA PRO B 248 38.61 -8.50 -5.07
C PRO B 248 37.52 -9.56 -5.07
N GLU B 249 37.87 -10.84 -5.26
CA GLU B 249 36.82 -11.85 -5.40
C GLU B 249 36.30 -12.32 -4.04
N VAL B 250 37.18 -12.47 -3.05
CA VAL B 250 36.73 -12.77 -1.69
C VAL B 250 35.81 -11.66 -1.19
N ARG B 251 36.30 -10.42 -1.24
CA ARG B 251 35.51 -9.27 -0.83
C ARG B 251 34.20 -9.17 -1.61
N SER B 252 34.25 -9.46 -2.91
CA SER B 252 33.04 -9.42 -3.72
C SER B 252 32.03 -10.47 -3.25
N ASN B 253 32.51 -11.67 -2.91
CA ASN B 253 31.62 -12.71 -2.43
C ASN B 253 31.02 -12.36 -1.07
N ALA B 254 31.83 -11.76 -0.19
CA ALA B 254 31.32 -11.34 1.11
C ALA B 254 30.26 -10.25 0.96
N ILE B 255 30.44 -9.36 0.00
CA ILE B 255 29.49 -8.26 -0.19
C ILE B 255 28.18 -8.78 -0.78
N PHE B 256 28.28 -9.62 -1.82
CA PHE B 256 27.08 -10.31 -2.31
C PHE B 256 26.38 -11.05 -1.17
N GLY B 257 27.16 -11.67 -0.28
CA GLY B 257 26.59 -12.36 0.85
C GLY B 257 25.83 -11.42 1.78
N MSE B 258 26.36 -10.22 2.00
CA MSE B 258 25.64 -9.21 2.78
C MSE B 258 24.31 -8.91 2.10
O MSE B 258 23.28 -8.79 2.78
CB MSE B 258 26.45 -7.93 2.93
CG MSE B 258 27.74 -8.10 3.72
SE MSE B 258 28.76 -6.45 3.73
CE MSE B 258 30.28 -7.09 4.75
N GLY B 259 24.34 -8.80 0.78
CA GLY B 259 23.11 -8.59 0.03
C GLY B 259 22.06 -9.66 0.31
N VAL B 260 22.42 -10.93 0.11
CA VAL B 260 21.43 -11.98 0.26
C VAL B 260 21.02 -12.17 1.72
N LEU B 261 21.93 -11.87 2.66
CA LEU B 261 21.58 -11.93 4.07
C LEU B 261 20.54 -10.86 4.42
N ALA B 262 20.68 -9.66 3.85
CA ALA B 262 19.62 -8.67 4.01
C ALA B 262 18.34 -9.13 3.32
N GLU B 263 18.44 -9.85 2.20
CA GLU B 263 17.25 -10.27 1.47
C GLU B 263 16.44 -11.29 2.27
N HIS B 264 17.08 -12.37 2.72
CA HIS B 264 16.36 -13.47 3.36
C HIS B 264 16.53 -13.52 4.87
N GLY B 265 17.44 -12.74 5.44
CA GLY B 265 17.65 -12.75 6.88
C GLY B 265 16.51 -12.19 7.70
N GLY B 266 15.57 -11.50 7.07
CA GLY B 266 14.37 -11.07 7.77
C GLY B 266 14.67 -10.08 8.88
N HIS B 267 13.98 -10.27 10.00
CA HIS B 267 14.04 -9.30 11.10
C HIS B 267 15.39 -9.26 11.78
N PRO B 268 16.01 -10.39 12.18
CA PRO B 268 17.37 -10.31 12.73
C PRO B 268 18.36 -9.64 11.79
N ALA B 269 18.16 -9.78 10.49
CA ALA B 269 19.01 -9.06 9.55
C ALA B 269 18.70 -7.57 9.56
N GLN B 270 17.42 -7.20 9.70
CA GLN B 270 17.06 -5.79 9.75
C GLN B 270 17.64 -5.10 10.98
N GLU B 271 17.73 -5.82 12.11
CA GLU B 271 18.40 -5.24 13.28
C GLU B 271 19.83 -4.79 13.00
N HIS B 272 20.42 -5.16 11.85
CA HIS B 272 21.83 -4.97 11.56
C HIS B 272 22.07 -4.13 10.30
N PHE B 273 21.04 -3.44 9.80
CA PHE B 273 21.20 -2.71 8.55
C PHE B 273 22.16 -1.52 8.66
N PRO B 274 22.19 -0.78 9.78
CA PRO B 274 23.20 0.30 9.88
C PRO B 274 24.64 -0.19 9.90
N LYS B 275 24.92 -1.36 10.49
CA LYS B 275 26.28 -1.89 10.44
C LYS B 275 26.66 -2.37 9.05
N LEU B 276 25.67 -2.72 8.21
CA LEU B 276 25.94 -3.12 6.84
C LEU B 276 26.14 -1.90 5.94
N LEU B 277 25.25 -0.91 6.06
CA LEU B 277 25.40 0.34 5.29
C LEU B 277 26.64 1.11 5.70
N GLY B 278 27.02 1.04 6.98
CA GLY B 278 28.23 1.72 7.43
C GLY B 278 29.50 1.18 6.82
N LEU B 279 29.47 -0.04 6.30
CA LEU B 279 30.59 -0.64 5.57
C LEU B 279 30.44 -0.47 4.06
N LEU B 280 29.25 -0.75 3.51
CA LEU B 280 29.05 -0.65 2.06
C LEU B 280 29.15 0.78 1.56
N PHE B 281 28.63 1.73 2.33
CA PHE B 281 28.54 3.11 1.84
C PHE B 281 29.92 3.74 1.61
N PRO B 282 30.85 3.76 2.56
CA PRO B 282 32.18 4.31 2.24
C PRO B 282 32.93 3.47 1.21
N LEU B 283 32.74 2.15 1.27
CA LEU B 283 33.42 1.26 0.34
C LEU B 283 33.10 1.62 -1.11
N LEU B 284 31.85 2.00 -1.39
CA LEU B 284 31.49 2.38 -2.75
C LEU B 284 32.28 3.61 -3.20
N ALA B 285 32.59 4.52 -2.28
CA ALA B 285 33.45 5.65 -2.62
C ALA B 285 34.89 5.22 -2.82
N ARG B 286 35.39 4.32 -1.96
CA ARG B 286 36.78 3.92 -2.04
C ARG B 286 37.00 2.87 -3.13
N GLU B 287 36.14 1.85 -3.21
CA GLU B 287 36.44 0.66 -4.00
C GLU B 287 36.68 1.00 -5.45
N ARG B 288 37.74 0.41 -6.01
CA ARG B 288 38.18 0.72 -7.37
C ARG B 288 38.02 -0.45 -8.33
N HIS B 289 37.74 -1.65 -7.83
CA HIS B 289 37.55 -2.83 -8.67
C HIS B 289 36.07 -2.92 -9.05
N ASP B 290 35.80 -2.87 -10.36
CA ASP B 290 34.43 -2.73 -10.85
C ASP B 290 33.55 -3.89 -10.41
N ARG B 291 34.09 -5.11 -10.37
CA ARG B 291 33.33 -6.27 -9.92
C ARG B 291 32.79 -6.05 -8.51
N VAL B 292 33.67 -5.72 -7.57
CA VAL B 292 33.26 -5.45 -6.20
C VAL B 292 32.22 -4.34 -6.16
N ARG B 293 32.30 -3.37 -7.09
CA ARG B 293 31.34 -2.28 -7.10
C ARG B 293 29.97 -2.75 -7.55
N ASP B 294 29.91 -3.56 -8.61
CA ASP B 294 28.65 -4.17 -9.01
C ASP B 294 28.00 -4.91 -7.84
N ASN B 295 28.82 -5.65 -7.08
CA ASN B 295 28.26 -6.41 -5.96
C ASN B 295 27.80 -5.48 -4.83
N ILE B 296 28.53 -4.41 -4.55
CA ILE B 296 28.06 -3.43 -3.57
C ILE B 296 26.72 -2.85 -4.01
N CYS B 297 26.57 -2.59 -5.31
CA CYS B 297 25.31 -2.08 -5.83
C CYS B 297 24.16 -3.06 -5.58
N GLY B 298 24.39 -4.34 -5.91
CA GLY B 298 23.36 -5.33 -5.64
C GLY B 298 22.99 -5.42 -4.17
N ALA B 299 24.00 -5.45 -3.30
CA ALA B 299 23.74 -5.54 -1.87
C ALA B 299 23.01 -4.32 -1.34
N LEU B 300 23.27 -3.14 -1.91
CA LEU B 300 22.54 -1.95 -1.49
C LEU B 300 21.09 -1.99 -1.96
N ALA B 301 20.86 -2.50 -3.17
CA ALA B 301 19.49 -2.63 -3.66
C ALA B 301 18.69 -3.58 -2.77
N ARG B 302 19.25 -4.75 -2.46
CA ARG B 302 18.58 -5.67 -1.55
C ARG B 302 18.37 -5.03 -0.18
N LEU B 303 19.37 -4.31 0.32
CA LEU B 303 19.24 -3.59 1.58
C LEU B 303 18.10 -2.59 1.55
N LEU B 304 17.82 -2.00 0.38
CA LEU B 304 16.75 -1.02 0.26
C LEU B 304 15.38 -1.67 0.19
N MSE B 305 15.22 -2.67 -0.67
CA MSE B 305 13.91 -3.34 -0.79
C MSE B 305 13.56 -4.09 0.49
O MSE B 305 12.39 -4.25 0.82
CB MSE B 305 13.90 -4.29 -1.98
CG MSE B 305 13.96 -3.61 -3.35
SE MSE B 305 14.27 -4.85 -4.82
CE MSE B 305 16.16 -5.19 -4.53
N ALA B 306 14.59 -4.53 1.22
CA ALA B 306 14.32 -5.29 2.43
C ALA B 306 14.13 -4.39 3.65
N SER B 307 14.65 -3.17 3.60
CA SER B 307 14.51 -2.26 4.71
C SER B 307 13.04 -1.90 4.89
N PRO B 308 12.44 -2.17 6.06
CA PRO B 308 10.99 -2.01 6.21
C PRO B 308 10.61 -0.54 6.28
N THR B 309 9.61 -0.17 5.47
CA THR B 309 9.28 1.21 5.16
C THR B 309 10.45 1.88 4.47
N PRO B 312 13.37 5.18 2.66
CA PRO B 312 14.61 4.89 1.93
C PRO B 312 15.60 6.05 2.00
N GLU B 313 16.88 5.71 2.15
CA GLU B 313 17.93 6.70 2.43
C GLU B 313 18.33 7.43 1.16
N PRO B 314 18.07 8.74 1.06
CA PRO B 314 18.45 9.47 -0.17
C PRO B 314 19.93 9.40 -0.48
N GLN B 315 20.76 9.53 0.55
CA GLN B 315 22.19 9.26 0.42
C GLN B 315 22.45 7.94 -0.30
N VAL B 316 21.99 6.85 0.31
CA VAL B 316 22.28 5.50 -0.17
C VAL B 316 21.87 5.35 -1.64
N LEU B 317 20.64 5.76 -1.96
CA LEU B 317 20.17 5.64 -3.33
C LEU B 317 21.02 6.48 -4.28
N ALA B 318 21.38 7.70 -3.89
CA ALA B 318 22.24 8.53 -4.73
C ALA B 318 23.55 7.81 -5.03
N ALA B 319 24.25 7.35 -4.00
CA ALA B 319 25.53 6.68 -4.21
C ALA B 319 25.38 5.43 -5.07
N LEU B 320 24.33 4.65 -4.83
CA LEU B 320 24.06 3.46 -5.65
C LEU B 320 23.92 3.84 -7.11
N LEU B 321 23.09 4.84 -7.41
CA LEU B 321 22.82 5.22 -8.79
C LEU B 321 24.08 5.76 -9.47
N HIS B 322 24.89 6.53 -8.74
CA HIS B 322 26.10 7.07 -9.34
C HIS B 322 27.04 5.95 -9.77
N ALA B 323 27.15 4.89 -8.96
CA ALA B 323 28.00 3.75 -9.29
C ALA B 323 27.42 2.88 -10.39
N LEU B 324 26.25 3.22 -10.92
CA LEU B 324 25.64 2.55 -12.04
C LEU B 324 25.98 3.26 -13.35
N PRO B 325 25.93 2.56 -14.50
CA PRO B 325 25.50 1.17 -14.70
C PRO B 325 26.57 0.13 -14.34
N LEU B 326 26.18 -1.12 -14.07
CA LEU B 326 27.17 -2.13 -13.72
C LEU B 326 28.11 -2.38 -14.90
N LYS B 327 29.23 -2.99 -14.58
CA LYS B 327 30.33 -3.13 -15.54
C LYS B 327 30.65 -4.61 -15.74
N GLU B 328 31.01 -5.31 -14.67
CA GLU B 328 31.52 -6.67 -14.78
C GLU B 328 30.49 -7.73 -14.45
N ASP B 329 29.85 -7.61 -13.29
CA ASP B 329 28.93 -8.64 -12.79
C ASP B 329 27.51 -8.30 -13.23
N LEU B 330 27.27 -8.54 -14.52
CA LEU B 330 25.99 -8.18 -15.13
C LEU B 330 24.83 -9.00 -14.57
N GLU B 331 25.10 -10.17 -13.99
CA GLU B 331 24.04 -10.99 -13.41
C GLU B 331 23.17 -10.21 -12.45
N GLU B 332 23.72 -9.16 -11.84
CA GLU B 332 23.03 -8.37 -10.84
C GLU B 332 22.09 -7.33 -11.43
N TRP B 333 21.81 -7.36 -12.74
CA TRP B 333 20.85 -6.41 -13.28
C TRP B 333 19.44 -6.67 -12.77
N VAL B 334 19.04 -7.95 -12.73
CA VAL B 334 17.72 -8.32 -12.21
C VAL B 334 17.44 -7.58 -10.91
N THR B 335 18.29 -7.77 -9.90
CA THR B 335 18.24 -7.04 -8.65
C THR B 335 17.93 -5.57 -8.88
N ILE B 336 18.82 -4.87 -9.57
CA ILE B 336 18.65 -3.43 -9.80
C ILE B 336 17.30 -3.16 -10.45
N GLY B 337 16.93 -3.96 -11.45
CA GLY B 337 15.63 -3.81 -12.08
C GLY B 337 14.51 -3.78 -11.06
N ARG B 338 14.47 -4.80 -10.19
CA ARG B 338 13.45 -4.84 -9.16
C ARG B 338 13.49 -3.59 -8.29
N LEU B 339 14.69 -3.13 -7.93
CA LEU B 339 14.81 -1.92 -7.13
C LEU B 339 14.10 -0.77 -7.83
N PHE B 340 14.30 -0.62 -9.14
CA PHE B 340 13.59 0.40 -9.89
C PHE B 340 12.10 0.30 -9.65
N SER B 341 11.53 -0.90 -9.88
CA SER B 341 10.12 -1.12 -9.60
C SER B 341 9.79 -0.72 -8.17
N PHE B 342 10.62 -1.15 -7.22
CA PHE B 342 10.42 -0.78 -5.83
C PHE B 342 10.25 0.72 -5.68
N LEU B 343 11.18 1.49 -6.27
CA LEU B 343 11.13 2.94 -6.14
C LEU B 343 9.83 3.51 -6.70
N TYR B 344 9.30 2.90 -7.76
CA TYR B 344 8.08 3.45 -8.34
C TYR B 344 6.87 3.11 -7.47
N GLN B 345 6.92 1.99 -6.74
CA GLN B 345 5.71 1.51 -6.08
C GLN B 345 5.59 2.02 -4.65
N SER B 346 6.70 2.20 -3.94
CA SER B 346 6.67 2.54 -2.53
C SER B 346 6.93 4.01 -2.25
N SER B 347 7.94 4.62 -2.89
CA SER B 347 8.32 6.00 -2.62
C SER B 347 8.66 6.71 -3.92
N PRO B 348 7.67 6.90 -4.80
CA PRO B 348 7.97 7.49 -6.12
C PRO B 348 8.28 8.97 -6.07
N ASP B 349 8.07 9.64 -4.94
CA ASP B 349 8.47 11.03 -4.82
C ASP B 349 9.97 11.19 -4.70
N GLN B 350 10.68 10.11 -4.39
CA GLN B 350 12.15 10.16 -4.30
C GLN B 350 12.78 10.29 -5.67
N VAL B 351 12.31 9.50 -6.64
CA VAL B 351 12.83 9.34 -7.99
C VAL B 351 13.28 10.66 -8.60
N ILE B 352 12.51 11.72 -8.32
CA ILE B 352 12.80 13.05 -8.86
C ILE B 352 14.25 13.43 -8.60
N ASP B 353 14.66 13.37 -7.32
CA ASP B 353 15.97 13.88 -6.91
C ASP B 353 17.12 13.18 -7.61
N VAL B 354 16.87 12.03 -8.23
CA VAL B 354 17.90 11.28 -8.94
C VAL B 354 17.51 11.05 -10.40
N ALA B 355 16.57 11.84 -10.92
CA ALA B 355 16.19 11.78 -12.34
C ALA B 355 17.38 11.79 -13.30
N PRO B 356 18.32 12.74 -13.24
CA PRO B 356 19.41 12.72 -14.23
C PRO B 356 20.24 11.45 -14.20
N GLU B 357 20.45 10.89 -13.00
CA GLU B 357 21.10 9.60 -12.89
C GLU B 357 20.32 8.52 -13.64
N LEU B 358 19.00 8.51 -13.44
CA LEU B 358 18.15 7.50 -14.05
C LEU B 358 18.18 7.59 -15.57
N LEU B 359 18.09 8.82 -16.10
CA LEU B 359 18.14 9.00 -17.55
C LEU B 359 19.50 8.61 -18.12
N ARG B 360 20.59 9.00 -17.45
CA ARG B 360 21.92 8.57 -17.87
C ARG B 360 21.98 7.05 -17.98
N ILE B 361 21.69 6.36 -16.87
CA ILE B 361 21.71 4.90 -16.85
C ILE B 361 20.87 4.33 -17.98
N CYS B 362 19.69 4.91 -18.22
CA CYS B 362 18.82 4.42 -19.29
C CYS B 362 19.48 4.58 -20.65
N SER B 363 20.20 5.69 -20.87
CA SER B 363 20.89 5.87 -22.14
C SER B 363 21.97 4.82 -22.32
N LEU B 364 22.75 4.54 -21.27
CA LEU B 364 23.79 3.51 -21.41
C LEU B 364 23.19 2.13 -21.65
N ILE B 365 22.08 1.79 -20.99
CA ILE B 365 21.62 0.40 -20.96
C ILE B 365 20.51 0.11 -21.97
N LEU B 366 20.02 1.13 -22.69
CA LEU B 366 18.94 0.91 -23.65
C LEU B 366 19.34 -0.07 -24.74
N ALA B 367 20.28 0.34 -25.60
CA ALA B 367 20.62 -0.42 -26.79
C ALA B 367 21.54 -1.60 -26.51
N ASP B 368 22.13 -1.67 -25.31
CA ASP B 368 22.91 -2.84 -24.94
C ASP B 368 21.98 -4.03 -24.82
N ASN B 369 22.33 -5.14 -25.47
CA ASN B 369 21.47 -6.30 -25.55
C ASN B 369 21.82 -7.37 -24.51
N LYS B 370 22.85 -7.16 -23.70
CA LYS B 370 23.19 -8.10 -22.65
C LYS B 370 22.32 -7.94 -21.41
N ILE B 371 21.47 -6.92 -21.36
CA ILE B 371 20.65 -6.62 -20.18
C ILE B 371 19.22 -7.08 -20.45
N PRO B 372 18.57 -7.72 -19.48
CA PRO B 372 17.21 -8.23 -19.69
C PRO B 372 16.25 -7.12 -20.09
N PRO B 373 15.11 -7.46 -20.70
CA PRO B 373 14.13 -6.44 -21.09
C PRO B 373 13.20 -6.00 -19.96
N ASP B 374 13.13 -6.72 -18.84
CA ASP B 374 12.35 -6.24 -17.71
C ASP B 374 13.13 -5.32 -16.80
N THR B 375 14.46 -5.43 -16.77
CA THR B 375 15.29 -4.38 -16.19
C THR B 375 15.09 -3.08 -16.97
N LYS B 376 15.21 -3.16 -18.30
CA LYS B 376 14.99 -2.01 -19.16
C LYS B 376 13.57 -1.47 -19.02
N ALA B 377 12.58 -2.37 -18.95
CA ALA B 377 11.20 -1.92 -18.85
C ALA B 377 10.88 -1.33 -17.48
N ALA B 378 11.61 -1.76 -16.44
CA ALA B 378 11.40 -1.16 -15.12
C ALA B 378 12.01 0.24 -15.06
N LEU B 379 13.28 0.37 -15.45
CA LEU B 379 13.88 1.69 -15.51
C LEU B 379 13.08 2.63 -16.41
N LEU B 380 12.58 2.10 -17.53
CA LEU B 380 11.77 2.90 -18.43
C LEU B 380 10.41 3.22 -17.80
N LEU B 381 9.93 2.37 -16.91
CA LEU B 381 8.77 2.73 -16.09
C LEU B 381 9.06 3.98 -15.27
N LEU B 382 10.20 3.99 -14.58
CA LEU B 382 10.60 5.19 -13.83
C LEU B 382 10.65 6.41 -14.74
N LEU B 383 11.23 6.25 -15.94
CA LEU B 383 11.30 7.39 -16.85
C LEU B 383 9.92 7.86 -17.27
N THR B 384 9.06 6.95 -17.72
CA THR B 384 7.70 7.30 -18.12
C THR B 384 7.00 8.09 -17.03
N PHE B 385 7.04 7.59 -15.80
CA PHE B 385 6.46 8.31 -14.67
C PHE B 385 7.04 9.72 -14.57
N LEU B 386 8.36 9.84 -14.65
CA LEU B 386 9.00 11.15 -14.51
C LEU B 386 8.53 12.11 -15.59
N ALA B 387 8.61 11.69 -16.85
CA ALA B 387 8.25 12.57 -17.96
C ALA B 387 6.79 13.01 -17.88
N LYS B 388 5.89 12.07 -17.59
CA LYS B 388 4.48 12.43 -17.65
C LYS B 388 4.02 13.23 -16.44
N GLN B 389 4.57 12.99 -15.25
CA GLN B 389 4.11 13.75 -14.09
C GLN B 389 5.03 14.92 -13.74
N HIS B 390 6.34 14.68 -13.61
CA HIS B 390 7.28 15.72 -13.21
C HIS B 390 8.10 16.08 -14.46
N THR B 391 7.50 16.92 -15.31
CA THR B 391 8.00 17.08 -16.67
C THR B 391 9.21 18.01 -16.73
N ASP B 392 9.14 19.16 -16.06
CA ASP B 392 10.29 20.08 -16.09
C ASP B 392 11.53 19.41 -15.51
N SER B 393 11.36 18.62 -14.44
CA SER B 393 12.45 17.82 -13.92
C SER B 393 12.97 16.85 -14.96
N PHE B 394 12.10 16.36 -15.85
CA PHE B 394 12.50 15.41 -16.87
C PHE B 394 13.21 16.08 -18.03
N GLN B 395 12.87 17.34 -18.33
CA GLN B 395 13.51 18.05 -19.43
C GLN B 395 14.85 18.65 -19.02
N ALA B 396 14.99 19.07 -17.77
CA ALA B 396 16.27 19.57 -17.28
C ALA B 396 17.35 18.50 -17.41
N ALA B 397 17.01 17.23 -17.18
CA ALA B 397 17.94 16.11 -17.24
C ALA B 397 17.99 15.42 -18.60
N LEU B 398 16.88 15.39 -19.33
CA LEU B 398 16.90 14.91 -20.71
C LEU B 398 17.78 15.82 -21.57
N GLY B 399 17.72 17.13 -21.34
CA GLY B 399 18.52 18.05 -22.13
C GLY B 399 20.02 17.89 -21.88
N SER B 400 20.41 17.80 -20.60
CA SER B 400 21.82 17.65 -20.23
C SER B 400 22.35 16.24 -20.46
N LEU B 401 21.94 15.62 -21.57
CA LEU B 401 22.43 14.34 -22.05
C LEU B 401 22.86 14.57 -23.49
N PRO B 402 23.72 13.70 -24.05
CA PRO B 402 24.11 13.88 -25.44
C PRO B 402 22.88 13.90 -26.36
N VAL B 403 22.79 14.97 -27.16
CA VAL B 403 21.65 15.16 -28.07
C VAL B 403 21.46 13.92 -28.95
N ASP B 404 22.52 13.15 -29.17
CA ASP B 404 22.41 11.91 -29.91
C ASP B 404 21.66 10.83 -29.12
N LYS B 405 21.71 10.90 -27.78
CA LYS B 405 21.02 9.93 -26.94
C LYS B 405 19.70 10.45 -26.39
N ALA B 406 19.61 11.74 -26.08
CA ALA B 406 18.36 12.30 -25.59
C ALA B 406 17.21 12.04 -26.55
N GLN B 407 17.44 12.28 -27.85
CA GLN B 407 16.40 12.01 -28.84
C GLN B 407 16.07 10.53 -28.92
N GLU B 408 17.03 9.66 -28.61
CA GLU B 408 16.75 8.23 -28.53
C GLU B 408 15.79 7.93 -27.40
N LEU B 409 16.06 8.50 -26.21
CA LEU B 409 15.16 8.31 -25.08
C LEU B 409 13.76 8.83 -25.39
N GLN B 410 13.67 10.01 -26.00
CA GLN B 410 12.36 10.53 -26.40
C GLN B 410 11.70 9.64 -27.45
N ALA B 411 12.51 8.97 -28.28
CA ALA B 411 11.95 8.07 -29.27
C ALA B 411 11.33 6.84 -28.61
N VAL B 412 11.95 6.34 -27.54
CA VAL B 412 11.39 5.20 -26.83
C VAL B 412 10.07 5.58 -26.17
N LEU B 413 10.09 6.63 -25.35
CA LEU B 413 8.91 7.04 -24.60
C LEU B 413 7.87 7.73 -25.49
N ALA C 25 -27.12 54.27 1.04
CA ALA C 25 -25.87 53.60 1.41
C ALA C 25 -24.79 53.91 0.39
N PHE C 26 -23.57 54.11 0.88
CA PHE C 26 -22.44 54.48 0.06
C PHE C 26 -21.60 53.27 -0.30
N LEU C 27 -21.12 53.26 -1.54
CA LEU C 27 -20.14 52.25 -1.94
C LEU C 27 -18.82 52.50 -1.22
N PRO C 28 -18.02 51.47 -1.01
CA PRO C 28 -16.71 51.68 -0.37
C PRO C 28 -15.84 52.60 -1.19
N TYR C 29 -14.78 53.10 -0.57
CA TYR C 29 -13.86 54.02 -1.21
C TYR C 29 -12.74 53.20 -1.84
N MSE C 30 -12.72 53.16 -3.17
CA MSE C 30 -11.86 52.25 -3.91
C MSE C 30 -10.49 52.80 -4.30
O MSE C 30 -9.54 52.05 -4.45
CB MSE C 30 -12.58 51.78 -5.17
CG MSE C 30 -13.59 50.69 -4.92
SE MSE C 30 -12.81 49.24 -3.87
CE MSE C 30 -11.36 48.71 -5.07
N GLU C 31 -10.41 54.14 -4.48
CA GLU C 31 -9.19 54.72 -5.06
C GLU C 31 -7.96 54.44 -4.21
N SER C 32 -8.13 54.32 -2.89
CA SER C 32 -6.98 54.06 -2.02
C SER C 32 -6.41 52.67 -2.25
N VAL C 33 -7.28 51.65 -2.30
CA VAL C 33 -6.84 50.31 -2.67
C VAL C 33 -6.27 50.34 -4.09
N PHE C 34 -6.90 51.09 -4.99
CA PHE C 34 -6.53 51.09 -6.40
C PHE C 34 -5.09 51.57 -6.59
N GLU C 35 -4.75 52.72 -6.01
CA GLU C 35 -3.39 53.24 -6.12
C GLU C 35 -2.36 52.18 -5.74
N GLU C 36 -2.59 51.50 -4.62
CA GLU C 36 -1.61 50.59 -4.07
C GLU C 36 -1.54 49.27 -4.82
N VAL C 37 -2.67 48.80 -5.37
CA VAL C 37 -2.63 47.59 -6.19
C VAL C 37 -2.00 47.90 -7.54
N PHE C 38 -2.27 49.08 -8.09
CA PHE C 38 -1.65 49.49 -9.34
C PHE C 38 -0.15 49.63 -9.19
N LYS C 39 0.31 50.02 -8.00
CA LYS C 39 1.75 49.97 -7.73
C LYS C 39 2.31 48.56 -7.94
N LEU C 40 1.51 47.53 -7.63
CA LEU C 40 1.97 46.15 -7.72
C LEU C 40 2.18 45.67 -9.14
N LEU C 41 1.75 46.43 -10.16
CA LEU C 41 1.99 46.01 -11.54
C LEU C 41 3.42 46.28 -11.96
N GLU C 42 4.08 47.28 -11.36
CA GLU C 42 5.50 47.48 -11.58
C GLU C 42 6.35 46.35 -10.98
N CYS C 43 5.76 45.50 -10.15
CA CYS C 43 6.50 44.40 -9.55
C CYS C 43 7.11 43.51 -10.62
N PRO C 44 8.35 43.07 -10.45
CA PRO C 44 8.98 42.21 -11.47
C PRO C 44 8.48 40.78 -11.47
N HIS C 45 7.60 40.41 -10.55
CA HIS C 45 7.11 39.05 -10.47
C HIS C 45 5.82 38.91 -11.26
N LEU C 46 5.65 37.76 -11.91
CA LEU C 46 4.42 37.48 -12.64
C LEU C 46 3.26 37.07 -11.74
N ASN C 47 3.55 36.52 -10.56
CA ASN C 47 2.48 36.16 -9.63
C ASN C 47 1.89 37.40 -8.97
N VAL C 48 2.72 38.41 -8.71
CA VAL C 48 2.22 39.64 -8.11
C VAL C 48 1.35 40.40 -9.11
N ARG C 49 1.79 40.49 -10.36
CA ARG C 49 1.00 41.16 -11.39
C ARG C 49 -0.29 40.38 -11.68
N LYS C 50 -0.17 39.05 -11.77
CA LYS C 50 -1.34 38.20 -12.01
C LYS C 50 -2.37 38.35 -10.91
N ALA C 51 -1.93 38.27 -9.65
CA ALA C 51 -2.83 38.43 -8.52
C ALA C 51 -3.43 39.83 -8.47
N ALA C 52 -2.64 40.84 -8.82
CA ALA C 52 -3.15 42.21 -8.80
C ALA C 52 -4.25 42.39 -9.84
N HIS C 53 -4.01 41.92 -11.07
CA HIS C 53 -5.01 42.01 -12.13
C HIS C 53 -6.28 41.27 -11.71
N GLU C 54 -6.14 40.01 -11.25
CA GLU C 54 -7.25 39.28 -10.66
C GLU C 54 -8.03 40.14 -9.68
N ALA C 55 -7.32 40.68 -8.69
CA ALA C 55 -7.98 41.39 -7.59
C ALA C 55 -8.71 42.63 -8.09
N LEU C 56 -8.16 43.32 -9.08
CA LEU C 56 -8.85 44.49 -9.62
C LEU C 56 -10.14 44.06 -10.33
N GLY C 57 -10.10 42.94 -11.06
CA GLY C 57 -11.32 42.41 -11.64
C GLY C 57 -12.38 42.09 -10.59
N GLN C 58 -11.98 41.32 -9.57
CA GLN C 58 -12.94 40.89 -8.55
C GLN C 58 -13.46 42.08 -7.74
N PHE C 59 -12.61 43.08 -7.50
CA PHE C 59 -13.07 44.29 -6.82
C PHE C 59 -14.08 45.03 -7.66
N CYS C 60 -13.84 45.15 -8.96
CA CYS C 60 -14.83 45.79 -9.84
C CYS C 60 -16.16 45.05 -9.81
N CYS C 61 -16.12 43.72 -9.88
CA CYS C 61 -17.33 42.92 -9.81
C CYS C 61 -18.05 43.12 -8.48
N ALA C 62 -17.35 42.88 -7.36
CA ALA C 62 -17.93 43.09 -6.05
C ALA C 62 -18.51 44.49 -5.90
N LEU C 63 -17.91 45.48 -6.58
CA LEU C 63 -18.48 46.82 -6.58
C LEU C 63 -19.75 46.89 -7.41
N HIS C 64 -19.85 46.08 -8.46
CA HIS C 64 -21.11 46.03 -9.21
C HIS C 64 -22.22 45.36 -8.41
N LYS C 65 -21.90 44.27 -7.71
CA LYS C 65 -22.90 43.60 -6.89
C LYS C 65 -23.31 44.47 -5.71
N ALA C 66 -22.34 45.14 -5.09
CA ALA C 66 -22.68 46.10 -4.04
C ALA C 66 -23.53 47.23 -4.58
N CYS C 67 -23.24 47.68 -5.80
CA CYS C 67 -24.04 48.73 -6.43
C CYS C 67 -25.45 48.25 -6.74
N GLN C 68 -25.61 46.97 -7.08
CA GLN C 68 -26.92 46.43 -7.43
C GLN C 68 -27.90 46.53 -6.26
N SER C 69 -27.38 46.46 -5.03
CA SER C 69 -28.27 46.49 -3.87
C SER C 69 -28.69 47.92 -3.52
N CYS C 70 -27.73 48.86 -3.49
CA CYS C 70 -27.95 50.24 -3.07
C CYS C 70 -27.61 51.17 -4.23
N PRO C 71 -28.47 51.24 -5.23
CA PRO C 71 -28.16 52.07 -6.41
C PRO C 71 -28.43 53.54 -6.15
N SER C 72 -27.54 54.37 -6.71
CA SER C 72 -27.71 55.82 -6.72
C SER C 72 -26.86 56.36 -7.87
N GLU C 73 -27.02 57.64 -8.17
CA GLU C 73 -26.14 58.25 -9.16
C GLU C 73 -24.69 58.32 -8.67
N PRO C 74 -24.39 58.79 -7.45
CA PRO C 74 -22.98 58.89 -7.04
C PRO C 74 -22.24 57.56 -7.03
N ASN C 75 -22.87 56.46 -6.62
CA ASN C 75 -22.13 55.21 -6.49
C ASN C 75 -22.17 54.32 -7.72
N THR C 76 -23.15 54.47 -8.63
CA THR C 76 -22.97 53.89 -9.95
C THR C 76 -21.91 54.66 -10.72
N ALA C 77 -21.83 55.98 -10.52
CA ALA C 77 -20.72 56.73 -11.08
C ALA C 77 -19.40 56.38 -10.40
N ALA C 78 -19.44 55.90 -9.15
CA ALA C 78 -18.23 55.41 -8.50
C ALA C 78 -17.79 54.07 -9.07
N LEU C 79 -18.73 53.15 -9.28
CA LEU C 79 -18.43 51.92 -10.00
C LEU C 79 -17.87 52.22 -11.38
N GLN C 80 -18.42 53.24 -12.05
CA GLN C 80 -17.93 53.62 -13.36
C GLN C 80 -16.53 54.21 -13.29
N ALA C 81 -16.22 54.92 -12.20
CA ALA C 81 -14.85 55.40 -12.01
C ALA C 81 -13.89 54.23 -11.84
N ALA C 82 -14.25 53.26 -11.00
CA ALA C 82 -13.44 52.07 -10.79
C ALA C 82 -13.17 51.34 -12.11
N LEU C 83 -14.22 51.06 -12.87
CA LEU C 83 -14.04 50.48 -14.20
C LEU C 83 -13.13 51.36 -15.05
N ALA C 84 -13.34 52.68 -15.01
CA ALA C 84 -12.57 53.60 -15.82
C ALA C 84 -11.07 53.50 -15.52
N ARG C 85 -10.70 53.10 -14.31
CA ARG C 85 -9.28 52.86 -14.11
C ARG C 85 -8.85 51.43 -14.46
N VAL C 86 -9.68 50.42 -14.15
CA VAL C 86 -9.19 49.04 -14.27
C VAL C 86 -9.13 48.58 -15.72
N VAL C 87 -10.17 48.89 -16.50
CA VAL C 87 -10.23 48.37 -17.88
C VAL C 87 -9.04 48.81 -18.73
N PRO C 88 -8.68 50.11 -18.81
CA PRO C 88 -7.49 50.47 -19.60
C PRO C 88 -6.24 49.73 -19.18
N SER C 89 -6.06 49.53 -17.87
CA SER C 89 -4.96 48.72 -17.37
C SER C 89 -4.97 47.33 -17.99
N TYR C 90 -6.15 46.75 -18.18
CA TYR C 90 -6.24 45.47 -18.86
C TYR C 90 -5.83 45.60 -20.32
N MSE C 91 -6.26 46.65 -20.99
CA MSE C 91 -5.94 46.83 -22.41
C MSE C 91 -4.43 46.91 -22.65
O MSE C 91 -3.86 46.09 -23.40
CB MSE C 91 -6.64 48.07 -22.95
CG MSE C 91 -8.00 48.29 -22.35
SE MSE C 91 -9.15 49.34 -23.50
CE MSE C 91 -9.23 48.03 -24.91
N GLN C 92 -3.78 47.89 -22.02
CA GLN C 92 -2.33 48.02 -22.17
C GLN C 92 -1.61 46.83 -21.57
N ALA C 93 -2.21 46.18 -20.57
CA ALA C 93 -1.62 44.95 -20.03
C ALA C 93 -1.60 43.85 -21.08
N VAL C 94 -2.61 43.80 -21.93
CA VAL C 94 -2.59 42.83 -23.02
C VAL C 94 -1.55 43.22 -24.06
N ASN C 95 -1.62 44.46 -24.56
CA ASN C 95 -0.73 44.84 -25.65
C ASN C 95 0.74 44.77 -25.25
N ARG C 96 1.06 45.17 -24.02
CA ARG C 96 2.42 45.54 -23.67
C ARG C 96 3.12 44.57 -22.71
N GLU C 97 2.37 43.81 -21.91
CA GLU C 97 2.99 42.89 -20.97
C GLU C 97 3.67 41.75 -21.73
N ARG C 98 4.88 41.40 -21.30
CA ARG C 98 5.72 40.43 -21.99
C ARG C 98 5.54 39.00 -21.46
N GLU C 99 4.92 38.82 -20.30
CA GLU C 99 4.69 37.49 -19.74
C GLU C 99 3.31 37.00 -20.15
N ARG C 100 3.24 35.84 -20.78
CA ARG C 100 1.98 35.40 -21.39
C ARG C 100 0.98 34.91 -20.34
N GLN C 101 1.44 34.32 -19.25
CA GLN C 101 0.52 33.93 -18.19
C GLN C 101 -0.19 35.13 -17.61
N VAL C 102 0.53 36.23 -17.43
CA VAL C 102 -0.07 37.46 -16.93
C VAL C 102 -1.16 37.94 -17.88
N VAL C 103 -0.86 37.96 -19.19
CA VAL C 103 -1.84 38.39 -20.17
C VAL C 103 -3.05 37.46 -20.17
N MSE C 104 -2.82 36.16 -19.96
CA MSE C 104 -3.90 35.19 -19.86
C MSE C 104 -4.85 35.56 -18.72
O MSE C 104 -6.07 35.64 -18.91
CB MSE C 104 -3.34 33.79 -19.64
CG MSE C 104 -2.83 33.11 -20.90
SE MSE C 104 -1.78 31.53 -20.49
CE MSE C 104 -3.04 30.62 -19.34
N ALA C 105 -4.27 35.77 -17.52
CA ALA C 105 -5.08 36.17 -16.39
C ALA C 105 -5.77 37.51 -16.62
N VAL C 106 -5.13 38.40 -17.37
CA VAL C 106 -5.74 39.69 -17.69
C VAL C 106 -6.97 39.49 -18.56
N LEU C 107 -6.88 38.61 -19.56
CA LEU C 107 -8.03 38.33 -20.40
C LEU C 107 -9.13 37.62 -19.61
N GLU C 108 -8.75 36.80 -18.63
CA GLU C 108 -9.76 36.17 -17.77
C GLU C 108 -10.49 37.21 -16.93
N ALA C 109 -9.75 38.09 -16.26
CA ALA C 109 -10.38 39.12 -15.44
C ALA C 109 -11.20 40.07 -16.30
N LEU C 110 -10.67 40.46 -17.46
CA LEU C 110 -11.41 41.33 -18.36
C LEU C 110 -12.70 40.68 -18.83
N THR C 111 -12.66 39.38 -19.11
CA THR C 111 -13.89 38.68 -19.47
C THR C 111 -14.86 38.64 -18.30
N GLY C 112 -14.32 38.52 -17.08
CA GLY C 112 -15.18 38.46 -15.90
C GLY C 112 -15.92 39.76 -15.67
N VAL C 113 -15.21 40.90 -15.76
CA VAL C 113 -15.85 42.19 -15.57
C VAL C 113 -16.78 42.50 -16.73
N LEU C 114 -16.36 42.13 -17.96
CA LEU C 114 -17.25 42.23 -19.11
C LEU C 114 -18.58 41.52 -18.85
N ARG C 115 -18.52 40.31 -18.31
CA ARG C 115 -19.74 39.55 -18.06
C ARG C 115 -20.50 40.07 -16.85
N SER C 116 -19.81 40.74 -15.92
CA SER C 116 -20.47 41.18 -14.69
C SER C 116 -21.15 42.54 -14.85
N CYS C 117 -20.42 43.55 -15.31
CA CYS C 117 -21.00 44.87 -15.52
C CYS C 117 -21.47 45.11 -16.95
N GLY C 118 -20.81 44.48 -17.93
CA GLY C 118 -21.27 44.48 -19.30
C GLY C 118 -21.52 45.83 -19.94
N THR C 119 -22.78 46.26 -19.98
CA THR C 119 -23.15 47.51 -20.65
C THR C 119 -22.43 48.70 -20.03
N LEU C 120 -22.25 48.69 -18.71
CA LEU C 120 -21.57 49.78 -18.04
C LEU C 120 -20.09 49.87 -18.40
N THR C 121 -19.50 48.76 -18.84
CA THR C 121 -18.09 48.77 -19.23
C THR C 121 -17.85 49.51 -20.53
N LEU C 122 -18.86 49.64 -21.38
CA LEU C 122 -18.67 50.09 -22.76
C LEU C 122 -19.12 51.53 -22.99
N LYS C 123 -19.66 52.19 -21.96
CA LYS C 123 -20.13 53.57 -22.13
C LYS C 123 -19.06 54.53 -22.62
N PRO C 124 -17.83 54.53 -22.10
CA PRO C 124 -16.82 55.49 -22.60
C PRO C 124 -16.65 55.39 -24.10
N PRO C 125 -16.80 56.51 -24.81
CA PRO C 125 -16.72 56.49 -26.28
C PRO C 125 -15.45 55.82 -26.79
N GLY C 126 -15.63 54.85 -27.69
CA GLY C 126 -14.51 54.12 -28.26
C GLY C 126 -14.05 52.92 -27.46
N ARG C 127 -14.70 52.60 -26.34
CA ARG C 127 -14.25 51.48 -25.53
C ARG C 127 -14.45 50.15 -26.26
N LEU C 128 -15.52 50.02 -27.03
CA LEU C 128 -15.77 48.77 -27.75
C LEU C 128 -14.76 48.55 -28.87
N ALA C 129 -14.56 49.56 -29.72
CA ALA C 129 -13.56 49.46 -30.77
C ALA C 129 -12.18 49.18 -30.20
N GLU C 130 -11.86 49.81 -29.07
CA GLU C 130 -10.62 49.53 -28.36
C GLU C 130 -10.54 48.06 -27.96
N LEU C 131 -11.59 47.56 -27.30
CA LEU C 131 -11.55 46.21 -26.75
C LEU C 131 -11.43 45.16 -27.85
N CYS C 132 -12.22 45.33 -28.92
CA CYS C 132 -12.07 44.47 -30.09
C CYS C 132 -10.66 44.59 -30.67
N GLY C 133 -10.08 45.79 -30.63
CA GLY C 133 -8.71 45.95 -31.07
C GLY C 133 -7.73 45.13 -30.25
N VAL C 134 -7.96 45.03 -28.95
CA VAL C 134 -7.06 44.28 -28.09
C VAL C 134 -7.23 42.78 -28.31
N LEU C 135 -8.48 42.30 -28.30
CA LEU C 135 -8.73 40.88 -28.50
C LEU C 135 -8.23 40.43 -29.88
N LYS C 136 -8.53 41.20 -30.92
CA LYS C 136 -8.04 40.90 -32.25
C LYS C 136 -6.51 40.98 -32.31
N ALA C 137 -5.91 41.88 -31.54
CA ALA C 137 -4.46 41.89 -31.42
C ALA C 137 -3.95 40.55 -30.91
N VAL C 138 -4.58 40.01 -29.85
CA VAL C 138 -4.21 38.68 -29.37
C VAL C 138 -4.38 37.65 -30.46
N LEU C 139 -5.50 37.72 -31.20
CA LEU C 139 -5.76 36.72 -32.23
C LEU C 139 -4.71 36.74 -33.33
N GLN C 140 -4.21 37.92 -33.67
CA GLN C 140 -3.16 38.06 -34.67
C GLN C 140 -1.76 37.90 -34.09
N ARG C 141 -1.63 37.88 -32.76
CA ARG C 141 -0.36 37.70 -32.06
C ARG C 141 0.60 38.87 -32.27
N LYS C 142 0.06 40.08 -32.50
CA LYS C 142 0.90 41.27 -32.53
C LYS C 142 1.32 41.72 -31.13
N THR C 143 0.80 41.08 -30.09
CA THR C 143 1.03 41.52 -28.72
C THR C 143 2.52 41.41 -28.37
N ALA C 144 2.86 41.94 -27.19
CA ALA C 144 4.23 41.86 -26.73
C ALA C 144 4.60 40.45 -26.30
N CYS C 145 3.69 39.77 -25.61
CA CYS C 145 3.97 38.43 -25.07
C CYS C 145 4.05 37.35 -26.14
N GLN C 146 3.76 37.67 -27.40
CA GLN C 146 3.91 36.72 -28.50
C GLN C 146 4.87 37.22 -29.57
N ASP C 147 4.74 38.48 -29.98
CA ASP C 147 5.62 39.12 -30.96
C ASP C 147 5.52 38.46 -32.33
N GLN C 159 5.82 23.24 -22.99
CA GLN C 159 6.00 24.28 -21.98
C GLN C 159 5.03 25.42 -22.22
N ALA C 160 5.10 26.01 -23.42
CA ALA C 160 4.28 27.16 -23.75
C ALA C 160 2.90 26.75 -24.24
N GLU C 161 2.22 25.90 -23.47
CA GLU C 161 0.77 25.76 -23.64
C GLU C 161 0.09 27.10 -23.48
N TYR C 162 0.70 28.00 -22.71
CA TYR C 162 0.25 29.39 -22.57
C TYR C 162 0.05 30.03 -23.93
N ASP C 163 0.76 29.55 -24.94
CA ASP C 163 0.47 29.89 -26.33
C ASP C 163 -1.01 29.68 -26.63
N ALA C 164 -1.41 28.41 -26.79
CA ALA C 164 -2.77 28.11 -27.19
C ALA C 164 -3.79 28.78 -26.28
N MSE C 165 -3.62 28.62 -24.97
CA MSE C 165 -4.49 29.23 -23.98
C MSE C 165 -4.78 30.69 -24.28
O MSE C 165 -5.94 31.10 -24.25
CB MSE C 165 -3.87 29.11 -22.58
CG MSE C 165 -4.05 27.75 -21.93
SE MSE C 165 -5.82 26.98 -22.25
CE MSE C 165 -5.86 25.71 -20.77
N LEU C 166 -3.72 31.44 -24.60
CA LEU C 166 -3.87 32.86 -24.93
C LEU C 166 -5.02 33.06 -25.91
N LEU C 167 -4.93 32.39 -27.07
CA LEU C 167 -5.98 32.49 -28.07
C LEU C 167 -7.34 32.17 -27.46
N GLU C 168 -7.45 31.02 -26.79
CA GLU C 168 -8.71 30.64 -26.16
C GLU C 168 -9.14 31.71 -25.16
N HIS C 169 -8.20 32.24 -24.38
CA HIS C 169 -8.57 33.25 -23.40
C HIS C 169 -9.06 34.52 -24.07
N ALA C 170 -8.56 34.83 -25.27
CA ALA C 170 -9.17 35.91 -26.04
C ALA C 170 -10.51 35.46 -26.60
N GLY C 171 -10.58 34.21 -27.07
CA GLY C 171 -11.78 33.67 -27.69
C GLY C 171 -13.04 33.80 -26.87
N GLU C 172 -13.03 33.24 -25.66
CA GLU C 172 -14.22 33.32 -24.80
C GLU C 172 -14.54 34.74 -24.37
N ALA C 173 -13.77 35.74 -24.79
CA ALA C 173 -14.12 37.13 -24.54
C ALA C 173 -14.96 37.75 -25.66
N ILE C 174 -15.02 37.10 -26.82
CA ILE C 174 -15.76 37.63 -27.95
C ILE C 174 -17.26 37.54 -27.69
N PRO C 175 -17.81 36.38 -27.25
CA PRO C 175 -19.22 36.38 -26.86
C PRO C 175 -19.52 37.35 -25.73
N ALA C 176 -18.72 37.31 -24.66
CA ALA C 176 -18.85 38.25 -23.56
C ALA C 176 -19.02 39.68 -24.07
N LEU C 177 -18.00 40.17 -24.77
CA LEU C 177 -18.09 41.49 -25.41
C LEU C 177 -19.40 41.63 -26.19
N ALA C 178 -19.69 40.66 -27.06
CA ALA C 178 -20.94 40.69 -27.81
C ALA C 178 -22.13 40.86 -26.87
N ALA C 179 -22.22 39.99 -25.85
CA ALA C 179 -23.32 40.06 -24.89
C ALA C 179 -23.39 41.44 -24.25
N ALA C 180 -22.24 42.05 -23.97
CA ALA C 180 -22.25 43.37 -23.35
C ALA C 180 -22.64 44.45 -24.33
N ALA C 181 -22.24 44.30 -25.60
CA ALA C 181 -22.39 45.39 -26.55
C ALA C 181 -23.84 45.58 -26.96
N GLY C 182 -24.54 44.49 -27.29
CA GLY C 182 -25.94 44.56 -27.61
C GLY C 182 -26.29 44.08 -29.01
N GLY C 183 -25.39 43.37 -29.66
CA GLY C 183 -25.69 42.78 -30.95
C GLY C 183 -25.69 43.76 -32.10
N ASP C 184 -26.61 44.73 -32.06
CA ASP C 184 -26.65 45.76 -33.09
C ASP C 184 -25.50 46.75 -32.95
N SER C 185 -24.84 46.79 -31.80
CA SER C 185 -23.61 47.54 -31.63
C SER C 185 -22.37 46.74 -32.00
N PHE C 186 -22.45 45.41 -31.89
CA PHE C 186 -21.29 44.54 -32.06
C PHE C 186 -21.10 44.05 -33.51
N ALA C 187 -22.11 44.21 -34.36
CA ALA C 187 -22.08 43.64 -35.70
C ALA C 187 -20.85 44.01 -36.53
N PRO C 188 -20.45 45.28 -36.66
CA PRO C 188 -19.26 45.56 -37.47
C PRO C 188 -18.01 44.86 -36.96
N PHE C 189 -17.77 44.96 -35.65
CA PHE C 189 -16.60 44.32 -35.06
C PHE C 189 -16.66 42.81 -35.21
N PHE C 190 -17.86 42.22 -35.21
CA PHE C 190 -17.95 40.79 -35.48
C PHE C 190 -17.59 40.48 -36.92
N ALA C 191 -18.02 41.32 -37.86
CA ALA C 191 -17.54 41.17 -39.22
C ALA C 191 -16.02 41.23 -39.27
N GLY C 192 -15.40 41.99 -38.36
CA GLY C 192 -13.96 41.96 -38.25
C GLY C 192 -13.42 40.64 -37.70
N PHE C 193 -14.08 40.10 -36.66
CA PHE C 193 -13.62 38.87 -36.02
C PHE C 193 -13.92 37.61 -36.83
N LEU C 194 -14.75 37.71 -37.86
CA LEU C 194 -15.26 36.51 -38.53
C LEU C 194 -14.15 35.70 -39.21
N PRO C 195 -13.23 36.30 -39.99
CA PRO C 195 -12.20 35.46 -40.65
C PRO C 195 -11.29 34.74 -39.66
N LEU C 196 -10.76 35.45 -38.67
CA LEU C 196 -9.80 34.84 -37.75
C LEU C 196 -10.42 33.67 -36.99
N LEU C 197 -11.71 33.74 -36.68
CA LEU C 197 -12.39 32.59 -36.10
C LEU C 197 -12.58 31.48 -37.14
N VAL C 198 -12.95 31.86 -38.36
CA VAL C 198 -13.32 30.87 -39.38
C VAL C 198 -12.11 30.06 -39.84
N CYS C 199 -10.92 30.66 -39.92
CA CYS C 199 -9.77 29.91 -40.43
C CYS C 199 -9.35 28.80 -39.48
N LYS C 200 -9.62 28.94 -38.19
CA LYS C 200 -9.34 27.88 -37.22
C LYS C 200 -10.34 26.75 -37.26
N THR C 201 -11.36 26.82 -38.12
CA THR C 201 -12.30 25.72 -38.29
C THR C 201 -11.94 24.81 -39.46
N LYS C 202 -11.06 25.25 -40.35
CA LYS C 202 -10.77 24.52 -41.57
C LYS C 202 -9.97 23.25 -41.28
N GLN C 203 -9.99 22.34 -42.25
CA GLN C 203 -9.19 21.12 -42.15
C GLN C 203 -7.71 21.48 -42.09
N GLY C 204 -6.97 20.77 -41.25
CA GLY C 204 -5.58 21.09 -40.98
C GLY C 204 -5.41 21.54 -39.55
N CYS C 205 -6.42 22.23 -39.03
CA CYS C 205 -6.40 22.71 -37.67
C CYS C 205 -6.69 21.58 -36.69
N THR C 206 -6.19 21.75 -35.46
CA THR C 206 -6.33 20.76 -34.42
C THR C 206 -7.80 20.47 -34.15
N VAL C 207 -8.07 19.29 -33.56
CA VAL C 207 -9.38 19.01 -32.98
C VAL C 207 -9.79 20.13 -32.04
N ALA C 208 -8.87 20.55 -31.17
CA ALA C 208 -9.16 21.59 -30.21
C ALA C 208 -9.47 22.92 -30.89
N GLU C 209 -8.67 23.28 -31.90
CA GLU C 209 -8.88 24.56 -32.59
C GLU C 209 -10.22 24.59 -33.31
N LYS C 210 -10.56 23.50 -34.01
CA LYS C 210 -11.84 23.44 -34.71
C LYS C 210 -13.01 23.51 -33.74
N SER C 211 -13.03 22.63 -32.75
CA SER C 211 -14.10 22.61 -31.75
C SER C 211 -14.26 23.98 -31.10
N PHE C 212 -13.16 24.53 -30.60
CA PHE C 212 -13.23 25.79 -29.87
C PHE C 212 -13.67 26.94 -30.78
N ALA C 213 -13.17 26.95 -32.02
CA ALA C 213 -13.58 28.00 -32.95
C ALA C 213 -15.09 27.97 -33.17
N VAL C 214 -15.63 26.78 -33.44
CA VAL C 214 -17.06 26.68 -33.70
C VAL C 214 -17.87 27.03 -32.45
N GLY C 215 -17.39 26.61 -31.27
CA GLY C 215 -18.08 26.95 -30.04
C GLY C 215 -18.14 28.44 -29.79
N THR C 216 -16.99 29.12 -29.95
CA THR C 216 -16.96 30.57 -29.84
C THR C 216 -17.92 31.22 -30.83
N LEU C 217 -18.01 30.64 -32.04
CA LEU C 217 -18.96 31.16 -33.02
C LEU C 217 -20.40 31.03 -32.54
N ALA C 218 -20.74 29.90 -31.91
CA ALA C 218 -22.10 29.69 -31.43
C ALA C 218 -22.42 30.64 -30.27
N GLU C 219 -21.57 30.66 -29.25
CA GLU C 219 -21.74 31.60 -28.15
C GLU C 219 -21.91 33.03 -28.67
N THR C 220 -21.15 33.38 -29.71
CA THR C 220 -21.28 34.71 -30.31
C THR C 220 -22.64 34.88 -30.97
N ILE C 221 -23.13 33.86 -31.66
CA ILE C 221 -24.47 33.93 -32.24
C ILE C 221 -25.50 34.22 -31.16
N GLN C 222 -25.36 33.59 -30.00
CA GLN C 222 -26.27 33.88 -28.89
C GLN C 222 -26.13 35.34 -28.43
N GLY C 223 -24.89 35.80 -28.24
CA GLY C 223 -24.67 37.18 -27.86
C GLY C 223 -25.16 38.19 -28.88
N LEU C 224 -25.33 37.77 -30.12
CA LEU C 224 -25.78 38.63 -31.22
C LEU C 224 -27.29 38.66 -31.34
N GLY C 225 -27.96 37.53 -31.15
CA GLY C 225 -29.41 37.52 -31.26
C GLY C 225 -29.84 37.82 -32.68
N ALA C 226 -30.87 38.67 -32.80
CA ALA C 226 -31.39 39.06 -34.11
C ALA C 226 -30.32 39.65 -35.02
N ALA C 227 -29.23 40.20 -34.46
CA ALA C 227 -28.15 40.74 -35.27
C ALA C 227 -27.41 39.68 -36.08
N SER C 228 -27.50 38.41 -35.68
CA SER C 228 -26.84 37.33 -36.42
C SER C 228 -27.48 37.09 -37.80
N ALA C 229 -28.66 37.65 -38.05
CA ALA C 229 -29.30 37.51 -39.35
C ALA C 229 -28.38 37.95 -40.48
N GLN C 230 -27.70 39.09 -40.28
CA GLN C 230 -26.72 39.57 -41.25
C GLN C 230 -25.71 38.49 -41.61
N PHE C 231 -25.36 37.64 -40.64
CA PHE C 231 -24.26 36.70 -40.77
C PHE C 231 -24.71 35.29 -41.11
N VAL C 232 -26.01 35.01 -41.11
CA VAL C 232 -26.57 33.71 -41.50
C VAL C 232 -25.88 33.15 -42.74
N SER C 233 -25.80 33.97 -43.80
CA SER C 233 -25.27 33.53 -45.09
C SER C 233 -23.77 33.25 -45.07
N ARG C 234 -23.05 33.71 -44.05
CA ARG C 234 -21.63 33.46 -43.93
C ARG C 234 -21.26 32.43 -42.89
N LEU C 235 -22.11 32.23 -41.87
CA LEU C 235 -21.92 31.22 -40.84
C LEU C 235 -22.50 29.87 -41.22
N LEU C 236 -23.58 29.84 -42.00
CA LEU C 236 -24.14 28.57 -42.46
C LEU C 236 -23.12 27.64 -43.12
N PRO C 237 -22.24 28.11 -44.02
CA PRO C 237 -21.23 27.19 -44.56
C PRO C 237 -20.31 26.63 -43.50
N VAL C 238 -19.89 27.45 -42.53
CA VAL C 238 -18.99 26.98 -41.48
C VAL C 238 -19.67 25.90 -40.65
N LEU C 239 -20.89 26.16 -40.20
CA LEU C 239 -21.62 25.19 -39.39
C LEU C 239 -21.87 23.91 -40.17
N LEU C 240 -22.40 24.04 -41.39
CA LEU C 240 -22.68 22.88 -42.24
C LEU C 240 -21.45 22.02 -42.44
N SER C 241 -20.34 22.63 -42.88
CA SER C 241 -19.11 21.87 -43.10
C SER C 241 -18.58 21.26 -41.82
N THR C 242 -18.79 21.92 -40.67
CA THR C 242 -18.23 21.42 -39.42
C THR C 242 -19.05 20.29 -38.83
N ALA C 243 -20.36 20.24 -39.11
CA ALA C 243 -21.21 19.19 -38.55
C ALA C 243 -20.78 17.80 -39.01
N GLN C 244 -19.98 17.69 -40.06
CA GLN C 244 -19.53 16.42 -40.60
C GLN C 244 -18.14 16.02 -40.09
N GLU C 245 -17.69 16.64 -39.01
CA GLU C 245 -16.32 16.43 -38.55
C GLU C 245 -16.16 15.05 -37.91
N ALA C 246 -14.94 14.52 -38.01
CA ALA C 246 -14.63 13.25 -37.36
C ALA C 246 -14.75 13.36 -35.84
N ASP C 247 -14.17 14.40 -35.27
CA ASP C 247 -14.17 14.55 -33.81
C ASP C 247 -15.57 14.83 -33.31
N PRO C 248 -16.03 14.16 -32.24
CA PRO C 248 -17.41 14.37 -31.78
C PRO C 248 -17.64 15.72 -31.12
N GLU C 249 -16.64 16.29 -30.46
CA GLU C 249 -16.82 17.59 -29.83
C GLU C 249 -17.08 18.66 -30.88
N VAL C 250 -16.28 18.66 -31.95
CA VAL C 250 -16.48 19.58 -33.07
C VAL C 250 -17.89 19.42 -33.62
N ARG C 251 -18.40 18.19 -33.62
CA ARG C 251 -19.74 17.92 -34.13
C ARG C 251 -20.81 18.48 -33.18
N SER C 252 -20.62 18.32 -31.87
CA SER C 252 -21.58 18.86 -30.91
C SER C 252 -21.64 20.38 -30.99
N ASN C 253 -20.47 21.03 -31.08
CA ASN C 253 -20.45 22.48 -31.19
C ASN C 253 -21.05 22.96 -32.50
N ALA C 254 -20.80 22.23 -33.59
CA ALA C 254 -21.37 22.63 -34.88
C ALA C 254 -22.88 22.49 -34.88
N ILE C 255 -23.40 21.34 -34.43
CA ILE C 255 -24.84 21.11 -34.43
C ILE C 255 -25.54 22.10 -33.50
N PHE C 256 -24.99 22.29 -32.30
CA PHE C 256 -25.52 23.28 -31.38
C PHE C 256 -25.52 24.66 -32.01
N GLY C 257 -24.43 25.02 -32.70
CA GLY C 257 -24.40 26.27 -33.42
C GLY C 257 -25.47 26.38 -34.48
N MSE C 258 -25.87 25.26 -35.09
CA MSE C 258 -27.01 25.25 -36.00
C MSE C 258 -28.28 25.60 -35.25
O MSE C 258 -29.07 26.43 -35.70
CB MSE C 258 -27.17 23.89 -36.66
CG MSE C 258 -26.04 23.48 -37.57
SE MSE C 258 -26.44 21.78 -38.41
CE MSE C 258 -25.55 22.09 -40.12
N GLY C 259 -28.48 24.94 -34.10
CA GLY C 259 -29.68 25.20 -33.32
C GLY C 259 -29.81 26.67 -32.94
N VAL C 260 -28.74 27.27 -32.43
CA VAL C 260 -28.81 28.66 -32.02
C VAL C 260 -28.84 29.60 -33.21
N LEU C 261 -28.23 29.23 -34.34
CA LEU C 261 -28.32 30.06 -35.54
C LEU C 261 -29.76 30.11 -36.04
N ALA C 262 -30.46 28.97 -36.01
CA ALA C 262 -31.89 28.98 -36.31
C ALA C 262 -32.66 29.81 -35.30
N GLU C 263 -32.27 29.71 -34.03
CA GLU C 263 -32.99 30.44 -32.98
C GLU C 263 -32.85 31.96 -33.17
N HIS C 264 -31.66 32.42 -33.54
CA HIS C 264 -31.34 33.84 -33.50
C HIS C 264 -31.14 34.47 -34.87
N GLY C 265 -31.08 33.67 -35.94
CA GLY C 265 -30.87 34.24 -37.25
C GLY C 265 -32.10 34.86 -37.88
N GLY C 266 -33.28 34.63 -37.32
CA GLY C 266 -34.49 35.23 -37.83
C GLY C 266 -34.81 34.81 -39.26
N HIS C 267 -35.24 35.78 -40.07
CA HIS C 267 -35.72 35.45 -41.41
C HIS C 267 -34.63 34.90 -42.31
N PRO C 268 -33.48 35.56 -42.51
CA PRO C 268 -32.45 34.96 -43.39
C PRO C 268 -32.05 33.56 -42.98
N ALA C 269 -32.20 33.23 -41.69
CA ALA C 269 -31.97 31.86 -41.24
C ALA C 269 -33.14 30.94 -41.56
N GLN C 270 -34.37 31.49 -41.62
CA GLN C 270 -35.53 30.65 -41.90
C GLN C 270 -35.42 29.93 -43.25
N GLU C 271 -34.76 30.54 -44.23
CA GLU C 271 -34.68 29.93 -45.56
C GLU C 271 -34.04 28.55 -45.51
N HIS C 272 -32.99 28.39 -44.72
CA HIS C 272 -32.18 27.17 -44.72
C HIS C 272 -32.69 26.11 -43.76
N PHE C 273 -33.87 26.31 -43.15
CA PHE C 273 -34.49 25.28 -42.32
C PHE C 273 -34.62 23.94 -43.02
N PRO C 274 -35.12 23.84 -44.27
CA PRO C 274 -35.25 22.51 -44.89
C PRO C 274 -33.93 21.76 -44.98
N LYS C 275 -32.85 22.43 -45.37
CA LYS C 275 -31.54 21.79 -45.40
C LYS C 275 -31.14 21.36 -44.00
N LEU C 276 -31.39 22.21 -43.00
CA LEU C 276 -30.98 21.93 -41.63
C LEU C 276 -31.67 20.69 -41.09
N LEU C 277 -32.95 20.51 -41.40
CA LEU C 277 -33.61 19.26 -41.03
C LEU C 277 -33.11 18.11 -41.89
N GLY C 278 -32.83 18.37 -43.16
CA GLY C 278 -32.33 17.34 -44.06
C GLY C 278 -31.00 16.75 -43.63
N LEU C 279 -30.21 17.48 -42.84
CA LEU C 279 -29.00 16.92 -42.25
C LEU C 279 -29.18 16.51 -40.80
N LEU C 280 -30.02 17.21 -40.06
CA LEU C 280 -30.26 16.92 -38.65
C LEU C 280 -31.17 15.72 -38.43
N PHE C 281 -31.80 15.20 -39.47
CA PHE C 281 -32.73 14.08 -39.31
C PHE C 281 -32.04 12.75 -39.56
N PRO C 282 -31.33 12.54 -40.68
CA PRO C 282 -30.55 11.31 -40.80
C PRO C 282 -29.54 11.13 -39.68
N LEU C 283 -28.87 12.23 -39.31
CA LEU C 283 -27.85 12.14 -38.27
C LEU C 283 -28.42 11.67 -36.95
N LEU C 284 -29.67 12.03 -36.64
CA LEU C 284 -30.28 11.50 -35.43
C LEU C 284 -30.45 9.98 -35.51
N ALA C 285 -30.67 9.44 -36.70
CA ALA C 285 -30.78 7.99 -36.84
C ALA C 285 -29.42 7.33 -36.73
N ARG C 286 -28.40 7.91 -37.37
CA ARG C 286 -27.11 7.23 -37.52
C ARG C 286 -26.13 7.52 -36.40
N GLU C 287 -26.23 8.66 -35.73
CA GLU C 287 -25.19 9.09 -34.79
C GLU C 287 -25.13 8.16 -33.59
N ARG C 288 -23.91 7.78 -33.19
CA ARG C 288 -23.71 6.96 -32.01
C ARG C 288 -23.11 7.70 -30.82
N HIS C 289 -22.45 8.83 -31.03
CA HIS C 289 -21.93 9.58 -29.88
C HIS C 289 -23.08 10.29 -29.17
N ASP C 290 -22.94 10.39 -27.84
CA ASP C 290 -24.07 10.81 -27.00
C ASP C 290 -24.30 12.31 -27.05
N ARG C 291 -23.34 13.10 -26.54
CA ARG C 291 -23.56 14.56 -26.46
C ARG C 291 -23.82 15.16 -27.83
N VAL C 292 -23.29 14.55 -28.90
CA VAL C 292 -23.70 14.93 -30.25
C VAL C 292 -25.21 14.77 -30.41
N ARG C 293 -25.73 13.60 -30.03
CA ARG C 293 -27.17 13.34 -30.14
C ARG C 293 -27.98 14.31 -29.29
N ASP C 294 -27.53 14.56 -28.06
CA ASP C 294 -28.21 15.51 -27.20
C ASP C 294 -28.28 16.89 -27.83
N ASN C 295 -27.17 17.33 -28.43
CA ASN C 295 -27.18 18.62 -29.13
C ASN C 295 -28.01 18.58 -30.40
N ILE C 296 -28.20 17.40 -31.01
CA ILE C 296 -29.19 17.28 -32.09
C ILE C 296 -30.58 17.51 -31.54
N CYS C 297 -30.85 17.02 -30.32
CA CYS C 297 -32.15 17.23 -29.71
C CYS C 297 -32.39 18.70 -29.42
N GLY C 298 -31.40 19.37 -28.83
CA GLY C 298 -31.56 20.79 -28.55
C GLY C 298 -31.67 21.63 -29.82
N ALA C 299 -30.83 21.34 -30.81
CA ALA C 299 -30.92 22.04 -32.09
C ALA C 299 -32.25 21.79 -32.78
N LEU C 300 -32.85 20.61 -32.57
CA LEU C 300 -34.14 20.31 -33.17
C LEU C 300 -35.27 21.03 -32.44
N ALA C 301 -35.17 21.17 -31.12
CA ALA C 301 -36.16 21.94 -30.39
C ALA C 301 -36.09 23.41 -30.75
N ARG C 302 -34.87 23.96 -30.86
CA ARG C 302 -34.72 25.36 -31.27
C ARG C 302 -35.23 25.57 -32.70
N LEU C 303 -34.74 24.76 -33.65
CA LEU C 303 -35.23 24.79 -35.03
C LEU C 303 -36.73 24.58 -35.12
N LEU C 304 -37.33 23.93 -34.12
CA LEU C 304 -38.76 23.67 -34.13
C LEU C 304 -39.57 24.84 -33.59
N MSE C 305 -39.07 25.52 -32.56
CA MSE C 305 -39.79 26.66 -32.00
C MSE C 305 -39.71 27.89 -32.90
O MSE C 305 -40.52 28.82 -32.78
CB MSE C 305 -39.27 27.01 -30.61
CG MSE C 305 -39.42 25.90 -29.58
SE MSE C 305 -38.62 26.39 -27.87
CE MSE C 305 -37.14 25.12 -27.83
N ALA C 306 -38.74 27.90 -33.80
CA ALA C 306 -38.47 29.07 -34.65
C ALA C 306 -39.11 28.97 -36.02
N SER C 307 -39.79 27.87 -36.34
CA SER C 307 -40.36 27.70 -37.66
C SER C 307 -41.59 28.58 -37.84
N PRO C 308 -41.80 29.12 -39.05
CA PRO C 308 -43.07 29.81 -39.36
C PRO C 308 -44.23 28.83 -39.52
N THR C 309 -44.66 28.25 -38.39
CA THR C 309 -45.84 27.37 -38.33
C THR C 309 -45.64 26.06 -39.07
N PRO C 312 -46.10 21.99 -37.08
CA PRO C 312 -44.79 21.50 -37.52
C PRO C 312 -44.88 20.24 -38.34
N GLU C 313 -43.76 19.57 -38.55
CA GLU C 313 -43.73 18.27 -39.20
C GLU C 313 -43.59 17.20 -38.13
N PRO C 314 -44.61 16.35 -37.91
CA PRO C 314 -44.56 15.42 -36.77
C PRO C 314 -43.50 14.34 -36.89
N GLN C 315 -42.90 14.16 -38.06
CA GLN C 315 -41.74 13.28 -38.19
C GLN C 315 -40.59 13.79 -37.32
N VAL C 316 -40.27 15.08 -37.45
CA VAL C 316 -39.15 15.66 -36.72
C VAL C 316 -39.38 15.58 -35.22
N LEU C 317 -40.50 16.14 -34.74
CA LEU C 317 -40.83 16.09 -33.32
C LEU C 317 -40.86 14.65 -32.83
N ALA C 318 -41.41 13.73 -33.64
CA ALA C 318 -41.41 12.32 -33.28
C ALA C 318 -40.00 11.80 -33.04
N ALA C 319 -39.05 12.19 -33.88
CA ALA C 319 -37.67 11.75 -33.67
C ALA C 319 -37.07 12.37 -32.42
N LEU C 320 -37.27 13.68 -32.24
CA LEU C 320 -36.73 14.37 -31.07
C LEU C 320 -37.20 13.70 -29.79
N LEU C 321 -38.48 13.36 -29.72
CA LEU C 321 -38.99 12.66 -28.54
C LEU C 321 -38.44 11.23 -28.48
N HIS C 322 -38.24 10.60 -29.64
CA HIS C 322 -37.73 9.22 -29.65
C HIS C 322 -36.34 9.15 -29.03
N ALA C 323 -35.45 10.08 -29.41
CA ALA C 323 -34.07 10.02 -28.95
C ALA C 323 -33.93 10.39 -27.48
N LEU C 324 -34.94 11.02 -26.89
CA LEU C 324 -34.90 11.32 -25.46
C LEU C 324 -34.98 10.04 -24.65
N PRO C 325 -34.48 10.04 -23.40
CA PRO C 325 -33.98 11.15 -22.59
C PRO C 325 -32.61 11.68 -23.02
N LEU C 326 -32.26 12.88 -22.56
CA LEU C 326 -30.95 13.42 -22.85
C LEU C 326 -29.88 12.69 -22.05
N LYS C 327 -28.77 12.38 -22.71
CA LYS C 327 -27.74 11.51 -22.12
C LYS C 327 -26.78 12.31 -21.25
N GLU C 328 -25.87 13.07 -21.87
CA GLU C 328 -24.83 13.74 -21.08
C GLU C 328 -24.90 15.26 -21.11
N ASP C 329 -25.22 15.87 -22.25
CA ASP C 329 -25.35 17.33 -22.30
C ASP C 329 -26.68 17.71 -21.65
N LEU C 330 -26.67 17.74 -20.32
CA LEU C 330 -27.86 18.04 -19.54
C LEU C 330 -28.26 19.51 -19.60
N GLU C 331 -27.32 20.41 -19.90
CA GLU C 331 -27.64 21.82 -20.02
C GLU C 331 -28.74 22.07 -21.04
N GLU C 332 -29.01 21.09 -21.92
CA GLU C 332 -30.02 21.22 -22.95
C GLU C 332 -31.41 20.81 -22.49
N TRP C 333 -31.54 20.17 -21.32
CA TRP C 333 -32.86 19.83 -20.80
C TRP C 333 -33.78 21.04 -20.84
N VAL C 334 -33.32 22.16 -20.27
CA VAL C 334 -33.99 23.45 -20.34
C VAL C 334 -34.61 23.64 -21.72
N THR C 335 -33.76 23.61 -22.75
CA THR C 335 -34.21 23.81 -24.12
C THR C 335 -35.40 22.90 -24.44
N ILE C 336 -35.21 21.58 -24.27
CA ILE C 336 -36.29 20.65 -24.57
C ILE C 336 -37.51 20.98 -23.72
N GLY C 337 -37.29 21.27 -22.44
CA GLY C 337 -38.39 21.70 -21.60
C GLY C 337 -39.15 22.88 -22.18
N ARG C 338 -38.40 23.90 -22.61
CA ARG C 338 -39.02 25.03 -23.30
C ARG C 338 -39.92 24.55 -24.42
N LEU C 339 -39.38 23.67 -25.28
CA LEU C 339 -40.15 23.11 -26.38
C LEU C 339 -41.50 22.62 -25.88
N PHE C 340 -41.50 21.83 -24.80
CA PHE C 340 -42.74 21.35 -24.20
C PHE C 340 -43.74 22.48 -24.07
N SER C 341 -43.39 23.50 -23.28
CA SER C 341 -44.34 24.59 -23.04
C SER C 341 -44.76 25.23 -24.35
N PHE C 342 -43.81 25.37 -25.28
CA PHE C 342 -44.13 25.93 -26.59
C PHE C 342 -45.24 25.13 -27.25
N LEU C 343 -45.10 23.81 -27.27
CA LEU C 343 -46.13 22.93 -27.83
C LEU C 343 -47.50 23.21 -27.21
N TYR C 344 -47.52 23.51 -25.91
CA TYR C 344 -48.79 23.84 -25.27
C TYR C 344 -49.34 25.14 -25.80
N GLN C 345 -48.49 26.16 -25.91
CA GLN C 345 -48.88 27.50 -26.34
C GLN C 345 -49.56 27.51 -27.69
N SER C 346 -48.80 27.23 -28.75
CA SER C 346 -49.20 27.55 -30.11
C SER C 346 -49.52 26.32 -30.97
N SER C 347 -49.20 25.12 -30.53
CA SER C 347 -49.49 23.96 -31.35
C SER C 347 -49.88 22.76 -30.50
N PRO C 348 -50.94 22.87 -29.69
CA PRO C 348 -51.30 21.74 -28.81
C PRO C 348 -51.77 20.53 -29.56
N ASP C 349 -52.12 20.69 -30.85
CA ASP C 349 -52.68 19.60 -31.63
C ASP C 349 -51.77 18.38 -31.64
N GLN C 350 -50.45 18.59 -31.69
CA GLN C 350 -49.52 17.47 -31.84
C GLN C 350 -49.54 16.56 -30.62
N VAL C 351 -49.27 17.13 -29.45
CA VAL C 351 -48.90 16.40 -28.23
C VAL C 351 -49.69 15.12 -28.01
N ILE C 352 -50.95 15.11 -28.46
CA ILE C 352 -51.77 13.91 -28.30
C ILE C 352 -51.23 12.79 -29.19
N ASP C 353 -50.72 13.12 -30.36
CA ASP C 353 -50.21 12.11 -31.28
C ASP C 353 -48.87 11.54 -30.86
N VAL C 354 -48.17 12.20 -29.94
CA VAL C 354 -46.91 11.71 -29.39
C VAL C 354 -47.04 11.39 -27.91
N ALA C 355 -48.27 11.35 -27.39
CA ALA C 355 -48.50 11.11 -25.96
C ALA C 355 -47.80 9.88 -25.39
N PRO C 356 -47.70 8.73 -26.08
CA PRO C 356 -46.92 7.62 -25.51
C PRO C 356 -45.46 7.98 -25.27
N GLU C 357 -44.84 8.70 -26.21
CA GLU C 357 -43.46 9.14 -26.01
C GLU C 357 -43.36 10.09 -24.83
N LEU C 358 -44.28 11.05 -24.72
CA LEU C 358 -44.26 12.00 -23.62
C LEU C 358 -44.43 11.30 -22.28
N LEU C 359 -45.32 10.31 -22.23
CA LEU C 359 -45.52 9.54 -21.01
C LEU C 359 -44.26 8.77 -20.63
N ARG C 360 -43.68 8.06 -21.60
CA ARG C 360 -42.44 7.34 -21.34
C ARG C 360 -41.37 8.27 -20.79
N ILE C 361 -41.12 9.38 -21.48
CA ILE C 361 -40.10 10.33 -21.04
C ILE C 361 -40.40 10.83 -19.63
N CYS C 362 -41.68 11.14 -19.37
CA CYS C 362 -42.05 11.65 -18.04
C CYS C 362 -41.75 10.62 -16.96
N SER C 363 -42.06 9.35 -17.20
CA SER C 363 -41.75 8.32 -16.22
C SER C 363 -40.24 8.16 -16.05
N LEU C 364 -39.47 8.26 -17.14
CA LEU C 364 -38.02 8.13 -17.03
C LEU C 364 -37.43 9.25 -16.19
N ILE C 365 -37.93 10.48 -16.33
CA ILE C 365 -37.26 11.63 -15.75
C ILE C 365 -37.83 12.11 -14.42
N LEU C 366 -39.05 11.69 -14.05
CA LEU C 366 -39.69 12.27 -12.87
C LEU C 366 -38.88 12.03 -11.60
N ALA C 367 -38.25 10.86 -11.48
CA ALA C 367 -37.47 10.54 -10.30
C ALA C 367 -36.23 11.43 -10.19
N ASP C 368 -35.31 11.28 -11.15
CA ASP C 368 -34.05 12.01 -11.21
C ASP C 368 -34.25 13.52 -11.01
N ASN C 369 -33.88 14.04 -9.85
CA ASN C 369 -33.93 15.47 -9.58
C ASN C 369 -32.63 16.18 -9.93
N LYS C 370 -31.78 15.55 -10.74
CA LYS C 370 -30.68 16.19 -11.44
C LYS C 370 -31.11 16.67 -12.83
N ILE C 371 -32.38 16.52 -13.15
CA ILE C 371 -33.05 17.21 -14.26
C ILE C 371 -33.80 18.41 -13.67
N PRO C 372 -33.70 19.59 -14.26
CA PRO C 372 -34.23 20.79 -13.59
C PRO C 372 -35.73 20.67 -13.35
N PRO C 373 -36.23 21.27 -12.26
CA PRO C 373 -37.64 21.05 -11.90
C PRO C 373 -38.62 21.71 -12.85
N ASP C 374 -38.34 22.93 -13.29
CA ASP C 374 -39.26 23.63 -14.18
C ASP C 374 -39.44 22.90 -15.51
N THR C 375 -38.39 22.23 -15.99
CA THR C 375 -38.53 21.39 -17.17
C THR C 375 -39.56 20.30 -16.94
N LYS C 376 -39.45 19.60 -15.80
CA LYS C 376 -40.46 18.61 -15.41
C LYS C 376 -41.84 19.25 -15.32
N ALA C 377 -41.91 20.52 -14.92
CA ALA C 377 -43.20 21.19 -14.82
C ALA C 377 -43.78 21.50 -16.20
N ALA C 378 -42.94 21.76 -17.20
CA ALA C 378 -43.44 21.93 -18.55
C ALA C 378 -43.97 20.62 -19.11
N LEU C 379 -43.19 19.54 -18.98
CA LEU C 379 -43.67 18.24 -19.42
C LEU C 379 -44.98 17.88 -18.72
N LEU C 380 -45.03 18.08 -17.40
CA LEU C 380 -46.27 17.85 -16.65
C LEU C 380 -47.40 18.70 -17.19
N LEU C 381 -47.11 19.95 -17.55
CA LEU C 381 -48.14 20.81 -18.14
C LEU C 381 -48.76 20.16 -19.36
N LEU C 382 -47.91 19.66 -20.27
CA LEU C 382 -48.42 18.96 -21.44
C LEU C 382 -49.29 17.77 -21.03
N LEU C 383 -48.83 16.98 -20.06
CA LEU C 383 -49.60 15.82 -19.64
C LEU C 383 -50.94 16.22 -19.03
N THR C 384 -50.98 17.36 -18.34
CA THR C 384 -52.22 17.84 -17.74
C THR C 384 -53.22 18.22 -18.81
N PHE C 385 -52.78 19.00 -19.81
CA PHE C 385 -53.64 19.31 -20.94
C PHE C 385 -54.18 18.05 -21.59
N LEU C 386 -53.29 17.10 -21.88
CA LEU C 386 -53.71 15.85 -22.55
C LEU C 386 -54.66 15.04 -21.70
N ALA C 387 -54.52 15.11 -20.37
CA ALA C 387 -55.39 14.33 -19.50
C ALA C 387 -56.77 14.97 -19.36
N LYS C 388 -56.85 16.30 -19.40
CA LYS C 388 -58.15 16.95 -19.25
C LYS C 388 -58.93 16.96 -20.56
N GLN C 389 -58.25 17.13 -21.70
CA GLN C 389 -58.97 17.36 -22.95
C GLN C 389 -58.73 16.30 -24.01
N HIS C 390 -57.96 15.25 -23.72
CA HIS C 390 -57.78 14.14 -24.64
C HIS C 390 -57.81 12.82 -23.90
N THR C 391 -58.74 12.68 -22.95
CA THR C 391 -58.76 11.52 -22.07
C THR C 391 -58.88 10.21 -22.86
N ASP C 392 -59.66 10.23 -23.94
CA ASP C 392 -59.91 9.01 -24.70
C ASP C 392 -58.63 8.40 -25.25
N SER C 393 -57.70 9.23 -25.70
CA SER C 393 -56.42 8.76 -26.21
C SER C 393 -55.31 8.81 -25.17
N PHE C 394 -55.38 9.76 -24.24
CA PHE C 394 -54.45 9.77 -23.11
C PHE C 394 -54.50 8.47 -22.34
N GLN C 395 -55.68 7.85 -22.25
CA GLN C 395 -55.77 6.54 -21.61
C GLN C 395 -55.14 5.45 -22.47
N ALA C 396 -55.32 5.55 -23.80
CA ALA C 396 -54.65 4.60 -24.69
C ALA C 396 -53.14 4.68 -24.55
N ALA C 397 -52.61 5.85 -24.24
CA ALA C 397 -51.18 5.96 -23.95
C ALA C 397 -50.86 5.40 -22.56
N LEU C 398 -51.69 5.73 -21.58
CA LEU C 398 -51.46 5.36 -20.18
C LEU C 398 -51.36 3.86 -20.01
N GLY C 399 -52.47 3.14 -20.21
CA GLY C 399 -52.49 1.72 -19.88
C GLY C 399 -51.85 0.87 -20.95
N SER C 400 -51.08 1.50 -21.84
CA SER C 400 -50.31 0.74 -22.81
C SER C 400 -49.04 0.20 -22.16
N LEU C 401 -48.12 1.10 -21.81
CA LEU C 401 -46.81 0.85 -21.23
C LEU C 401 -46.85 0.99 -19.71
N PRO C 402 -46.03 0.15 -19.01
CA PRO C 402 -46.23 -0.15 -17.58
C PRO C 402 -47.25 0.65 -16.78
N VAL C 403 -48.26 -0.04 -16.27
CA VAL C 403 -49.27 0.62 -15.44
C VAL C 403 -48.70 0.97 -14.07
N ASP C 404 -47.73 0.20 -13.57
CA ASP C 404 -47.11 0.54 -12.29
C ASP C 404 -46.29 1.82 -12.41
N LYS C 405 -45.53 1.97 -13.50
CA LYS C 405 -44.89 3.24 -13.78
C LYS C 405 -45.89 4.31 -14.18
N ALA C 406 -47.12 3.90 -14.53
CA ALA C 406 -48.21 4.82 -14.79
C ALA C 406 -48.95 5.21 -13.51
N GLN C 407 -48.63 4.59 -12.38
CA GLN C 407 -49.26 4.94 -11.11
C GLN C 407 -48.45 5.90 -10.27
N GLU C 408 -47.11 5.86 -10.36
CA GLU C 408 -46.36 7.00 -9.84
C GLU C 408 -46.48 8.21 -10.74
N LEU C 409 -47.02 8.04 -11.95
CA LEU C 409 -47.39 9.16 -12.79
C LEU C 409 -48.82 9.63 -12.54
N GLN C 410 -49.67 8.78 -11.97
CA GLN C 410 -50.90 9.26 -11.35
C GLN C 410 -50.68 9.65 -9.89
N ALA C 411 -49.54 9.26 -9.31
CA ALA C 411 -49.10 9.89 -8.07
C ALA C 411 -48.79 11.36 -8.24
N VAL C 412 -48.74 11.84 -9.48
CA VAL C 412 -48.93 13.25 -9.81
C VAL C 412 -50.19 13.35 -10.66
N LEU C 413 -50.66 14.58 -10.86
CA LEU C 413 -51.93 14.82 -11.55
C LEU C 413 -53.08 14.15 -10.80
N TYR D 29 5.58 48.60 -0.78
CA TYR D 29 5.95 47.33 -1.38
C TYR D 29 5.24 46.18 -0.68
N MSE D 30 4.05 45.84 -1.18
CA MSE D 30 3.18 44.82 -0.57
C MSE D 30 2.78 45.12 0.87
O MSE D 30 1.93 44.43 1.44
CB MSE D 30 3.85 43.45 -0.64
CG MSE D 30 3.87 42.84 -2.03
SE MSE D 30 2.14 42.26 -2.81
CE MSE D 30 0.93 42.31 -1.27
N GLU D 31 3.38 46.15 1.47
CA GLU D 31 3.07 46.51 2.85
C GLU D 31 1.75 47.26 2.95
N SER D 32 1.63 48.36 2.19
CA SER D 32 0.42 49.18 2.27
C SER D 32 -0.78 48.46 1.68
N VAL D 33 -0.62 47.86 0.50
CA VAL D 33 -1.63 47.08 -0.21
C VAL D 33 -2.44 46.26 0.78
N PHE D 34 -1.74 45.69 1.78
CA PHE D 34 -2.39 44.86 2.78
C PHE D 34 -3.31 45.67 3.68
N GLU D 35 -2.89 46.85 4.13
CA GLU D 35 -3.75 47.59 5.05
C GLU D 35 -4.81 48.42 4.32
N GLU D 36 -4.54 48.85 3.09
CA GLU D 36 -5.59 49.47 2.28
C GLU D 36 -6.68 48.45 1.93
N VAL D 37 -6.28 47.24 1.53
CA VAL D 37 -7.27 46.20 1.27
C VAL D 37 -7.92 45.77 2.59
N PHE D 38 -7.14 45.76 3.68
CA PHE D 38 -7.67 45.42 5.00
C PHE D 38 -8.80 46.36 5.40
N LYS D 39 -8.66 47.65 5.08
CA LYS D 39 -9.70 48.62 5.38
C LYS D 39 -11.01 48.29 4.68
N LEU D 40 -10.99 47.43 3.66
CA LEU D 40 -12.22 46.98 3.00
C LEU D 40 -12.99 45.95 3.81
N LEU D 41 -12.38 45.34 4.83
CA LEU D 41 -13.09 44.35 5.63
C LEU D 41 -14.12 44.97 6.56
N GLU D 42 -13.99 46.26 6.87
CA GLU D 42 -15.00 47.00 7.63
C GLU D 42 -16.22 47.39 6.77
N CYS D 43 -16.35 46.88 5.54
CA CYS D 43 -17.33 47.39 4.58
C CYS D 43 -18.68 46.73 4.81
N PRO D 44 -19.77 47.49 4.71
CA PRO D 44 -21.09 46.94 4.96
C PRO D 44 -21.67 46.18 3.77
N HIS D 45 -20.83 45.71 2.86
CA HIS D 45 -21.28 44.94 1.71
C HIS D 45 -20.58 43.59 1.70
N LEU D 46 -21.37 42.51 1.64
CA LEU D 46 -20.83 41.17 1.81
C LEU D 46 -19.83 40.83 0.70
N ASN D 47 -20.11 41.23 -0.53
CA ASN D 47 -19.28 40.80 -1.65
C ASN D 47 -17.95 41.54 -1.68
N VAL D 48 -17.90 42.76 -1.13
CA VAL D 48 -16.62 43.47 -1.07
C VAL D 48 -15.71 42.83 -0.03
N ARG D 49 -16.27 42.46 1.12
CA ARG D 49 -15.48 41.75 2.12
C ARG D 49 -15.04 40.37 1.62
N LYS D 50 -15.90 39.71 0.85
CA LYS D 50 -15.54 38.47 0.16
C LYS D 50 -14.33 38.71 -0.73
N ALA D 51 -14.50 39.56 -1.75
CA ALA D 51 -13.42 39.88 -2.67
C ALA D 51 -12.15 40.29 -1.92
N ALA D 52 -12.30 40.92 -0.76
CA ALA D 52 -11.13 41.41 -0.04
C ALA D 52 -10.40 40.25 0.64
N HIS D 53 -11.14 39.39 1.34
CA HIS D 53 -10.53 38.22 1.96
C HIS D 53 -9.80 37.38 0.93
N GLU D 54 -10.48 37.07 -0.18
CA GLU D 54 -9.86 36.26 -1.23
C GLU D 54 -8.65 36.94 -1.84
N ALA D 55 -8.74 38.25 -2.08
CA ALA D 55 -7.60 38.99 -2.62
C ALA D 55 -6.41 38.94 -1.66
N LEU D 56 -6.67 39.05 -0.36
CA LEU D 56 -5.59 38.98 0.62
C LEU D 56 -4.88 37.64 0.57
N GLY D 57 -5.67 36.55 0.61
CA GLY D 57 -5.07 35.23 0.49
C GLY D 57 -4.29 35.06 -0.80
N GLN D 58 -4.83 35.59 -1.90
CA GLN D 58 -4.15 35.49 -3.19
C GLN D 58 -2.82 36.24 -3.17
N PHE D 59 -2.78 37.39 -2.49
CA PHE D 59 -1.52 38.13 -2.37
C PHE D 59 -0.51 37.36 -1.52
N CYS D 60 -0.98 36.70 -0.47
CA CYS D 60 -0.08 35.86 0.33
C CYS D 60 0.52 34.74 -0.52
N CYS D 61 -0.32 34.04 -1.29
CA CYS D 61 0.17 32.95 -2.13
C CYS D 61 1.12 33.47 -3.21
N ALA D 62 0.80 34.62 -3.81
CA ALA D 62 1.69 35.20 -4.82
C ALA D 62 3.04 35.58 -4.21
N LEU D 63 3.02 36.11 -2.99
CA LEU D 63 4.26 36.44 -2.30
C LEU D 63 5.10 35.20 -2.06
N HIS D 64 4.45 34.10 -1.63
CA HIS D 64 5.19 32.86 -1.44
C HIS D 64 5.77 32.34 -2.75
N LYS D 65 4.98 32.39 -3.83
CA LYS D 65 5.49 31.95 -5.12
C LYS D 65 6.66 32.80 -5.58
N ALA D 66 6.65 34.10 -5.24
CA ALA D 66 7.83 34.93 -5.46
C ALA D 66 9.02 34.42 -4.65
N CYS D 67 8.80 34.13 -3.37
CA CYS D 67 9.88 33.61 -2.53
C CYS D 67 10.44 32.30 -3.06
N GLN D 68 9.64 31.53 -3.78
CA GLN D 68 10.08 30.26 -4.36
C GLN D 68 10.91 30.44 -5.63
N SER D 69 11.39 31.65 -5.92
CA SER D 69 12.17 31.90 -7.11
C SER D 69 13.38 32.77 -6.80
N CYS D 70 13.14 33.88 -6.09
CA CYS D 70 14.19 34.81 -5.66
C CYS D 70 14.16 34.89 -4.14
N PRO D 71 14.67 33.85 -3.45
CA PRO D 71 14.47 33.75 -2.00
C PRO D 71 15.13 34.85 -1.19
N SER D 72 15.13 36.07 -1.73
CA SER D 72 15.79 37.21 -1.12
C SER D 72 15.42 37.33 0.35
N GLU D 73 16.45 37.31 1.20
CA GLU D 73 16.43 37.30 2.65
C GLU D 73 15.26 38.09 3.24
N PRO D 74 15.03 39.37 2.85
CA PRO D 74 13.91 40.10 3.43
C PRO D 74 12.54 39.57 3.04
N ASN D 75 12.23 39.50 1.73
CA ASN D 75 10.87 39.22 1.30
C ASN D 75 10.33 37.89 1.81
N THR D 76 11.20 37.00 2.31
CA THR D 76 10.72 35.89 3.13
C THR D 76 10.09 36.43 4.41
N ALA D 77 10.79 37.33 5.09
CA ALA D 77 10.21 37.98 6.27
C ALA D 77 9.02 38.85 5.91
N ALA D 78 8.99 39.39 4.69
CA ALA D 78 7.82 40.14 4.24
C ALA D 78 6.63 39.23 4.05
N LEU D 79 6.84 38.04 3.50
CA LEU D 79 5.79 37.03 3.46
C LEU D 79 5.33 36.67 4.87
N GLN D 80 6.28 36.59 5.81
CA GLN D 80 5.92 36.31 7.20
C GLN D 80 5.05 37.42 7.78
N ALA D 81 5.36 38.68 7.44
CA ALA D 81 4.52 39.78 7.86
C ALA D 81 3.18 39.78 7.15
N ALA D 82 3.10 39.14 5.98
CA ALA D 82 1.82 38.97 5.30
C ALA D 82 0.95 37.96 6.03
N LEU D 83 1.47 36.75 6.23
CA LEU D 83 0.68 35.69 6.86
C LEU D 83 0.34 36.03 8.30
N ALA D 84 1.29 36.62 9.03
CA ALA D 84 1.12 36.94 10.45
C ALA D 84 -0.01 37.94 10.69
N ARG D 85 -0.56 38.54 9.63
CA ARG D 85 -1.69 39.45 9.74
C ARG D 85 -2.91 38.98 8.97
N VAL D 86 -2.71 38.30 7.84
CA VAL D 86 -3.83 37.83 7.05
C VAL D 86 -4.48 36.60 7.70
N VAL D 87 -3.69 35.73 8.30
CA VAL D 87 -4.21 34.49 8.88
C VAL D 87 -5.05 34.79 10.12
N PRO D 88 -4.58 35.57 11.11
CA PRO D 88 -5.45 35.89 12.25
C PRO D 88 -6.71 36.63 11.85
N SER D 89 -6.65 37.45 10.79
CA SER D 89 -7.86 38.07 10.25
C SER D 89 -8.84 37.00 9.80
N TYR D 90 -8.36 36.00 9.04
CA TYR D 90 -9.20 34.88 8.67
C TYR D 90 -9.80 34.19 9.88
N MSE D 91 -9.02 34.04 10.95
CA MSE D 91 -9.47 33.33 12.13
C MSE D 91 -10.63 34.06 12.82
O MSE D 91 -11.73 33.51 12.97
CB MSE D 91 -8.31 33.13 13.10
CG MSE D 91 -7.20 32.25 12.54
SE MSE D 91 -6.10 31.42 13.91
CE MSE D 91 -5.42 33.03 14.74
N GLN D 92 -10.35 35.30 13.23
CA GLN D 92 -11.39 36.13 13.84
C GLN D 92 -12.57 36.34 12.89
N ALA D 93 -12.38 36.13 11.59
CA ALA D 93 -13.49 36.18 10.64
C ALA D 93 -14.33 34.91 10.70
N VAL D 94 -13.69 33.75 10.70
CA VAL D 94 -14.41 32.48 10.82
C VAL D 94 -15.19 32.44 12.12
N ASN D 95 -14.68 33.09 13.17
CA ASN D 95 -15.47 33.21 14.40
C ASN D 95 -16.60 34.23 14.26
N ARG D 96 -16.27 35.49 13.92
CA ARG D 96 -17.20 36.59 14.15
C ARG D 96 -17.95 37.07 12.90
N GLU D 97 -17.44 36.84 11.70
CA GLU D 97 -18.15 37.30 10.51
C GLU D 97 -19.46 36.54 10.35
N ARG D 98 -20.54 37.26 10.10
CA ARG D 98 -21.89 36.70 10.21
C ARG D 98 -22.34 36.01 8.92
N GLU D 99 -22.29 36.71 7.79
CA GLU D 99 -22.70 36.11 6.52
C GLU D 99 -21.81 34.92 6.21
N ARG D 100 -22.40 33.74 6.11
CA ARG D 100 -21.58 32.54 5.89
C ARG D 100 -21.18 32.35 4.44
N GLN D 101 -21.64 33.20 3.51
CA GLN D 101 -21.09 33.20 2.16
C GLN D 101 -19.63 33.67 2.20
N VAL D 102 -19.38 34.77 2.91
CA VAL D 102 -18.01 35.24 3.07
C VAL D 102 -17.25 34.40 4.08
N VAL D 103 -17.94 33.79 5.06
CA VAL D 103 -17.25 32.84 5.93
C VAL D 103 -16.72 31.67 5.12
N MSE D 104 -17.56 31.13 4.23
CA MSE D 104 -17.16 30.14 3.22
C MSE D 104 -15.93 30.60 2.45
O MSE D 104 -14.91 29.90 2.40
CB MSE D 104 -18.34 29.91 2.27
CG MSE D 104 -19.37 28.89 2.77
SE MSE D 104 -21.01 28.87 1.70
CE MSE D 104 -20.34 27.93 0.13
N ALA D 105 -16.04 31.79 1.85
CA ALA D 105 -14.92 32.35 1.09
C ALA D 105 -13.64 32.39 1.92
N VAL D 106 -13.76 32.77 3.19
CA VAL D 106 -12.59 32.85 4.08
C VAL D 106 -12.02 31.46 4.35
N LEU D 107 -12.89 30.45 4.46
CA LEU D 107 -12.40 29.10 4.71
C LEU D 107 -11.65 28.55 3.50
N GLU D 108 -12.17 28.76 2.29
CA GLU D 108 -11.45 28.30 1.11
C GLU D 108 -10.15 29.09 0.92
N ALA D 109 -10.20 30.40 1.12
CA ALA D 109 -8.99 31.21 1.01
C ALA D 109 -7.92 30.76 1.99
N LEU D 110 -8.30 30.58 3.26
CA LEU D 110 -7.36 30.11 4.27
C LEU D 110 -6.82 28.73 3.93
N THR D 111 -7.68 27.85 3.41
CA THR D 111 -7.22 26.53 2.99
C THR D 111 -6.16 26.66 1.89
N GLY D 112 -6.37 27.56 0.93
CA GLY D 112 -5.35 27.79 -0.08
C GLY D 112 -4.05 28.31 0.51
N VAL D 113 -4.15 29.20 1.50
CA VAL D 113 -2.96 29.67 2.21
C VAL D 113 -2.21 28.49 2.83
N LEU D 114 -2.94 27.59 3.49
CA LEU D 114 -2.31 26.41 4.08
C LEU D 114 -1.65 25.54 3.02
N ARG D 115 -2.28 25.42 1.85
CA ARG D 115 -1.72 24.56 0.81
C ARG D 115 -0.46 25.16 0.20
N SER D 116 -0.38 26.49 0.12
CA SER D 116 0.82 27.12 -0.42
C SER D 116 1.92 27.23 0.64
N CYS D 117 1.84 28.25 1.48
CA CYS D 117 2.93 28.53 2.42
C CYS D 117 3.06 27.44 3.48
N GLY D 118 1.94 26.85 3.90
CA GLY D 118 1.95 25.69 4.78
C GLY D 118 2.73 25.82 6.08
N THR D 119 3.96 25.29 6.08
CA THR D 119 4.80 25.33 7.27
C THR D 119 4.93 26.75 7.79
N LEU D 120 5.29 27.68 6.91
CA LEU D 120 5.48 29.08 7.29
C LEU D 120 4.21 29.69 7.87
N THR D 121 3.05 29.09 7.62
CA THR D 121 1.83 29.57 8.25
C THR D 121 1.81 29.27 9.74
N LEU D 122 2.19 28.04 10.11
CA LEU D 122 2.19 27.61 11.50
C LEU D 122 3.41 28.09 12.27
N LYS D 123 4.19 29.01 11.70
CA LYS D 123 5.43 29.44 12.34
C LYS D 123 5.22 30.05 13.73
N PRO D 124 4.41 31.08 13.91
CA PRO D 124 4.30 31.68 15.24
C PRO D 124 3.70 30.71 16.24
N PRO D 125 4.08 30.82 17.50
CA PRO D 125 3.61 29.83 18.50
C PRO D 125 2.11 29.90 18.71
N GLY D 126 1.55 28.76 19.10
CA GLY D 126 0.12 28.64 19.34
C GLY D 126 -0.75 28.61 18.10
N ARG D 127 -0.19 28.88 16.92
CA ARG D 127 -1.00 29.06 15.72
C ARG D 127 -1.80 27.80 15.38
N LEU D 128 -1.11 26.66 15.27
CA LEU D 128 -1.75 25.42 14.88
C LEU D 128 -2.97 25.10 15.76
N ALA D 129 -2.79 25.19 17.08
CA ALA D 129 -3.89 24.95 18.00
C ALA D 129 -5.04 25.92 17.79
N GLU D 130 -4.75 27.13 17.30
CA GLU D 130 -5.81 28.11 17.06
C GLU D 130 -6.57 27.82 15.78
N LEU D 131 -5.87 27.46 14.70
CA LEU D 131 -6.56 27.05 13.47
C LEU D 131 -7.42 25.82 13.73
N CYS D 132 -6.90 24.83 14.47
CA CYS D 132 -7.72 23.71 14.89
C CYS D 132 -8.91 24.17 15.72
N GLY D 133 -8.69 25.11 16.64
CA GLY D 133 -9.78 25.63 17.45
C GLY D 133 -10.89 26.26 16.62
N VAL D 134 -10.54 26.94 15.53
CA VAL D 134 -11.55 27.61 14.73
C VAL D 134 -12.26 26.62 13.79
N LEU D 135 -11.55 25.60 13.29
CA LEU D 135 -12.21 24.58 12.49
C LEU D 135 -13.17 23.75 13.35
N LYS D 136 -12.71 23.34 14.53
CA LYS D 136 -13.61 22.77 15.53
C LYS D 136 -14.80 23.68 15.75
N ALA D 137 -14.55 24.99 15.93
CA ALA D 137 -15.62 25.95 16.14
C ALA D 137 -16.66 25.88 15.03
N VAL D 138 -16.23 25.69 13.79
CA VAL D 138 -17.19 25.54 12.70
C VAL D 138 -17.97 24.25 12.84
N LEU D 139 -17.26 23.13 13.03
CA LEU D 139 -17.92 21.83 13.01
C LEU D 139 -18.96 21.68 14.12
N GLN D 140 -18.78 22.39 15.24
CA GLN D 140 -19.76 22.35 16.32
C GLN D 140 -20.69 23.57 16.31
N ARG D 141 -20.69 24.33 15.21
CA ARG D 141 -21.68 25.37 14.94
C ARG D 141 -21.65 26.51 15.96
N LYS D 142 -20.53 26.70 16.66
CA LYS D 142 -20.37 27.84 17.55
C LYS D 142 -20.07 29.13 16.80
N THR D 143 -19.84 29.06 15.50
CA THR D 143 -19.55 30.24 14.70
C THR D 143 -20.71 31.23 14.75
N ALA D 144 -20.41 32.48 14.40
CA ALA D 144 -21.45 33.47 14.19
C ALA D 144 -22.25 33.11 12.95
N CYS D 145 -22.85 31.93 12.95
CA CYS D 145 -23.54 31.37 11.80
C CYS D 145 -24.63 30.40 12.24
N GLU D 161 -29.32 26.53 2.26
CA GLU D 161 -28.54 25.62 3.07
C GLU D 161 -27.05 25.87 2.87
N TYR D 162 -26.52 26.91 3.53
CA TYR D 162 -25.11 27.24 3.38
C TYR D 162 -24.23 26.34 4.23
N ASP D 163 -24.68 26.00 5.44
CA ASP D 163 -23.91 25.13 6.33
C ASP D 163 -23.52 23.83 5.64
N ALA D 164 -24.30 23.42 4.64
CA ALA D 164 -23.98 22.24 3.83
C ALA D 164 -22.53 22.28 3.34
N MSE D 165 -22.12 23.40 2.75
CA MSE D 165 -20.74 23.54 2.29
C MSE D 165 -19.89 24.30 3.30
O MSE D 165 -18.69 24.44 3.10
CB MSE D 165 -20.67 24.25 0.94
CG MSE D 165 -21.72 23.82 -0.07
SE MSE D 165 -23.28 24.99 0.01
CE MSE D 165 -24.44 23.97 -1.20
N LEU D 166 -20.50 24.81 4.38
CA LEU D 166 -19.69 25.33 5.48
C LEU D 166 -18.89 24.21 6.12
N LEU D 167 -19.55 23.08 6.41
CA LEU D 167 -18.82 21.94 6.94
C LEU D 167 -17.98 21.25 5.88
N GLU D 168 -18.30 21.43 4.59
CA GLU D 168 -17.43 20.93 3.53
C GLU D 168 -16.12 21.72 3.48
N HIS D 169 -16.22 23.05 3.54
CA HIS D 169 -15.02 23.89 3.52
C HIS D 169 -14.18 23.67 4.76
N ALA D 170 -14.80 23.80 5.94
CA ALA D 170 -14.07 23.60 7.19
C ALA D 170 -13.58 22.17 7.36
N GLY D 171 -14.22 21.20 6.72
CA GLY D 171 -13.69 19.85 6.70
C GLY D 171 -12.51 19.73 5.76
N GLU D 172 -12.60 20.39 4.62
CA GLU D 172 -11.53 20.40 3.62
C GLU D 172 -10.29 21.12 4.14
N ALA D 173 -10.44 21.98 5.15
CA ALA D 173 -9.30 22.64 5.76
C ALA D 173 -8.52 21.73 6.69
N ILE D 174 -9.12 20.65 7.16
CA ILE D 174 -8.50 19.78 8.16
C ILE D 174 -7.33 18.98 7.59
N PRO D 175 -7.47 18.28 6.45
CA PRO D 175 -6.30 17.57 5.89
C PRO D 175 -5.24 18.50 5.31
N ALA D 176 -5.61 19.69 4.83
CA ALA D 176 -4.61 20.66 4.41
C ALA D 176 -3.73 21.08 5.59
N LEU D 177 -4.36 21.40 6.72
CA LEU D 177 -3.60 21.71 7.93
C LEU D 177 -2.80 20.49 8.39
N ALA D 178 -3.38 19.30 8.24
CA ALA D 178 -2.66 18.08 8.61
C ALA D 178 -1.37 17.94 7.80
N ALA D 179 -1.46 18.15 6.48
CA ALA D 179 -0.27 18.04 5.64
C ALA D 179 0.73 19.14 5.95
N ALA D 180 0.25 20.37 6.16
CA ALA D 180 1.17 21.46 6.47
C ALA D 180 1.85 21.27 7.82
N ALA D 181 1.21 20.54 8.73
CA ALA D 181 1.75 20.34 10.06
C ALA D 181 2.61 19.07 10.17
N GLY D 182 2.48 18.14 9.23
CA GLY D 182 3.31 16.97 9.15
C GLY D 182 2.69 15.70 9.70
N GLY D 183 1.59 15.80 10.44
CA GLY D 183 0.97 14.61 11.04
C GLY D 183 1.70 14.10 12.26
N ASP D 184 3.02 13.98 12.19
CA ASP D 184 3.84 13.78 13.37
C ASP D 184 3.51 14.83 14.44
N SER D 185 3.26 16.06 14.00
CA SER D 185 2.89 17.16 14.88
C SER D 185 1.40 17.47 14.87
N PHE D 186 0.66 16.95 13.87
CA PHE D 186 -0.79 17.17 13.81
C PHE D 186 -1.57 16.14 14.62
N ALA D 187 -0.96 14.99 14.93
CA ALA D 187 -1.69 13.89 15.56
C ALA D 187 -2.35 14.25 16.88
N PRO D 188 -1.75 15.06 17.78
CA PRO D 188 -2.49 15.43 19.00
C PRO D 188 -3.85 16.06 18.74
N PHE D 189 -3.93 16.99 17.78
CA PHE D 189 -5.16 17.71 17.50
C PHE D 189 -6.16 16.87 16.73
N PHE D 190 -5.69 15.86 16.00
CA PHE D 190 -6.59 14.91 15.35
C PHE D 190 -7.52 14.25 16.35
N ALA D 191 -6.99 13.89 17.53
CA ALA D 191 -7.84 13.32 18.56
C ALA D 191 -8.95 14.28 18.96
N GLY D 192 -8.72 15.59 18.83
CA GLY D 192 -9.75 16.56 19.14
C GLY D 192 -10.74 16.76 18.02
N PHE D 193 -10.31 16.54 16.77
CA PHE D 193 -11.27 16.56 15.67
C PHE D 193 -12.12 15.31 15.61
N LEU D 194 -11.56 14.17 16.03
CA LEU D 194 -12.15 12.85 15.77
C LEU D 194 -13.59 12.71 16.24
N PRO D 195 -13.97 13.13 17.45
CA PRO D 195 -15.37 12.98 17.85
C PRO D 195 -16.33 13.81 17.00
N LEU D 196 -15.86 14.94 16.44
CA LEU D 196 -16.72 15.75 15.59
C LEU D 196 -16.96 15.10 14.23
N LEU D 197 -15.90 14.56 13.62
CA LEU D 197 -16.04 13.87 12.33
C LEU D 197 -16.84 12.58 12.50
N VAL D 198 -16.40 11.71 13.42
CA VAL D 198 -17.10 10.48 13.73
C VAL D 198 -18.54 10.77 14.15
N CYS D 199 -18.79 11.96 14.71
CA CYS D 199 -20.14 12.31 15.14
C CYS D 199 -21.13 12.26 13.97
N LYS D 200 -20.70 12.70 12.79
CA LYS D 200 -21.57 12.77 11.62
C LYS D 200 -21.46 11.54 10.73
N THR D 201 -21.24 10.36 11.33
CA THR D 201 -21.11 9.12 10.58
C THR D 201 -22.15 8.10 11.02
N LYS D 202 -23.13 8.51 11.82
CA LYS D 202 -24.02 7.62 12.53
C LYS D 202 -25.40 7.53 11.88
N GLN D 203 -26.08 6.43 12.16
CA GLN D 203 -27.49 6.23 11.85
C GLN D 203 -28.31 7.46 12.23
N GLY D 204 -28.80 8.18 11.23
CA GLY D 204 -29.57 9.40 11.48
C GLY D 204 -29.12 10.57 10.62
N CYS D 205 -27.82 10.70 10.42
CA CYS D 205 -27.29 11.77 9.58
C CYS D 205 -27.69 11.54 8.13
N THR D 206 -27.41 12.55 7.30
CA THR D 206 -27.73 12.49 5.89
C THR D 206 -26.57 11.88 5.10
N VAL D 207 -26.83 11.62 3.81
CA VAL D 207 -25.78 11.09 2.94
C VAL D 207 -24.64 12.09 2.80
N ALA D 208 -24.99 13.38 2.67
CA ALA D 208 -23.97 14.42 2.57
C ALA D 208 -23.06 14.43 3.79
N GLU D 209 -23.65 14.37 5.00
CA GLU D 209 -22.87 14.45 6.22
C GLU D 209 -21.93 13.26 6.38
N LYS D 210 -22.47 12.05 6.23
CA LYS D 210 -21.62 10.85 6.30
C LYS D 210 -20.51 10.91 5.26
N SER D 211 -20.85 11.37 4.05
CA SER D 211 -19.86 11.50 2.99
C SER D 211 -18.73 12.42 3.41
N PHE D 212 -19.07 13.64 3.85
CA PHE D 212 -18.05 14.58 4.27
C PHE D 212 -17.18 14.01 5.39
N ALA D 213 -17.83 13.41 6.40
CA ALA D 213 -17.09 12.90 7.55
C ALA D 213 -16.10 11.81 7.15
N VAL D 214 -16.57 10.80 6.41
CA VAL D 214 -15.70 9.69 6.06
C VAL D 214 -14.59 10.16 5.11
N GLY D 215 -14.93 11.03 4.15
CA GLY D 215 -13.91 11.54 3.24
C GLY D 215 -12.83 12.30 3.98
N THR D 216 -13.22 13.26 4.83
CA THR D 216 -12.25 13.98 5.64
C THR D 216 -11.42 13.04 6.49
N LEU D 217 -12.05 11.95 6.98
CA LEU D 217 -11.31 10.99 7.79
C LEU D 217 -10.22 10.29 6.99
N ALA D 218 -10.54 9.85 5.76
CA ALA D 218 -9.55 9.18 4.93
C ALA D 218 -8.44 10.13 4.50
N GLU D 219 -8.81 11.32 4.00
CA GLU D 219 -7.81 12.30 3.61
C GLU D 219 -6.87 12.63 4.78
N THR D 220 -7.43 12.78 5.98
CA THR D 220 -6.60 13.07 7.13
C THR D 220 -5.73 11.87 7.49
N ILE D 221 -6.25 10.65 7.31
CA ILE D 221 -5.43 9.45 7.46
C ILE D 221 -4.20 9.55 6.57
N GLN D 222 -4.37 10.03 5.34
CA GLN D 222 -3.21 10.27 4.49
C GLN D 222 -2.39 11.45 5.00
N GLY D 223 -3.06 12.53 5.42
CA GLY D 223 -2.38 13.69 5.99
C GLY D 223 -1.75 13.42 7.35
N LEU D 224 -1.78 12.15 7.76
CA LEU D 224 -1.11 11.70 8.97
C LEU D 224 0.09 10.80 8.69
N GLY D 225 0.04 10.01 7.62
CA GLY D 225 1.13 9.09 7.36
C GLY D 225 1.21 8.04 8.45
N ALA D 226 2.43 7.66 8.81
CA ALA D 226 2.65 6.68 9.86
C ALA D 226 2.02 7.11 11.19
N ALA D 227 1.88 8.42 11.41
CA ALA D 227 1.24 8.93 12.61
C ALA D 227 -0.21 8.49 12.76
N SER D 228 -0.81 7.94 11.70
CA SER D 228 -2.16 7.40 11.82
C SER D 228 -2.20 6.08 12.59
N ALA D 229 -1.05 5.45 12.82
CA ALA D 229 -1.01 4.17 13.52
C ALA D 229 -1.74 4.25 14.85
N GLN D 230 -1.37 5.22 15.69
CA GLN D 230 -1.96 5.38 17.01
C GLN D 230 -3.48 5.57 16.98
N PHE D 231 -4.08 5.68 15.79
CA PHE D 231 -5.51 5.92 15.68
C PHE D 231 -6.28 4.75 15.07
N VAL D 232 -5.60 3.68 14.65
CA VAL D 232 -6.28 2.58 13.95
C VAL D 232 -7.49 2.09 14.75
N SER D 233 -7.27 1.77 16.03
CA SER D 233 -8.36 1.23 16.85
C SER D 233 -9.54 2.19 16.95
N ARG D 234 -9.29 3.49 16.93
CA ARG D 234 -10.39 4.44 16.97
C ARG D 234 -11.05 4.61 15.61
N LEU D 235 -10.30 4.41 14.53
CA LEU D 235 -10.80 4.72 13.20
C LEU D 235 -11.51 3.53 12.56
N LEU D 236 -11.00 2.32 12.76
CA LEU D 236 -11.53 1.13 12.10
C LEU D 236 -13.03 0.93 12.27
N PRO D 237 -13.60 0.98 13.49
CA PRO D 237 -15.05 0.76 13.60
C PRO D 237 -15.85 1.66 12.69
N VAL D 238 -15.63 2.98 12.79
CA VAL D 238 -16.23 3.97 11.91
C VAL D 238 -16.21 3.47 10.47
N LEU D 239 -15.02 3.34 9.91
CA LEU D 239 -14.85 2.81 8.56
C LEU D 239 -15.74 1.58 8.35
N LEU D 240 -15.57 0.56 9.20
CA LEU D 240 -16.40 -0.64 9.12
C LEU D 240 -17.87 -0.27 9.02
N SER D 241 -18.36 0.49 10.02
CA SER D 241 -19.77 0.82 10.08
C SER D 241 -20.24 1.54 8.82
N THR D 242 -19.35 2.31 8.19
CA THR D 242 -19.74 3.10 7.04
C THR D 242 -19.54 2.37 5.71
N ALA D 243 -18.90 1.21 5.71
CA ALA D 243 -18.86 0.41 4.49
C ALA D 243 -20.15 -0.37 4.28
N GLN D 244 -20.98 -0.49 5.32
CA GLN D 244 -22.26 -1.18 5.23
C GLN D 244 -23.41 -0.25 4.94
N GLU D 245 -23.16 1.06 4.86
CA GLU D 245 -24.21 2.00 4.49
C GLU D 245 -24.62 1.79 3.04
N ALA D 246 -25.92 1.89 2.78
CA ALA D 246 -26.47 1.60 1.45
C ALA D 246 -26.17 2.68 0.42
N ASP D 247 -25.72 3.86 0.84
CA ASP D 247 -25.36 4.89 -0.12
C ASP D 247 -24.05 4.50 -0.80
N PRO D 248 -23.96 4.57 -2.13
CA PRO D 248 -22.72 4.14 -2.79
C PRO D 248 -21.56 5.09 -2.58
N GLU D 249 -21.82 6.40 -2.55
CA GLU D 249 -20.75 7.37 -2.34
C GLU D 249 -20.13 7.21 -0.95
N VAL D 250 -20.97 7.08 0.08
CA VAL D 250 -20.48 6.88 1.44
C VAL D 250 -19.69 5.58 1.52
N ARG D 251 -20.28 4.48 1.04
CA ARG D 251 -19.60 3.18 1.04
C ARG D 251 -18.24 3.27 0.36
N SER D 252 -18.19 4.00 -0.75
CA SER D 252 -16.92 4.16 -1.48
C SER D 252 -15.89 4.89 -0.63
N ASN D 253 -16.29 6.01 -0.01
CA ASN D 253 -15.37 6.73 0.86
C ASN D 253 -14.86 5.85 1.99
N ALA D 254 -15.74 5.00 2.54
CA ALA D 254 -15.35 4.10 3.62
C ALA D 254 -14.31 3.09 3.16
N ILE D 255 -14.60 2.39 2.07
CA ILE D 255 -13.67 1.37 1.55
C ILE D 255 -12.32 2.01 1.23
N PHE D 256 -12.35 3.19 0.61
CA PHE D 256 -11.12 3.94 0.41
C PHE D 256 -10.38 4.16 1.71
N GLY D 257 -11.08 4.67 2.73
CA GLY D 257 -10.47 4.87 4.04
C GLY D 257 -9.85 3.61 4.61
N MSE D 258 -10.44 2.45 4.31
CA MSE D 258 -9.84 1.18 4.68
C MSE D 258 -8.51 1.01 3.98
O MSE D 258 -7.50 0.66 4.62
CB MSE D 258 -10.76 0.02 4.33
CG MSE D 258 -12.13 0.10 4.97
SE MSE D 258 -13.10 -1.57 4.73
CE MSE D 258 -14.54 -1.20 5.97
N GLY D 259 -8.50 1.24 2.67
CA GLY D 259 -7.25 1.14 1.92
C GLY D 259 -6.15 2.00 2.50
N VAL D 260 -6.42 3.30 2.69
CA VAL D 260 -5.38 4.21 3.15
C VAL D 260 -4.98 3.90 4.59
N LEU D 261 -5.94 3.51 5.44
CA LEU D 261 -5.61 3.12 6.80
C LEU D 261 -4.76 1.85 6.84
N ALA D 262 -4.87 0.99 5.82
CA ALA D 262 -3.97 -0.14 5.70
C ALA D 262 -2.63 0.25 5.09
N GLU D 263 -2.55 1.38 4.39
CA GLU D 263 -1.29 1.83 3.81
C GLU D 263 -0.42 2.61 4.78
N HIS D 264 -1.03 3.37 5.70
CA HIS D 264 -0.28 4.15 6.67
C HIS D 264 -0.50 3.71 8.11
N GLY D 265 -1.39 2.77 8.38
CA GLY D 265 -1.59 2.32 9.74
C GLY D 265 -0.40 1.61 10.34
N GLY D 266 0.65 1.36 9.55
CA GLY D 266 1.84 0.73 10.08
C GLY D 266 1.55 -0.69 10.52
N HIS D 267 2.05 -1.04 11.70
CA HIS D 267 1.91 -2.39 12.24
C HIS D 267 0.55 -2.60 12.93
N PRO D 268 0.04 -1.64 13.70
CA PRO D 268 -1.29 -1.81 14.32
C PRO D 268 -2.41 -2.18 13.35
N ALA D 269 -2.30 -1.85 12.06
CA ALA D 269 -3.31 -2.22 11.08
C ALA D 269 -3.11 -3.62 10.53
N GLN D 270 -1.85 -4.05 10.36
CA GLN D 270 -1.54 -5.41 9.93
C GLN D 270 -2.34 -6.45 10.71
N GLU D 271 -2.58 -6.18 11.99
CA GLU D 271 -3.45 -7.05 12.79
C GLU D 271 -4.84 -7.17 12.18
N HIS D 272 -5.42 -6.05 11.75
CA HIS D 272 -6.77 -6.02 11.22
C HIS D 272 -6.83 -6.23 9.72
N PHE D 273 -5.70 -6.56 9.08
CA PHE D 273 -5.72 -6.93 7.67
C PHE D 273 -6.66 -8.07 7.32
N PRO D 274 -6.66 -9.23 8.02
CA PRO D 274 -7.54 -10.33 7.58
C PRO D 274 -9.01 -9.99 7.61
N LYS D 275 -9.46 -9.25 8.63
CA LYS D 275 -10.84 -8.76 8.66
C LYS D 275 -11.14 -7.93 7.42
N LEU D 276 -10.31 -6.93 7.15
CA LEU D 276 -10.49 -6.06 5.99
C LEU D 276 -10.62 -6.88 4.71
N LEU D 277 -9.63 -7.74 4.44
CA LEU D 277 -9.70 -8.62 3.28
C LEU D 277 -10.99 -9.44 3.28
N GLY D 278 -11.51 -9.76 4.47
CA GLY D 278 -12.69 -10.59 4.58
C GLY D 278 -14.00 -9.87 4.40
N LEU D 279 -14.02 -8.55 4.58
CA LEU D 279 -15.17 -7.75 4.18
C LEU D 279 -15.09 -7.36 2.71
N LEU D 280 -13.88 -7.31 2.16
CA LEU D 280 -13.67 -6.79 0.81
C LEU D 280 -13.80 -7.85 -0.27
N PHE D 281 -13.28 -9.05 -0.04
CA PHE D 281 -13.43 -10.12 -1.03
C PHE D 281 -14.89 -10.41 -1.36
N PRO D 282 -15.78 -10.70 -0.36
CA PRO D 282 -17.20 -10.90 -0.69
C PRO D 282 -17.84 -9.69 -1.35
N LEU D 283 -17.71 -8.53 -0.70
CA LEU D 283 -18.31 -7.30 -1.19
C LEU D 283 -18.00 -7.10 -2.66
N LEU D 284 -16.72 -7.25 -3.02
CA LEU D 284 -16.36 -7.21 -4.43
C LEU D 284 -17.10 -8.29 -5.21
N ALA D 285 -17.28 -9.47 -4.61
CA ALA D 285 -18.03 -10.50 -5.32
C ALA D 285 -19.52 -10.21 -5.43
N ARG D 286 -20.03 -9.12 -4.82
CA ARG D 286 -21.44 -8.77 -5.03
C ARG D 286 -21.71 -7.28 -5.18
N GLU D 287 -20.71 -6.40 -5.05
CA GLU D 287 -20.97 -4.97 -5.17
C GLU D 287 -21.35 -4.63 -6.61
N ARG D 288 -22.38 -3.79 -6.76
CA ARG D 288 -22.89 -3.45 -8.09
C ARG D 288 -22.57 -2.03 -8.53
N HIS D 289 -22.42 -1.08 -7.61
CA HIS D 289 -22.04 0.27 -8.00
C HIS D 289 -20.60 0.27 -8.52
N ASP D 290 -20.34 1.19 -9.47
CA ASP D 290 -19.05 1.18 -10.16
C ASP D 290 -17.97 1.86 -9.32
N ARG D 291 -18.23 3.07 -8.83
CA ARG D 291 -17.25 3.77 -8.00
C ARG D 291 -16.84 2.91 -6.80
N VAL D 292 -17.80 2.22 -6.19
CA VAL D 292 -17.49 1.37 -5.06
C VAL D 292 -16.63 0.20 -5.47
N ARG D 293 -16.84 -0.35 -6.68
CA ARG D 293 -16.03 -1.47 -7.13
C ARG D 293 -14.60 -1.02 -7.42
N ASP D 294 -14.44 0.14 -8.09
CA ASP D 294 -13.11 0.71 -8.26
C ASP D 294 -12.42 0.90 -6.92
N ASN D 295 -13.12 1.50 -5.95
CA ASN D 295 -12.50 1.77 -4.67
C ASN D 295 -12.19 0.48 -3.91
N ILE D 296 -12.96 -0.59 -4.15
CA ILE D 296 -12.57 -1.90 -3.63
C ILE D 296 -11.26 -2.35 -4.27
N CYS D 297 -11.09 -2.09 -5.57
CA CYS D 297 -9.81 -2.42 -6.20
C CYS D 297 -8.67 -1.63 -5.57
N GLY D 298 -8.90 -0.36 -5.24
CA GLY D 298 -7.86 0.43 -4.58
C GLY D 298 -7.52 -0.12 -3.21
N ALA D 299 -8.54 -0.35 -2.38
CA ALA D 299 -8.29 -0.82 -1.02
C ALA D 299 -7.61 -2.19 -1.02
N LEU D 300 -8.08 -3.10 -1.88
CA LEU D 300 -7.46 -4.42 -1.97
C LEU D 300 -6.02 -4.31 -2.45
N ALA D 301 -5.77 -3.45 -3.45
CA ALA D 301 -4.41 -3.26 -3.93
C ALA D 301 -3.50 -2.72 -2.84
N ARG D 302 -4.02 -1.83 -1.99
CA ARG D 302 -3.20 -1.30 -0.90
C ARG D 302 -2.97 -2.35 0.18
N LEU D 303 -3.98 -3.19 0.46
CA LEU D 303 -3.80 -4.26 1.44
C LEU D 303 -2.74 -5.26 0.99
N LEU D 304 -2.74 -5.61 -0.30
CA LEU D 304 -1.71 -6.51 -0.80
C LEU D 304 -0.32 -5.92 -0.67
N MSE D 305 -0.19 -4.61 -0.79
CA MSE D 305 1.12 -3.94 -0.74
C MSE D 305 1.53 -3.57 0.67
O MSE D 305 2.49 -2.83 0.87
CB MSE D 305 1.10 -2.69 -1.61
CG MSE D 305 0.98 -2.94 -3.11
SE MSE D 305 1.18 -1.30 -4.15
CE MSE D 305 -0.52 -0.47 -3.68
N ALA D 306 0.80 -4.06 1.67
CA ALA D 306 1.04 -3.69 3.05
C ALA D 306 1.34 -4.86 3.97
N SER D 307 0.65 -5.98 3.79
CA SER D 307 0.91 -7.14 4.64
C SER D 307 2.35 -7.61 4.42
N PRO D 308 3.08 -7.92 5.51
CA PRO D 308 4.54 -7.94 5.45
C PRO D 308 5.13 -8.96 4.48
N THR D 309 4.84 -8.83 3.19
CA THR D 309 5.18 -9.86 2.19
C THR D 309 4.81 -11.24 2.75
N ARG D 310 3.69 -11.26 3.47
CA ARG D 310 3.35 -12.35 4.40
C ARG D 310 2.82 -13.57 3.64
N LYS D 311 1.59 -13.48 3.16
CA LYS D 311 1.04 -14.47 2.25
C LYS D 311 0.36 -13.65 1.16
N PRO D 312 0.77 -13.78 -0.09
CA PRO D 312 0.01 -13.17 -1.17
C PRO D 312 -1.07 -14.11 -1.67
N GLU D 313 -2.34 -13.70 -1.52
CA GLU D 313 -3.46 -14.58 -1.74
C GLU D 313 -3.84 -14.59 -3.21
N PRO D 314 -3.72 -15.72 -3.92
CA PRO D 314 -4.00 -15.72 -5.36
C PRO D 314 -5.46 -15.44 -5.69
N GLN D 315 -6.39 -15.81 -4.82
CA GLN D 315 -7.80 -15.51 -5.08
C GLN D 315 -8.07 -14.01 -5.00
N VAL D 316 -7.54 -13.36 -3.95
CA VAL D 316 -7.72 -11.92 -3.79
C VAL D 316 -7.21 -11.18 -5.02
N LEU D 317 -6.01 -11.52 -5.47
CA LEU D 317 -5.46 -10.91 -6.68
C LEU D 317 -6.31 -11.25 -7.90
N ALA D 318 -6.79 -12.49 -7.98
CA ALA D 318 -7.55 -12.93 -9.16
C ALA D 318 -8.85 -12.15 -9.31
N ALA D 319 -9.60 -12.00 -8.22
CA ALA D 319 -10.82 -11.21 -8.26
C ALA D 319 -10.51 -9.73 -8.46
N LEU D 320 -9.42 -9.25 -7.88
CA LEU D 320 -8.96 -7.88 -8.11
C LEU D 320 -8.85 -7.61 -9.60
N LEU D 321 -7.97 -8.35 -10.29
CA LEU D 321 -7.80 -8.16 -11.72
C LEU D 321 -9.09 -8.42 -12.48
N HIS D 322 -9.86 -9.42 -12.05
CA HIS D 322 -11.14 -9.72 -12.71
C HIS D 322 -12.06 -8.50 -12.69
N ALA D 323 -11.98 -7.67 -11.66
CA ALA D 323 -12.80 -6.47 -11.60
C ALA D 323 -12.26 -5.34 -12.46
N LEU D 324 -10.98 -5.38 -12.83
CA LEU D 324 -10.45 -4.39 -13.75
C LEU D 324 -11.04 -4.61 -15.15
N PRO D 325 -11.19 -3.54 -15.95
CA PRO D 325 -10.74 -2.16 -15.72
C PRO D 325 -11.52 -1.41 -14.65
N LEU D 326 -10.96 -0.29 -14.17
CA LEU D 326 -11.71 0.60 -13.30
C LEU D 326 -12.77 1.33 -14.12
N LYS D 327 -14.00 1.37 -13.61
CA LYS D 327 -15.11 1.86 -14.43
C LYS D 327 -15.36 3.35 -14.29
N GLU D 328 -15.21 3.90 -13.09
CA GLU D 328 -15.59 5.30 -12.90
C GLU D 328 -14.55 6.13 -12.18
N ASP D 329 -13.83 5.56 -11.21
CA ASP D 329 -12.87 6.30 -10.39
C ASP D 329 -11.48 6.06 -10.98
N LEU D 330 -11.08 6.94 -11.89
CA LEU D 330 -9.91 6.67 -12.73
C LEU D 330 -8.59 7.02 -12.05
N GLU D 331 -8.61 7.94 -11.09
CA GLU D 331 -7.38 8.28 -10.37
C GLU D 331 -6.75 7.02 -9.76
N GLU D 332 -7.59 6.14 -9.23
CA GLU D 332 -7.11 4.92 -8.59
C GLU D 332 -6.31 4.03 -9.53
N TRP D 333 -6.38 4.26 -10.85
CA TRP D 333 -5.49 3.55 -11.76
C TRP D 333 -4.04 3.65 -11.31
N VAL D 334 -3.62 4.85 -10.90
CA VAL D 334 -2.28 5.02 -10.34
C VAL D 334 -2.02 3.96 -9.28
N THR D 335 -2.92 3.88 -8.28
CA THR D 335 -2.81 2.85 -7.25
C THR D 335 -2.62 1.47 -7.87
N ILE D 336 -3.53 1.11 -8.80
CA ILE D 336 -3.43 -0.20 -9.43
C ILE D 336 -2.09 -0.36 -10.11
N GLY D 337 -1.62 0.69 -10.80
CA GLY D 337 -0.30 0.65 -11.40
C GLY D 337 0.76 0.24 -10.40
N ARG D 338 0.77 0.88 -9.23
CA ARG D 338 1.76 0.56 -8.22
C ARG D 338 1.68 -0.92 -7.84
N LEU D 339 0.46 -1.45 -7.71
CA LEU D 339 0.30 -2.87 -7.42
C LEU D 339 1.08 -3.70 -8.42
N PHE D 340 0.90 -3.41 -9.71
CA PHE D 340 1.67 -4.12 -10.73
C PHE D 340 3.15 -4.10 -10.40
N SER D 341 3.70 -2.90 -10.19
CA SER D 341 5.12 -2.79 -9.82
C SER D 341 5.44 -3.70 -8.65
N PHE D 342 4.65 -3.59 -7.56
CA PHE D 342 4.81 -4.45 -6.41
C PHE D 342 5.03 -5.89 -6.84
N LEU D 343 4.13 -6.40 -7.67
CA LEU D 343 4.22 -7.79 -8.11
C LEU D 343 5.60 -8.07 -8.69
N TYR D 344 5.98 -7.32 -9.73
CA TYR D 344 7.25 -7.58 -10.41
C TYR D 344 8.42 -7.53 -9.45
N GLN D 345 8.34 -6.69 -8.42
CA GLN D 345 9.47 -6.58 -7.51
C GLN D 345 9.40 -7.60 -6.39
N SER D 346 8.19 -7.99 -5.97
CA SER D 346 8.00 -8.72 -4.73
C SER D 346 7.57 -10.16 -4.96
N SER D 347 6.47 -10.38 -5.67
CA SER D 347 5.91 -11.70 -5.87
C SER D 347 6.02 -12.10 -7.34
N PRO D 348 7.22 -12.05 -7.93
CA PRO D 348 7.31 -12.07 -9.39
C PRO D 348 7.22 -13.45 -10.01
N ASP D 349 6.47 -14.34 -9.39
CA ASP D 349 6.32 -15.68 -9.94
C ASP D 349 4.86 -16.13 -9.95
N GLN D 350 4.07 -15.69 -8.97
CA GLN D 350 2.63 -15.91 -8.95
C GLN D 350 1.92 -14.98 -9.91
N VAL D 351 2.67 -14.39 -10.83
CA VAL D 351 2.16 -13.45 -11.83
C VAL D 351 1.94 -14.15 -13.17
N ILE D 352 1.73 -15.47 -13.14
CA ILE D 352 1.50 -16.24 -14.36
C ILE D 352 0.08 -16.81 -14.37
N ASP D 353 -0.44 -17.14 -13.19
CA ASP D 353 -1.85 -17.52 -13.13
C ASP D 353 -2.73 -16.37 -13.60
N VAL D 354 -2.32 -15.13 -13.31
CA VAL D 354 -3.09 -13.94 -13.63
C VAL D 354 -2.68 -13.45 -15.01
N ALA D 355 -1.84 -14.20 -15.70
CA ALA D 355 -1.36 -13.77 -17.01
C ALA D 355 -2.47 -13.56 -18.03
N PRO D 356 -3.52 -14.38 -18.11
CA PRO D 356 -4.66 -14.00 -18.98
C PRO D 356 -5.33 -12.72 -18.55
N GLU D 357 -5.63 -12.58 -17.25
CA GLU D 357 -6.21 -11.35 -16.74
C GLU D 357 -5.39 -10.14 -17.14
N LEU D 358 -4.10 -10.15 -16.78
CA LEU D 358 -3.19 -9.08 -17.19
C LEU D 358 -3.21 -8.85 -18.69
N LEU D 359 -3.44 -9.90 -19.48
CA LEU D 359 -3.47 -9.74 -20.93
C LEU D 359 -4.79 -9.18 -21.41
N ARG D 360 -5.89 -9.44 -20.71
CA ARG D 360 -7.13 -8.73 -21.00
C ARG D 360 -7.00 -7.25 -20.64
N ILE D 361 -6.71 -6.98 -19.37
CA ILE D 361 -6.61 -5.61 -18.86
C ILE D 361 -5.63 -4.79 -19.68
N CYS D 362 -4.54 -5.40 -20.15
CA CYS D 362 -3.61 -4.68 -21.01
C CYS D 362 -4.30 -4.27 -22.31
N SER D 363 -4.91 -5.24 -23.01
CA SER D 363 -5.48 -4.98 -24.33
C SER D 363 -6.41 -3.77 -24.31
N LEU D 364 -7.29 -3.71 -23.32
CA LEU D 364 -8.32 -2.67 -23.28
C LEU D 364 -7.74 -1.28 -23.03
N ILE D 365 -6.54 -1.17 -22.45
CA ILE D 365 -6.13 0.14 -21.91
C ILE D 365 -5.07 0.85 -22.74
N LEU D 366 -4.56 0.24 -23.82
CA LEU D 366 -3.52 0.88 -24.62
C LEU D 366 -3.96 2.23 -25.17
N ALA D 367 -4.84 2.22 -26.18
CA ALA D 367 -5.30 3.46 -26.78
C ALA D 367 -6.15 4.30 -25.83
N ASP D 368 -6.60 3.73 -24.72
CA ASP D 368 -7.31 4.48 -23.70
C ASP D 368 -6.39 5.56 -23.13
N ASN D 369 -6.46 6.77 -23.67
CA ASN D 369 -5.59 7.84 -23.22
C ASN D 369 -6.11 8.49 -21.94
N LYS D 370 -6.87 7.74 -21.16
CA LYS D 370 -7.25 8.16 -19.82
C LYS D 370 -6.53 7.37 -18.73
N ILE D 371 -6.00 6.20 -19.05
CA ILE D 371 -5.09 5.51 -18.14
C ILE D 371 -3.78 6.28 -18.08
N PRO D 372 -3.23 6.56 -16.90
CA PRO D 372 -1.93 7.24 -16.84
C PRO D 372 -0.86 6.40 -17.52
N PRO D 373 0.08 7.03 -18.23
CA PRO D 373 1.07 6.26 -18.99
C PRO D 373 1.98 5.41 -18.13
N ASP D 374 2.30 5.86 -16.92
CA ASP D 374 3.16 5.05 -16.04
C ASP D 374 2.45 3.77 -15.58
N THR D 375 1.12 3.83 -15.40
CA THR D 375 0.39 2.59 -15.15
C THR D 375 0.52 1.63 -16.33
N LYS D 376 0.39 2.16 -17.55
CA LYS D 376 0.55 1.35 -18.75
C LYS D 376 1.93 0.71 -18.79
N ALA D 377 2.98 1.49 -18.51
CA ALA D 377 4.34 0.96 -18.52
C ALA D 377 4.59 -0.03 -17.38
N ALA D 378 3.84 0.08 -16.28
CA ALA D 378 3.94 -0.92 -15.23
C ALA D 378 3.36 -2.26 -15.68
N LEU D 379 2.13 -2.23 -16.21
CA LEU D 379 1.54 -3.44 -16.76
C LEU D 379 2.43 -4.03 -17.86
N LEU D 380 2.99 -3.17 -18.70
CA LEU D 380 3.89 -3.63 -19.76
C LEU D 380 5.14 -4.25 -19.17
N LEU D 381 5.62 -3.72 -18.04
CA LEU D 381 6.76 -4.33 -17.36
C LEU D 381 6.44 -5.76 -16.93
N LEU D 382 5.29 -5.94 -16.27
CA LEU D 382 4.87 -7.29 -15.91
C LEU D 382 4.80 -8.19 -17.14
N LEU D 383 4.26 -7.66 -18.25
CA LEU D 383 4.11 -8.46 -19.46
C LEU D 383 5.46 -8.91 -20.00
N THR D 384 6.36 -7.95 -20.28
CA THR D 384 7.67 -8.31 -20.82
C THR D 384 8.39 -9.29 -19.90
N PHE D 385 8.25 -9.12 -18.58
CA PHE D 385 8.80 -10.10 -17.67
C PHE D 385 8.24 -11.48 -17.95
N LEU D 386 6.92 -11.58 -18.14
CA LEU D 386 6.30 -12.87 -18.41
C LEU D 386 6.81 -13.47 -19.71
N ALA D 387 6.75 -12.70 -20.80
CA ALA D 387 7.17 -13.19 -22.11
C ALA D 387 8.67 -13.44 -22.18
N LYS D 388 9.44 -13.03 -21.17
CA LYS D 388 10.87 -13.32 -21.18
C LYS D 388 11.17 -14.67 -20.52
N GLN D 389 10.58 -14.95 -19.36
CA GLN D 389 10.82 -16.21 -18.67
C GLN D 389 9.86 -17.29 -19.13
N HIS D 390 8.62 -17.23 -18.63
CA HIS D 390 7.62 -18.26 -18.92
C HIS D 390 6.93 -17.95 -20.25
N THR D 391 7.69 -18.13 -21.33
CA THR D 391 7.15 -17.94 -22.66
C THR D 391 6.04 -18.95 -22.96
N ASP D 392 6.05 -20.10 -22.29
CA ASP D 392 5.03 -21.13 -22.44
C ASP D 392 3.66 -20.59 -22.06
N SER D 393 3.48 -20.28 -20.77
CA SER D 393 2.20 -19.79 -20.28
C SER D 393 1.82 -18.47 -20.91
N PHE D 394 2.79 -17.72 -21.43
CA PHE D 394 2.46 -16.50 -22.17
C PHE D 394 1.91 -16.82 -23.55
N GLN D 395 2.37 -17.93 -24.14
CA GLN D 395 1.77 -18.40 -25.40
C GLN D 395 0.35 -18.89 -25.16
N ALA D 396 0.17 -19.79 -24.19
CA ALA D 396 -1.17 -20.27 -23.87
C ALA D 396 -2.07 -19.14 -23.39
N ALA D 397 -1.48 -18.05 -22.87
CA ALA D 397 -2.27 -16.93 -22.39
C ALA D 397 -2.67 -16.00 -23.53
N LEU D 398 -1.78 -15.80 -24.50
CA LEU D 398 -2.17 -15.09 -25.72
C LEU D 398 -3.10 -15.92 -26.59
N GLY D 399 -3.18 -17.23 -26.35
CA GLY D 399 -4.13 -18.06 -27.04
C GLY D 399 -5.51 -17.99 -26.41
N SER D 400 -5.79 -16.89 -25.72
CA SER D 400 -7.13 -16.63 -25.19
C SER D 400 -7.62 -15.24 -25.51
N LEU D 401 -6.84 -14.42 -26.19
CA LEU D 401 -7.37 -13.17 -26.70
C LEU D 401 -7.98 -13.37 -28.09
N PRO D 402 -8.96 -12.55 -28.45
CA PRO D 402 -9.23 -12.36 -29.87
C PRO D 402 -7.92 -12.06 -30.58
N VAL D 403 -7.39 -13.06 -31.30
CA VAL D 403 -6.01 -13.02 -31.77
C VAL D 403 -5.83 -11.94 -32.83
N ASP D 404 -6.81 -11.05 -32.95
CA ASP D 404 -6.60 -9.79 -33.65
C ASP D 404 -5.83 -8.81 -32.77
N LYS D 405 -6.13 -8.80 -31.46
CA LYS D 405 -5.45 -7.90 -30.54
C LYS D 405 -4.13 -8.48 -30.05
N ALA D 406 -4.08 -9.80 -29.84
CA ALA D 406 -2.83 -10.46 -29.50
C ALA D 406 -1.73 -10.11 -30.48
N GLN D 407 -2.09 -9.91 -31.75
CA GLN D 407 -1.16 -9.32 -32.70
C GLN D 407 -0.75 -7.91 -32.28
N GLU D 408 -1.71 -7.11 -31.82
CA GLU D 408 -1.42 -5.71 -31.50
C GLU D 408 -0.43 -5.60 -30.36
N LEU D 409 -0.73 -6.21 -29.21
CA LEU D 409 0.19 -6.08 -28.09
C LEU D 409 1.41 -7.00 -28.23
N GLN D 410 1.32 -8.05 -29.03
CA GLN D 410 2.53 -8.77 -29.43
C GLN D 410 3.50 -7.84 -30.15
N ALA D 411 2.98 -6.99 -31.05
CA ALA D 411 3.75 -5.95 -31.70
C ALA D 411 4.08 -4.77 -30.79
N VAL D 412 3.38 -4.63 -29.64
CA VAL D 412 3.76 -3.62 -28.67
C VAL D 412 4.95 -4.08 -27.84
N LEU D 413 5.02 -5.38 -27.52
CA LEU D 413 6.16 -5.93 -26.80
C LEU D 413 7.26 -6.31 -27.78
#